data_6M12
#
_entry.id   6M12
#
_cell.length_a   58.710
_cell.length_b   110.380
_cell.length_c   262.590
_cell.angle_alpha   90.000
_cell.angle_beta   90.000
_cell.angle_gamma   90.000
#
_symmetry.space_group_name_H-M   'P 21 21 21'
#
loop_
_entity.id
_entity.type
_entity.pdbx_description
1 polymer 'Ribonuclease L'
2 non-polymer 5-[(E)-(5-CHLORO-2-OXO-1,2-DIHYDRO-3H-INDOL-3-YLIDENE)METHYL]-N-[2-(DIETHYLAMINO)ETHYL]-2,4-DIMETHYL-1H-PYRROLE-3-CARBOXAMIDE
3 non-polymer '[[(2R,3R,4R,5R)-5-(6-aminopurin-9-yl)-4-[[(2R,3R,4R,5R)-5-(6-aminopurin-9-yl)-4-[[(2R,3S,4R,5R)-5-(6-aminopurin-9-yl)-3,4-dihydroxy-oxolan-2-yl]methoxy-hydroxy-phosphoryl]oxy-3-hydroxy-oxolan-2-yl]methoxy-hydroxy-phosphoryl]oxy-3-hydroxy-oxolan-2-yl]methoxy-hydroxy-phosphoryl] phosphono hydrogen phosphate'
4 non-polymer 'PHOSPHATE ION'
#
_entity_poly.entity_id   1
_entity_poly.type   'polypeptide(L)'
_entity_poly.pdbx_seq_one_letter_code
;GAMDPASLEEMLTQAVQEADIEQVRQLLERGADANFQEEEWGWSPLHSAVQMDSEDLVALLLKHGADPCLRKRNGATPFI
IAGITGNVRLLQLLLPNVEDVNECDVNGFTAFMEAAVYGRVEALRFLYENGADVNMHRKTKQDQERIRKGGATALMDAAE
KGHVGVVTILLHAMKAEVDARDNMGRNALVYALLNPDDGKAKAITRLLLDHGADVNVRGEGSKTPLILAVERKNLDLVQM
LLEQEQIEVNDTDREGKTALLLAVELRLEEIAKLLCHRGASTNCGDLVAIARRNYDSDLVKFLRLHKAGEDFRPPAENWK
PQSSRWGEALKHLHRIWRPMIGKLKIFIDEEYKIADTAEGGIYLGLYEDQEVAVKRFSEGSTRGQQEVSCLQSSRANDNV
VTFYGSESDGSCLHVCLALCEYTLQEHLANHRGDAVPNEEDESARNILSSLFKAIGELHRSGYSHQDLQPQNILIDSKNG
TFLADFDKSIKWAEDPQKIKRDLEALGLLVLYVVKKGDISFETLKNQSFEEVIQGSPDEETRDLIHHLFHPGDNVEDRLS
SLLAHPFFWSWESRYRTLRDVGNESDIKTRNQNSRILQLLQPGTSELSTSFAQWTTKIDSFVMEEMNAYYKKISKKKKAK
HTNEGNLYQDTLGDLLKFIRNLGEHINEQKNKKMKSIIGEPSQYFQEKFPDLVMYVYTKLQNTEYMKHFPKTHNPNK
;
_entity_poly.pdbx_strand_id   a,b
#
loop_
_chem_comp.id
_chem_comp.type
_chem_comp.name
_chem_comp.formula
25L non-polymer '[[(2R,3R,4R,5R)-5-(6-aminopurin-9-yl)-4-[[(2R,3R,4R,5R)-5-(6-aminopurin-9-yl)-4-[[(2R,3S,4R,5R)-5-(6-aminopurin-9-yl)-3,4-dihydroxy-oxolan-2-yl]methoxy-hydroxy-phosphoryl]oxy-3-hydroxy-oxolan-2-yl]methoxy-hydroxy-phosphoryl]oxy-3-hydroxy-oxolan-2-yl]methoxy-hydroxy-phosphoryl] phosphono hydrogen phosphate' 'C30 H40 N15 O25 P5'
J60 non-polymer 5-[(E)-(5-CHLORO-2-OXO-1,2-DIHYDRO-3H-INDOL-3-YLIDENE)METHYL]-N-[2-(DIETHYLAMINO)ETHYL]-2,4-DIMETHYL-1H-PYRROLE-3-CARBOXAMIDE 'C22 H27 Cl N4 O2'
PO4 non-polymer 'PHOSPHATE ION' 'O4 P -3'
#
# COMPACT_ATOMS: atom_id res chain seq x y z
N SER A 7 -2.66 -46.89 -3.70
CA SER A 7 -2.00 -47.44 -4.91
C SER A 7 -2.98 -48.15 -5.82
N LEU A 8 -4.02 -48.74 -5.23
CA LEU A 8 -5.05 -49.42 -6.02
C LEU A 8 -6.07 -48.42 -6.58
N GLU A 9 -6.70 -47.67 -5.68
CA GLU A 9 -7.62 -46.58 -6.05
C GLU A 9 -6.92 -45.49 -6.87
N GLU A 10 -5.65 -45.27 -6.55
CA GLU A 10 -4.80 -44.36 -7.31
C GLU A 10 -4.63 -44.85 -8.76
N MET A 11 -4.44 -46.17 -8.94
CA MET A 11 -4.36 -46.77 -10.26
C MET A 11 -5.69 -46.73 -11.01
N LEU A 12 -6.79 -46.92 -10.28
CA LEU A 12 -8.13 -46.71 -10.82
C LEU A 12 -8.31 -45.29 -11.36
N THR A 13 -8.26 -44.32 -10.47
CA THR A 13 -8.28 -42.92 -10.83
C THR A 13 -7.41 -42.64 -12.06
N GLN A 14 -6.11 -42.94 -11.95
CA GLN A 14 -5.19 -42.84 -13.10
C GLN A 14 -5.74 -43.45 -14.39
N ALA A 15 -6.28 -44.67 -14.27
CA ALA A 15 -6.76 -45.43 -15.42
C ALA A 15 -7.90 -44.71 -16.11
N VAL A 16 -8.82 -44.15 -15.31
CA VAL A 16 -9.97 -43.39 -15.82
C VAL A 16 -9.53 -42.15 -16.59
N GLN A 17 -8.42 -41.55 -16.17
CA GLN A 17 -7.87 -40.38 -16.86
C GLN A 17 -7.46 -40.78 -18.27
N GLU A 18 -6.71 -41.88 -18.37
CA GLU A 18 -6.29 -42.43 -19.67
C GLU A 18 -7.45 -43.07 -20.44
N ALA A 19 -8.56 -43.35 -19.73
CA ALA A 19 -9.83 -43.82 -20.32
C ALA A 19 -9.69 -45.24 -20.91
N ASP A 20 -8.75 -45.98 -20.34
CA ASP A 20 -8.51 -47.40 -20.59
C ASP A 20 -9.56 -48.20 -19.83
N ILE A 21 -10.61 -48.63 -20.52
CA ILE A 21 -11.81 -49.21 -19.88
C ILE A 21 -11.53 -50.59 -19.30
N GLU A 22 -10.60 -51.33 -19.92
CA GLU A 22 -10.26 -52.69 -19.51
C GLU A 22 -9.73 -52.68 -18.07
N GLN A 23 -8.73 -51.83 -17.85
CA GLN A 23 -8.06 -51.69 -16.58
C GLN A 23 -9.00 -51.16 -15.47
N VAL A 24 -10.03 -50.41 -15.87
CA VAL A 24 -11.06 -49.97 -14.94
C VAL A 24 -11.87 -51.18 -14.48
N ARG A 25 -12.48 -51.87 -15.43
CA ARG A 25 -13.18 -53.15 -15.17
C ARG A 25 -12.37 -54.06 -14.21
N GLN A 26 -11.14 -54.36 -14.63
CA GLN A 26 -10.17 -55.20 -13.85
C GLN A 26 -10.12 -54.79 -12.37
N LEU A 27 -10.12 -53.48 -12.14
CA LEU A 27 -9.91 -52.93 -10.83
C LEU A 27 -11.19 -52.82 -10.01
N LEU A 28 -12.34 -52.78 -10.67
CA LEU A 28 -13.60 -52.70 -9.94
C LEU A 28 -13.93 -54.05 -9.30
N GLU A 29 -13.61 -55.09 -10.06
CA GLU A 29 -13.73 -56.47 -9.63
C GLU A 29 -12.57 -56.89 -8.74
N ARG A 30 -11.36 -56.38 -8.99
CA ARG A 30 -10.23 -56.53 -8.05
C ARG A 30 -10.45 -55.75 -6.73
N GLY A 31 -11.58 -55.04 -6.64
CA GLY A 31 -12.12 -54.52 -5.38
C GLY A 31 -12.09 -53.02 -5.22
N ALA A 32 -11.52 -52.28 -6.18
CA ALA A 32 -11.27 -50.81 -6.05
C ALA A 32 -12.55 -50.03 -5.84
N ASP A 33 -12.52 -49.01 -4.96
CA ASP A 33 -13.72 -48.25 -4.61
C ASP A 33 -13.97 -47.11 -5.60
N ALA A 34 -15.22 -47.01 -6.09
CA ALA A 34 -15.60 -46.00 -7.08
C ALA A 34 -16.17 -44.74 -6.42
N ASN A 35 -16.38 -44.80 -5.11
CA ASN A 35 -16.69 -43.63 -4.30
C ASN A 35 -15.45 -43.04 -3.61
N PHE A 36 -14.27 -43.48 -4.00
CA PHE A 36 -13.04 -42.87 -3.52
C PHE A 36 -12.90 -41.43 -3.98
N GLN A 37 -12.84 -40.48 -3.05
CA GLN A 37 -12.61 -39.07 -3.41
C GLN A 37 -11.17 -38.66 -3.10
N GLU A 38 -10.44 -38.16 -4.09
CA GLU A 38 -9.12 -37.54 -3.85
C GLU A 38 -9.25 -36.33 -2.92
N GLU A 39 -8.33 -36.22 -1.97
CA GLU A 39 -8.50 -35.36 -0.78
C GLU A 39 -8.43 -33.85 -1.05
N GLU A 40 -7.68 -33.46 -2.09
CA GLU A 40 -7.48 -32.04 -2.41
C GLU A 40 -8.80 -31.34 -2.78
N TRP A 41 -9.51 -31.88 -3.79
CA TRP A 41 -10.70 -31.27 -4.36
C TRP A 41 -11.98 -32.14 -4.41
N GLY A 42 -11.88 -33.39 -3.93
CA GLY A 42 -13.03 -34.29 -3.82
C GLY A 42 -13.50 -34.99 -5.09
N TRP A 43 -12.66 -35.00 -6.11
CA TRP A 43 -13.03 -35.59 -7.41
C TRP A 43 -13.08 -37.15 -7.28
N SER A 44 -14.22 -37.72 -7.65
CA SER A 44 -14.40 -39.17 -7.77
C SER A 44 -14.14 -39.64 -9.20
N PRO A 45 -13.90 -40.94 -9.37
CA PRO A 45 -13.81 -41.43 -10.73
C PRO A 45 -15.08 -41.20 -11.51
N LEU A 46 -16.23 -41.26 -10.84
CA LEU A 46 -17.51 -40.97 -11.46
C LEU A 46 -17.61 -39.51 -11.94
N HIS A 47 -17.28 -38.57 -11.04
CA HIS A 47 -17.12 -37.15 -11.41
C HIS A 47 -16.21 -36.97 -12.61
N SER A 48 -15.06 -37.61 -12.58
CA SER A 48 -14.01 -37.47 -13.61
C SER A 48 -14.44 -38.03 -14.95
N ALA A 49 -15.17 -39.15 -14.89
CA ALA A 49 -15.72 -39.79 -16.07
C ALA A 49 -16.63 -38.86 -16.84
N VAL A 50 -17.65 -38.36 -16.15
CA VAL A 50 -18.64 -37.42 -16.72
C VAL A 50 -17.94 -36.20 -17.36
N GLN A 51 -17.00 -35.61 -16.61
CA GLN A 51 -16.27 -34.43 -17.07
C GLN A 51 -15.59 -34.60 -18.43
N MET A 52 -15.05 -35.79 -18.68
CA MET A 52 -14.32 -36.10 -19.92
C MET A 52 -15.22 -36.72 -20.99
N ASP A 53 -16.49 -36.91 -20.66
CA ASP A 53 -17.51 -37.44 -21.57
C ASP A 53 -17.12 -38.78 -22.21
N SER A 54 -17.19 -39.81 -21.38
CA SER A 54 -17.04 -41.19 -21.81
C SER A 54 -18.21 -41.97 -21.24
N GLU A 55 -19.22 -42.17 -22.07
CA GLU A 55 -20.46 -42.87 -21.69
C GLU A 55 -20.15 -44.28 -21.19
N ASP A 56 -19.18 -44.91 -21.85
CA ASP A 56 -18.73 -46.26 -21.52
C ASP A 56 -18.27 -46.37 -20.06
N LEU A 57 -17.50 -45.37 -19.60
CA LEU A 57 -16.98 -45.34 -18.23
C LEU A 57 -18.01 -44.99 -17.14
N VAL A 58 -19.00 -44.18 -17.49
CA VAL A 58 -20.07 -43.81 -16.54
C VAL A 58 -20.98 -45.01 -16.32
N ALA A 59 -21.18 -45.75 -17.41
CA ALA A 59 -21.94 -47.00 -17.38
C ALA A 59 -21.23 -48.00 -16.49
N LEU A 60 -19.98 -48.31 -16.81
CA LEU A 60 -19.20 -49.27 -16.06
C LEU A 60 -19.18 -48.97 -14.56
N LEU A 61 -18.98 -47.69 -14.21
CA LEU A 61 -18.88 -47.30 -12.80
C LEU A 61 -20.22 -47.31 -12.07
N LEU A 62 -21.29 -46.93 -12.77
CA LEU A 62 -22.65 -47.00 -12.21
C LEU A 62 -23.12 -48.43 -11.97
N LYS A 63 -22.61 -49.36 -12.79
CA LYS A 63 -22.78 -50.79 -12.56
C LYS A 63 -22.24 -51.23 -11.18
N HIS A 64 -21.21 -50.56 -10.69
CA HIS A 64 -20.51 -50.99 -9.48
C HIS A 64 -20.86 -50.11 -8.26
N GLY A 65 -22.10 -49.62 -8.22
CA GLY A 65 -22.65 -48.93 -7.04
C GLY A 65 -22.16 -47.51 -6.78
N ALA A 66 -21.50 -46.89 -7.77
CA ALA A 66 -20.93 -45.55 -7.60
C ALA A 66 -22.02 -44.49 -7.47
N ASP A 67 -21.99 -43.75 -6.38
CA ASP A 67 -23.08 -42.82 -6.04
C ASP A 67 -23.02 -41.62 -6.98
N PRO A 68 -24.13 -41.32 -7.67
CA PRO A 68 -24.21 -40.16 -8.55
C PRO A 68 -24.66 -38.87 -7.86
N CYS A 69 -24.91 -38.94 -6.55
CA CYS A 69 -25.14 -37.75 -5.70
C CYS A 69 -23.95 -37.48 -4.75
N LEU A 70 -22.78 -38.04 -5.08
CA LEU A 70 -21.56 -37.88 -4.32
C LEU A 70 -20.96 -36.48 -4.56
N ARG A 71 -20.82 -35.70 -3.49
CA ARG A 71 -20.32 -34.32 -3.57
C ARG A 71 -18.81 -34.21 -3.51
N LYS A 72 -18.24 -33.40 -4.41
CA LYS A 72 -16.82 -33.02 -4.36
C LYS A 72 -16.70 -31.70 -3.57
N ARG A 73 -15.52 -31.09 -3.48
CA ARG A 73 -15.29 -29.99 -2.54
C ARG A 73 -16.31 -28.85 -2.64
N ASN A 74 -16.63 -28.42 -3.85
CA ASN A 74 -17.65 -27.36 -4.05
C ASN A 74 -19.10 -27.84 -3.95
N GLY A 75 -19.33 -29.10 -3.58
CA GLY A 75 -20.67 -29.67 -3.46
C GLY A 75 -21.26 -30.23 -4.75
N ALA A 76 -20.53 -30.20 -5.86
CA ALA A 76 -21.03 -30.67 -7.12
C ALA A 76 -21.07 -32.22 -7.23
N THR A 77 -22.18 -32.73 -7.76
CA THR A 77 -22.43 -34.14 -7.98
C THR A 77 -22.19 -34.43 -9.45
N PRO A 78 -21.79 -35.65 -9.81
CA PRO A 78 -21.52 -35.92 -11.25
C PRO A 78 -22.72 -35.60 -12.13
N PHE A 79 -23.92 -35.72 -11.59
CA PHE A 79 -25.11 -35.20 -12.24
C PHE A 79 -24.93 -33.74 -12.67
N ILE A 80 -24.72 -32.83 -11.71
CA ILE A 80 -24.52 -31.38 -12.00
C ILE A 80 -23.45 -31.17 -13.06
N ILE A 81 -22.34 -31.88 -12.91
CA ILE A 81 -21.27 -31.86 -13.91
C ILE A 81 -21.71 -32.35 -15.30
N ALA A 82 -22.71 -33.22 -15.36
CA ALA A 82 -23.25 -33.66 -16.66
C ALA A 82 -23.86 -32.52 -17.45
N GLY A 83 -24.59 -31.66 -16.76
CA GLY A 83 -25.06 -30.37 -17.31
C GLY A 83 -24.01 -29.52 -18.01
N ILE A 84 -22.80 -29.52 -17.47
CA ILE A 84 -21.66 -28.84 -18.07
C ILE A 84 -21.23 -29.57 -19.33
N THR A 85 -21.00 -30.87 -19.19
CA THR A 85 -20.63 -31.72 -20.33
C THR A 85 -21.64 -31.65 -21.46
N GLY A 86 -22.92 -31.55 -21.09
CA GLY A 86 -24.00 -31.34 -22.04
C GLY A 86 -24.28 -32.52 -22.97
N ASN A 87 -24.00 -33.73 -22.47
CA ASN A 87 -24.32 -34.97 -23.19
C ASN A 87 -25.53 -35.58 -22.49
N VAL A 88 -26.56 -35.85 -23.30
CA VAL A 88 -27.88 -36.13 -22.79
C VAL A 88 -27.96 -37.57 -22.25
N ARG A 89 -27.18 -38.47 -22.86
CA ARG A 89 -27.19 -39.86 -22.47
C ARG A 89 -26.45 -40.15 -21.15
N LEU A 90 -25.58 -39.23 -20.71
CA LEU A 90 -25.01 -39.32 -19.36
C LEU A 90 -26.06 -38.95 -18.34
N LEU A 91 -26.76 -37.84 -18.62
CA LEU A 91 -27.88 -37.37 -17.78
C LEU A 91 -28.96 -38.44 -17.63
N GLN A 92 -29.33 -39.05 -18.78
CA GLN A 92 -30.24 -40.21 -18.80
C GLN A 92 -29.78 -41.30 -17.84
N LEU A 93 -28.53 -41.73 -18.03
CA LEU A 93 -27.92 -42.76 -17.20
C LEU A 93 -27.91 -42.46 -15.68
N LEU A 94 -27.77 -41.18 -15.31
CA LEU A 94 -27.62 -40.76 -13.91
C LEU A 94 -28.93 -40.36 -13.21
N LEU A 95 -29.94 -39.96 -13.99
CA LEU A 95 -31.21 -39.50 -13.42
C LEU A 95 -31.97 -40.50 -12.55
N PRO A 96 -31.95 -41.81 -12.91
CA PRO A 96 -32.67 -42.80 -12.10
C PRO A 96 -32.13 -43.03 -10.69
N ASN A 97 -30.96 -42.49 -10.33
CA ASN A 97 -30.50 -42.52 -8.93
C ASN A 97 -30.52 -41.18 -8.19
N VAL A 98 -31.04 -40.15 -8.85
CA VAL A 98 -30.98 -38.80 -8.34
C VAL A 98 -32.23 -38.54 -7.50
N GLU A 99 -32.07 -38.11 -6.25
CA GLU A 99 -33.22 -37.76 -5.39
C GLU A 99 -33.92 -36.49 -5.89
N ASP A 100 -33.16 -35.41 -6.10
CA ASP A 100 -33.67 -34.13 -6.63
C ASP A 100 -32.85 -33.76 -7.87
N VAL A 101 -33.54 -33.27 -8.90
CA VAL A 101 -32.89 -32.84 -10.14
C VAL A 101 -32.36 -31.41 -10.02
N ASN A 102 -32.91 -30.71 -9.04
CA ASN A 102 -32.50 -29.35 -8.67
C ASN A 102 -31.52 -29.29 -7.47
N GLU A 103 -30.79 -30.39 -7.24
CA GLU A 103 -29.70 -30.38 -6.27
C GLU A 103 -28.66 -29.40 -6.75
N CYS A 104 -28.18 -28.55 -5.85
CA CYS A 104 -27.14 -27.57 -6.19
C CYS A 104 -25.86 -27.80 -5.39
N ASP A 105 -24.73 -27.42 -5.98
CA ASP A 105 -23.45 -27.37 -5.27
C ASP A 105 -23.49 -26.22 -4.23
N VAL A 106 -22.38 -25.96 -3.53
CA VAL A 106 -22.40 -25.02 -2.40
C VAL A 106 -22.57 -23.54 -2.81
N ASN A 107 -22.36 -23.22 -4.09
CA ASN A 107 -22.60 -21.88 -4.60
C ASN A 107 -23.97 -21.73 -5.27
N GLY A 108 -24.79 -22.77 -5.20
CA GLY A 108 -26.18 -22.78 -5.67
C GLY A 108 -26.40 -23.20 -7.11
N PHE A 109 -25.37 -23.75 -7.77
CA PHE A 109 -25.38 -24.13 -9.19
C PHE A 109 -26.05 -25.51 -9.36
N THR A 110 -27.10 -25.57 -10.20
CA THR A 110 -27.78 -26.81 -10.58
C THR A 110 -27.28 -27.26 -11.94
N ALA A 111 -27.54 -28.50 -12.27
CA ALA A 111 -27.23 -29.05 -13.59
C ALA A 111 -27.80 -28.22 -14.74
N PHE A 112 -28.96 -27.63 -14.50
CA PHE A 112 -29.68 -26.79 -15.46
C PHE A 112 -28.94 -25.48 -15.71
N MET A 113 -28.55 -24.81 -14.62
CA MET A 113 -27.71 -23.61 -14.72
C MET A 113 -26.43 -23.92 -15.45
N GLU A 114 -25.79 -25.04 -15.08
CA GLU A 114 -24.53 -25.42 -15.74
C GLU A 114 -24.74 -25.67 -17.20
N ALA A 115 -25.93 -26.15 -17.56
CA ALA A 115 -26.30 -26.31 -18.96
C ALA A 115 -26.43 -24.97 -19.67
N ALA A 116 -27.07 -24.02 -18.98
CA ALA A 116 -27.18 -22.65 -19.48
C ALA A 116 -25.82 -21.96 -19.63
N VAL A 117 -24.98 -22.11 -18.62
CA VAL A 117 -23.64 -21.53 -18.58
C VAL A 117 -22.79 -22.00 -19.74
N TYR A 118 -22.79 -23.31 -20.01
CA TYR A 118 -21.94 -23.85 -21.08
C TYR A 118 -22.62 -23.93 -22.44
N GLY A 119 -23.83 -23.37 -22.50
CA GLY A 119 -24.56 -23.23 -23.74
C GLY A 119 -24.92 -24.57 -24.36
N ARG A 120 -25.47 -25.48 -23.55
CA ARG A 120 -25.69 -26.88 -23.92
C ARG A 120 -27.19 -27.08 -24.12
N VAL A 121 -27.62 -26.84 -25.36
CA VAL A 121 -29.03 -26.66 -25.70
C VAL A 121 -29.87 -27.92 -25.45
N GLU A 122 -29.30 -29.04 -25.88
CA GLU A 122 -29.91 -30.36 -25.85
C GLU A 122 -30.13 -30.79 -24.40
N ALA A 123 -29.10 -30.57 -23.59
CA ALA A 123 -29.15 -30.88 -22.16
C ALA A 123 -30.16 -30.04 -21.42
N LEU A 124 -30.32 -28.80 -21.88
CA LEU A 124 -31.27 -27.88 -21.26
C LEU A 124 -32.69 -28.38 -21.43
N ARG A 125 -33.00 -28.81 -22.66
CA ARG A 125 -34.33 -29.37 -23.01
C ARG A 125 -34.65 -30.58 -22.13
N PHE A 126 -33.76 -31.57 -22.19
CA PHE A 126 -33.87 -32.76 -21.35
C PHE A 126 -34.20 -32.45 -19.90
N LEU A 127 -33.46 -31.53 -19.31
CA LEU A 127 -33.65 -31.18 -17.91
C LEU A 127 -34.92 -30.39 -17.71
N TYR A 128 -35.36 -29.66 -18.74
CA TYR A 128 -36.64 -28.98 -18.67
C TYR A 128 -37.79 -29.94 -18.50
N GLU A 129 -37.85 -30.92 -19.41
CA GLU A 129 -38.88 -31.99 -19.40
C GLU A 129 -38.93 -32.79 -18.11
N ASN A 130 -37.78 -32.92 -17.44
CA ASN A 130 -37.63 -33.75 -16.25
C ASN A 130 -37.76 -33.01 -14.92
N GLY A 131 -38.36 -31.82 -14.94
CA GLY A 131 -38.74 -31.12 -13.71
C GLY A 131 -37.75 -30.09 -13.18
N ALA A 132 -36.73 -29.76 -13.97
CA ALA A 132 -35.78 -28.70 -13.58
C ALA A 132 -36.47 -27.33 -13.40
N ASP A 133 -36.27 -26.68 -12.26
CA ASP A 133 -36.75 -25.32 -12.05
C ASP A 133 -35.92 -24.31 -12.85
N VAL A 134 -36.62 -23.48 -13.61
CA VAL A 134 -36.04 -22.59 -14.60
C VAL A 134 -35.76 -21.21 -14.03
N ASN A 135 -36.55 -20.82 -13.03
CA ASN A 135 -36.34 -19.57 -12.31
C ASN A 135 -35.84 -19.82 -10.90
N MET A 136 -34.91 -20.76 -10.80
CA MET A 136 -34.21 -21.02 -9.57
C MET A 136 -33.10 -19.97 -9.46
N HIS A 137 -33.07 -19.26 -8.34
CA HIS A 137 -31.95 -18.38 -7.98
C HIS A 137 -30.93 -19.22 -7.20
N ARG A 138 -29.63 -18.98 -7.38
CA ARG A 138 -28.60 -19.73 -6.62
C ARG A 138 -28.64 -19.32 -5.13
N LYS A 139 -28.78 -20.32 -4.26
CA LYS A 139 -28.68 -20.15 -2.83
C LYS A 139 -27.26 -20.54 -2.48
N THR A 140 -26.52 -19.62 -1.88
CA THR A 140 -25.10 -19.83 -1.60
C THR A 140 -24.91 -19.77 -0.09
N LYS A 141 -23.68 -20.03 0.38
CA LYS A 141 -23.33 -19.98 1.82
C LYS A 141 -23.47 -18.58 2.42
N GLN A 142 -23.61 -18.49 3.75
CA GLN A 142 -24.03 -17.23 4.41
C GLN A 142 -23.03 -16.08 4.26
N ASP A 143 -21.74 -16.43 4.25
CA ASP A 143 -20.70 -15.43 3.95
C ASP A 143 -20.94 -14.71 2.64
N GLN A 144 -21.21 -15.46 1.59
CA GLN A 144 -21.50 -14.90 0.26
C GLN A 144 -22.81 -14.13 0.22
N GLU A 145 -23.81 -14.63 0.96
CA GLU A 145 -25.09 -13.97 1.04
C GLU A 145 -25.04 -12.63 1.70
N ARG A 146 -24.29 -12.52 2.79
CA ARG A 146 -24.26 -11.30 3.58
C ARG A 146 -23.63 -10.11 2.83
N ILE A 147 -22.83 -10.44 1.82
CA ILE A 147 -22.33 -9.44 0.88
C ILE A 147 -23.10 -9.48 -0.42
N ARG A 148 -24.34 -9.98 -0.37
CA ARG A 148 -25.28 -9.91 -1.48
C ARG A 148 -24.77 -10.51 -2.78
N LYS A 149 -23.95 -11.55 -2.69
CA LYS A 149 -23.59 -12.35 -3.88
C LYS A 149 -24.65 -13.45 -4.05
N GLY A 150 -24.71 -14.04 -5.22
CA GLY A 150 -25.66 -15.12 -5.50
C GLY A 150 -27.03 -14.62 -5.88
N GLY A 151 -27.94 -15.57 -6.07
CA GLY A 151 -29.28 -15.29 -6.57
C GLY A 151 -29.43 -15.20 -8.09
N ALA A 152 -28.41 -15.62 -8.82
CA ALA A 152 -28.42 -15.58 -10.28
C ALA A 152 -29.21 -16.77 -10.84
N THR A 153 -29.76 -16.56 -12.03
CA THR A 153 -30.62 -17.54 -12.69
C THR A 153 -29.90 -18.04 -13.91
N ALA A 154 -30.50 -19.04 -14.57
CA ALA A 154 -29.98 -19.59 -15.80
C ALA A 154 -30.06 -18.58 -16.93
N LEU A 155 -31.10 -17.75 -16.86
CA LEU A 155 -31.28 -16.70 -17.85
C LEU A 155 -30.05 -15.77 -17.83
N MET A 156 -29.79 -15.23 -16.63
CA MET A 156 -28.64 -14.34 -16.39
C MET A 156 -27.34 -14.96 -16.83
N ASP A 157 -27.14 -16.23 -16.47
CA ASP A 157 -25.93 -16.96 -16.91
C ASP A 157 -25.82 -16.97 -18.41
N ALA A 158 -26.91 -17.33 -19.07
CA ALA A 158 -26.93 -17.46 -20.51
C ALA A 158 -26.69 -16.13 -21.20
N ALA A 159 -27.31 -15.07 -20.66
CA ALA A 159 -27.11 -13.72 -21.19
C ALA A 159 -25.65 -13.24 -21.11
N GLU A 160 -25.06 -13.42 -19.92
CA GLU A 160 -23.66 -13.05 -19.66
C GLU A 160 -22.73 -13.74 -20.62
N LYS A 161 -22.90 -15.05 -20.74
CA LYS A 161 -22.07 -15.82 -21.63
C LYS A 161 -22.38 -15.55 -23.10
N GLY A 162 -23.53 -14.95 -23.36
CA GLY A 162 -23.91 -14.51 -24.69
C GLY A 162 -24.39 -15.66 -25.58
N HIS A 163 -24.93 -16.70 -24.94
CA HIS A 163 -25.44 -17.88 -25.64
C HIS A 163 -26.83 -17.58 -26.19
N VAL A 164 -26.86 -17.19 -27.46
CA VAL A 164 -28.07 -16.62 -28.02
C VAL A 164 -29.13 -17.71 -28.10
N GLY A 165 -28.68 -18.90 -28.53
CA GLY A 165 -29.54 -20.07 -28.57
C GLY A 165 -30.30 -20.21 -27.27
N VAL A 166 -29.55 -20.40 -26.20
CA VAL A 166 -30.13 -20.76 -24.92
C VAL A 166 -31.08 -19.71 -24.36
N VAL A 167 -30.79 -18.43 -24.59
CA VAL A 167 -31.64 -17.36 -24.07
C VAL A 167 -33.03 -17.46 -24.65
N THR A 168 -33.05 -17.58 -25.97
CA THR A 168 -34.28 -17.66 -26.76
C THR A 168 -35.18 -18.79 -26.31
N ILE A 169 -34.61 -19.98 -26.28
CA ILE A 169 -35.32 -21.15 -25.83
C ILE A 169 -35.93 -20.87 -24.46
N LEU A 170 -35.10 -20.36 -23.55
CA LEU A 170 -35.51 -20.14 -22.15
C LEU A 170 -36.68 -19.20 -21.98
N LEU A 171 -36.64 -18.12 -22.76
CA LEU A 171 -37.66 -17.09 -22.67
C LEU A 171 -39.00 -17.53 -23.23
N HIS A 172 -38.94 -18.24 -24.36
CA HIS A 172 -40.09 -18.61 -25.17
C HIS A 172 -40.66 -20.00 -24.85
N ALA A 173 -39.82 -21.03 -24.96
CA ALA A 173 -40.23 -22.41 -24.61
C ALA A 173 -40.43 -22.67 -23.10
N MET A 174 -39.55 -22.16 -22.25
CA MET A 174 -39.40 -22.61 -20.86
C MET A 174 -39.89 -21.64 -19.78
N LYS A 175 -40.54 -20.57 -20.23
CA LYS A 175 -41.22 -19.60 -19.33
C LYS A 175 -40.26 -18.91 -18.36
N ALA A 176 -39.02 -18.71 -18.80
CA ALA A 176 -38.04 -18.03 -17.98
C ALA A 176 -38.57 -16.64 -17.60
N GLU A 177 -38.39 -16.25 -16.35
CA GLU A 177 -38.70 -14.91 -15.89
C GLU A 177 -37.61 -13.94 -16.36
N VAL A 178 -38.04 -12.89 -17.08
CA VAL A 178 -37.14 -11.90 -17.67
C VAL A 178 -36.61 -10.90 -16.65
N ASP A 179 -37.47 -10.47 -15.71
CA ASP A 179 -37.11 -9.48 -14.73
C ASP A 179 -36.78 -10.08 -13.36
N ALA A 180 -36.39 -11.36 -13.38
CA ALA A 180 -35.77 -12.01 -12.22
C ALA A 180 -34.49 -11.24 -11.82
N ARG A 181 -34.33 -11.01 -10.52
CA ARG A 181 -33.20 -10.29 -9.95
C ARG A 181 -32.31 -11.23 -9.14
N ASP A 182 -30.99 -10.96 -9.15
CA ASP A 182 -30.09 -11.61 -8.18
C ASP A 182 -30.02 -10.75 -6.89
N ASN A 183 -29.24 -11.20 -5.90
CA ASN A 183 -29.22 -10.52 -4.62
C ASN A 183 -28.67 -9.10 -4.69
N MET A 184 -27.79 -8.85 -5.67
CA MET A 184 -27.29 -7.51 -5.92
C MET A 184 -28.38 -6.57 -6.50
N GLY A 185 -29.41 -7.14 -7.12
CA GLY A 185 -30.50 -6.40 -7.73
C GLY A 185 -30.38 -6.26 -9.25
N ARG A 186 -29.65 -7.19 -9.83
CA ARG A 186 -29.32 -7.16 -11.23
C ARG A 186 -30.25 -8.11 -11.94
N ASN A 187 -30.66 -7.73 -13.14
CA ASN A 187 -31.42 -8.59 -14.03
C ASN A 187 -30.55 -9.00 -15.21
N ALA A 188 -31.11 -9.80 -16.11
CA ALA A 188 -30.33 -10.39 -17.17
C ALA A 188 -29.84 -9.37 -18.18
N LEU A 189 -30.54 -8.26 -18.23
CA LEU A 189 -30.18 -7.13 -19.08
C LEU A 189 -28.78 -6.61 -18.78
N VAL A 190 -28.53 -6.39 -17.49
CA VAL A 190 -27.20 -5.97 -17.02
C VAL A 190 -26.14 -6.98 -17.46
N TYR A 191 -26.40 -8.25 -17.13
CA TYR A 191 -25.54 -9.37 -17.56
C TYR A 191 -25.29 -9.36 -19.05
N ALA A 192 -26.36 -9.11 -19.78
CA ALA A 192 -26.28 -9.16 -21.22
C ALA A 192 -25.33 -8.13 -21.75
N LEU A 193 -25.43 -6.92 -21.21
CA LEU A 193 -24.60 -5.80 -21.68
C LEU A 193 -23.12 -5.92 -21.32
N LEU A 194 -22.75 -6.85 -20.45
CA LEU A 194 -21.38 -7.05 -20.07
C LEU A 194 -20.66 -7.96 -21.06
N ASN A 195 -21.38 -8.65 -21.94
CA ASN A 195 -20.75 -9.58 -22.90
C ASN A 195 -19.91 -8.82 -23.95
N PRO A 196 -18.65 -9.20 -24.20
CA PRO A 196 -17.84 -8.39 -25.12
C PRO A 196 -18.22 -8.46 -26.62
N ASP A 197 -18.94 -9.50 -27.06
CA ASP A 197 -19.31 -9.65 -28.47
C ASP A 197 -20.53 -8.81 -28.85
N ASP A 198 -20.37 -7.95 -29.85
CA ASP A 198 -21.42 -6.97 -30.11
C ASP A 198 -22.74 -7.64 -30.56
N GLY A 199 -22.65 -8.53 -31.55
CA GLY A 199 -23.84 -9.21 -32.10
C GLY A 199 -24.67 -9.90 -31.03
N LYS A 200 -24.04 -10.90 -30.41
CA LYS A 200 -24.65 -11.62 -29.29
C LYS A 200 -25.34 -10.69 -28.28
N ALA A 201 -24.62 -9.64 -27.91
CA ALA A 201 -25.12 -8.73 -26.92
C ALA A 201 -26.37 -8.04 -27.45
N LYS A 202 -26.30 -7.63 -28.73
CA LYS A 202 -27.41 -6.96 -29.40
C LYS A 202 -28.63 -7.86 -29.46
N ALA A 203 -28.42 -9.08 -29.93
CA ALA A 203 -29.49 -10.07 -30.03
C ALA A 203 -30.20 -10.25 -28.70
N ILE A 204 -29.41 -10.45 -27.66
CA ILE A 204 -29.93 -10.86 -26.36
C ILE A 204 -30.66 -9.69 -25.69
N THR A 205 -30.15 -8.49 -25.91
CA THR A 205 -30.75 -7.29 -25.35
C THR A 205 -32.17 -7.13 -25.91
N ARG A 206 -32.25 -7.18 -27.25
CA ARG A 206 -33.53 -7.13 -27.98
C ARG A 206 -34.58 -8.08 -27.37
N LEU A 207 -34.27 -9.38 -27.38
CA LEU A 207 -35.14 -10.39 -26.72
C LEU A 207 -35.58 -9.93 -25.32
N LEU A 208 -34.61 -9.63 -24.47
CA LEU A 208 -34.86 -9.28 -23.08
C LEU A 208 -35.73 -8.04 -22.96
N LEU A 209 -35.45 -7.04 -23.79
CA LEU A 209 -36.24 -5.81 -23.75
C LEU A 209 -37.72 -6.05 -24.09
N ASP A 210 -37.95 -6.90 -25.09
CA ASP A 210 -39.28 -7.17 -25.63
C ASP A 210 -40.13 -8.00 -24.69
N HIS A 211 -39.50 -8.82 -23.85
CA HIS A 211 -40.26 -9.52 -22.81
C HIS A 211 -40.50 -8.68 -21.59
N GLY A 212 -39.88 -7.50 -21.53
CA GLY A 212 -40.14 -6.50 -20.49
C GLY A 212 -39.12 -6.49 -19.37
N ALA A 213 -37.84 -6.61 -19.75
CA ALA A 213 -36.74 -6.44 -18.80
C ALA A 213 -36.73 -4.99 -18.34
N ASP A 214 -36.71 -4.76 -17.02
CA ASP A 214 -36.59 -3.40 -16.45
C ASP A 214 -35.28 -2.79 -16.94
N VAL A 215 -35.39 -1.55 -17.40
CA VAL A 215 -34.27 -0.86 -18.05
C VAL A 215 -33.58 0.13 -17.10
N ASN A 216 -34.22 0.37 -15.97
CA ASN A 216 -33.68 1.19 -14.90
C ASN A 216 -33.28 0.32 -13.72
N VAL A 217 -32.26 -0.48 -13.99
CA VAL A 217 -31.67 -1.32 -12.95
C VAL A 217 -30.25 -0.87 -12.76
N ARG A 218 -29.66 -1.32 -11.66
CA ARG A 218 -28.30 -0.94 -11.31
C ARG A 218 -27.42 -2.15 -11.35
N GLY A 219 -26.28 -2.01 -12.02
CA GLY A 219 -25.20 -3.02 -11.99
C GLY A 219 -24.04 -2.56 -11.14
N GLU A 220 -22.90 -3.20 -11.33
CA GLU A 220 -21.63 -2.75 -10.71
C GLU A 220 -21.43 -1.24 -10.91
N GLY A 221 -21.01 -0.56 -9.85
CA GLY A 221 -20.64 0.87 -9.95
C GLY A 221 -21.83 1.79 -10.00
N SER A 222 -22.99 1.21 -9.68
CA SER A 222 -24.28 1.88 -9.78
C SER A 222 -24.64 2.33 -11.21
N LYS A 223 -24.10 1.59 -12.19
CA LYS A 223 -24.31 1.90 -13.59
C LYS A 223 -25.67 1.41 -14.07
N THR A 224 -26.37 2.24 -14.84
CA THR A 224 -27.57 1.79 -15.54
C THR A 224 -27.14 1.00 -16.77
N PRO A 225 -28.08 0.22 -17.35
CA PRO A 225 -27.87 -0.36 -18.64
C PRO A 225 -27.51 0.67 -19.70
N LEU A 226 -28.18 1.81 -19.66
CA LEU A 226 -27.88 2.88 -20.62
C LEU A 226 -26.40 3.28 -20.57
N ILE A 227 -25.90 3.54 -19.36
CA ILE A 227 -24.52 3.94 -19.20
C ILE A 227 -23.57 2.83 -19.64
N LEU A 228 -23.91 1.57 -19.37
CA LEU A 228 -23.08 0.45 -19.82
C LEU A 228 -22.93 0.44 -21.32
N ALA A 229 -24.04 0.75 -21.98
CA ALA A 229 -24.09 0.80 -23.42
C ALA A 229 -23.22 1.92 -23.98
N VAL A 230 -23.26 3.08 -23.32
CA VAL A 230 -22.43 4.23 -23.75
C VAL A 230 -20.95 3.90 -23.61
N GLU A 231 -20.57 3.36 -22.43
CA GLU A 231 -19.18 2.99 -22.14
C GLU A 231 -18.66 1.90 -23.07
N ARG A 232 -19.57 1.08 -23.57
CA ARG A 232 -19.28 0.08 -24.58
C ARG A 232 -19.01 0.73 -25.95
N LYS A 233 -19.59 1.91 -26.15
CA LYS A 233 -19.41 2.73 -27.36
C LYS A 233 -20.21 2.10 -28.48
N ASN A 234 -21.49 1.85 -28.25
CA ASN A 234 -22.30 1.03 -29.17
C ASN A 234 -23.66 1.69 -29.41
N LEU A 235 -23.72 2.47 -30.49
CA LEU A 235 -24.92 3.19 -30.91
C LEU A 235 -26.19 2.34 -30.88
N ASP A 236 -26.03 1.13 -31.40
CA ASP A 236 -27.10 0.16 -31.56
C ASP A 236 -27.74 -0.20 -30.21
N LEU A 237 -26.94 -0.62 -29.24
CA LEU A 237 -27.45 -0.91 -27.90
C LEU A 237 -28.08 0.32 -27.23
N VAL A 238 -27.66 1.50 -27.62
CA VAL A 238 -28.17 2.74 -27.04
C VAL A 238 -29.56 3.05 -27.59
N GLN A 239 -29.70 2.89 -28.90
CA GLN A 239 -31.03 3.07 -29.55
C GLN A 239 -32.08 2.12 -29.02
N MET A 240 -31.73 0.82 -28.93
CA MET A 240 -32.62 -0.19 -28.35
C MET A 240 -33.11 0.23 -26.97
N LEU A 241 -32.20 0.78 -26.17
CA LEU A 241 -32.53 1.15 -24.81
C LEU A 241 -33.37 2.42 -24.77
N LEU A 242 -33.04 3.34 -25.65
CA LEU A 242 -33.80 4.59 -25.76
C LEU A 242 -35.15 4.51 -26.49
N GLU A 243 -35.46 3.35 -27.09
CA GLU A 243 -36.81 3.08 -27.62
C GLU A 243 -37.83 3.04 -26.49
N GLN A 244 -37.42 2.56 -25.33
CA GLN A 244 -38.27 2.61 -24.13
C GLN A 244 -38.39 4.09 -23.73
N GLU A 245 -39.57 4.60 -23.37
CA GLU A 245 -39.64 6.02 -22.94
C GLU A 245 -39.60 6.20 -21.45
N GLN A 246 -39.81 5.13 -20.71
CA GLN A 246 -39.72 5.16 -19.24
C GLN A 246 -38.27 5.12 -18.72
N ILE A 247 -37.30 4.85 -19.60
CA ILE A 247 -35.90 4.88 -19.23
C ILE A 247 -35.49 6.27 -18.73
N GLU A 248 -34.86 6.30 -17.57
CA GLU A 248 -34.39 7.54 -16.94
C GLU A 248 -33.06 7.88 -17.58
N VAL A 249 -33.02 8.94 -18.38
CA VAL A 249 -31.79 9.23 -19.16
C VAL A 249 -30.79 10.01 -18.30
N ASN A 250 -31.33 10.79 -17.36
CA ASN A 250 -30.53 11.52 -16.39
C ASN A 250 -30.25 10.75 -15.10
N ASP A 251 -30.19 9.43 -15.16
CA ASP A 251 -29.67 8.64 -14.05
C ASP A 251 -28.15 8.83 -14.00
N THR A 252 -27.61 8.85 -12.77
CA THR A 252 -26.16 9.02 -12.51
C THR A 252 -25.55 7.73 -11.94
N ASP A 253 -24.31 7.43 -12.36
CA ASP A 253 -23.54 6.32 -11.76
C ASP A 253 -22.99 6.76 -10.41
N ARG A 254 -22.20 5.89 -9.76
CA ARG A 254 -21.62 6.17 -8.46
C ARG A 254 -20.84 7.49 -8.42
N GLU A 255 -20.05 7.78 -9.45
CA GLU A 255 -19.27 9.04 -9.44
C GLU A 255 -20.13 10.28 -9.80
N GLY A 256 -21.42 10.11 -10.06
CA GLY A 256 -22.27 11.23 -10.47
C GLY A 256 -22.19 11.61 -11.95
N LYS A 257 -21.69 10.69 -12.77
CA LYS A 257 -21.63 10.88 -14.21
C LYS A 257 -22.93 10.37 -14.85
N THR A 258 -23.41 11.14 -15.80
CA THR A 258 -24.64 10.88 -16.50
C THR A 258 -24.23 10.24 -17.81
N ALA A 259 -25.17 9.55 -18.45
CA ALA A 259 -24.89 8.86 -19.73
C ALA A 259 -24.32 9.78 -20.83
N LEU A 260 -24.95 10.94 -20.92
CA LEU A 260 -24.53 12.01 -21.80
C LEU A 260 -23.08 12.44 -21.56
N LEU A 261 -22.81 12.78 -20.31
CA LEU A 261 -21.49 13.22 -19.90
C LEU A 261 -20.47 12.23 -20.41
N LEU A 262 -20.69 10.97 -20.07
CA LEU A 262 -19.81 9.93 -20.52
C LEU A 262 -19.63 9.95 -22.01
N ALA A 263 -20.73 10.19 -22.71
CA ALA A 263 -20.72 10.19 -24.16
C ALA A 263 -19.83 11.28 -24.72
N VAL A 264 -19.97 12.48 -24.16
CA VAL A 264 -19.14 13.59 -24.63
C VAL A 264 -17.69 13.26 -24.33
N GLU A 265 -17.45 12.90 -23.05
CA GLU A 265 -16.11 12.54 -22.53
C GLU A 265 -15.40 11.54 -23.41
N LEU A 266 -16.15 10.54 -23.89
CA LEU A 266 -15.62 9.45 -24.70
C LEU A 266 -15.54 9.77 -26.21
N ARG A 267 -16.00 10.96 -26.60
CA ARG A 267 -15.84 11.43 -27.98
C ARG A 267 -16.79 10.68 -28.94
N LEU A 268 -18.05 10.56 -28.52
CA LEU A 268 -19.09 9.79 -29.23
C LEU A 268 -20.18 10.74 -29.69
N GLU A 269 -19.86 11.41 -30.80
CA GLU A 269 -20.70 12.46 -31.36
C GLU A 269 -22.15 11.99 -31.51
N GLU A 270 -22.29 10.88 -32.21
CA GLU A 270 -23.62 10.41 -32.66
C GLU A 270 -24.49 10.08 -31.44
N ILE A 271 -23.90 9.35 -30.50
CA ILE A 271 -24.59 8.93 -29.31
C ILE A 271 -24.94 10.12 -28.43
N ALA A 272 -24.07 11.13 -28.39
CA ALA A 272 -24.31 12.36 -27.64
C ALA A 272 -25.54 13.09 -28.17
N LYS A 273 -25.55 13.30 -29.49
CA LYS A 273 -26.68 13.95 -30.20
C LYS A 273 -28.00 13.23 -29.94
N LEU A 274 -27.99 11.93 -30.21
CA LEU A 274 -29.13 11.07 -29.93
C LEU A 274 -29.63 11.24 -28.49
N LEU A 275 -28.71 11.33 -27.55
CA LEU A 275 -29.07 11.48 -26.15
C LEU A 275 -29.72 12.81 -25.83
N CYS A 276 -29.21 13.89 -26.44
CA CYS A 276 -29.80 15.25 -26.33
C CYS A 276 -31.21 15.31 -26.88
N HIS A 277 -31.38 14.65 -28.05
CA HIS A 277 -32.67 14.56 -28.73
C HIS A 277 -33.64 13.62 -28.03
N ARG A 278 -33.30 13.13 -26.83
CA ARG A 278 -34.20 12.32 -26.02
C ARG A 278 -34.38 12.87 -24.62
N GLY A 279 -34.09 14.16 -24.46
CA GLY A 279 -34.24 14.86 -23.18
C GLY A 279 -33.10 14.69 -22.19
N ALA A 280 -31.89 14.39 -22.66
CA ALA A 280 -30.74 14.30 -21.76
C ALA A 280 -30.32 15.71 -21.35
N SER A 281 -30.37 16.02 -20.06
CA SER A 281 -30.07 17.37 -19.59
C SER A 281 -28.58 17.66 -19.75
N THR A 282 -28.31 18.93 -20.01
CA THR A 282 -27.02 19.38 -20.46
C THR A 282 -26.32 20.10 -19.34
N ASN A 283 -26.85 19.95 -18.11
CA ASN A 283 -26.25 20.53 -16.92
C ASN A 283 -25.77 19.42 -15.97
N CYS A 284 -25.18 18.40 -16.57
CA CYS A 284 -24.55 17.29 -15.83
C CYS A 284 -23.03 17.43 -15.76
N GLY A 285 -22.46 18.19 -16.71
CA GLY A 285 -21.06 18.57 -16.68
C GLY A 285 -20.89 19.68 -17.70
N ASP A 286 -19.68 20.16 -17.87
CA ASP A 286 -19.40 21.27 -18.80
C ASP A 286 -19.05 20.69 -20.16
N LEU A 287 -20.10 20.35 -20.90
CA LEU A 287 -19.95 19.48 -22.08
C LEU A 287 -19.22 20.15 -23.23
N VAL A 288 -19.41 21.45 -23.34
CA VAL A 288 -18.77 22.19 -24.41
C VAL A 288 -17.24 22.08 -24.27
N ALA A 289 -16.78 22.49 -23.07
CA ALA A 289 -15.38 22.39 -22.66
C ALA A 289 -14.78 21.02 -22.96
N ILE A 290 -15.55 19.99 -22.62
CA ILE A 290 -15.14 18.59 -22.78
C ILE A 290 -15.00 18.22 -24.26
N ALA A 291 -16.00 18.60 -25.05
CA ALA A 291 -15.97 18.40 -26.50
C ALA A 291 -14.82 19.18 -27.10
N ARG A 292 -14.68 20.43 -26.65
CA ARG A 292 -13.60 21.29 -27.12
C ARG A 292 -12.28 20.59 -26.95
N ARG A 293 -12.04 20.07 -25.74
CA ARG A 293 -10.75 19.46 -25.42
C ARG A 293 -10.54 18.22 -26.25
N ASN A 294 -11.64 17.51 -26.55
CA ASN A 294 -11.59 16.31 -27.39
C ASN A 294 -11.29 16.60 -28.87
N TYR A 295 -11.32 17.88 -29.25
CA TYR A 295 -11.20 18.34 -30.63
C TYR A 295 -12.42 17.87 -31.45
N ASP A 296 -13.58 17.90 -30.83
CA ASP A 296 -14.81 17.37 -31.43
C ASP A 296 -15.64 18.55 -31.98
N SER A 297 -15.11 19.22 -33.00
CA SER A 297 -15.67 20.48 -33.54
C SER A 297 -17.17 20.50 -33.74
N ASP A 298 -17.69 19.42 -34.32
CA ASP A 298 -19.10 19.36 -34.71
C ASP A 298 -19.98 19.26 -33.49
N LEU A 299 -19.57 18.41 -32.54
CA LEU A 299 -20.28 18.24 -31.28
C LEU A 299 -20.25 19.51 -30.42
N VAL A 300 -19.15 20.24 -30.49
CA VAL A 300 -19.06 21.56 -29.86
C VAL A 300 -20.25 22.38 -30.33
N LYS A 301 -20.25 22.63 -31.65
CA LYS A 301 -21.34 23.36 -32.32
C LYS A 301 -22.73 22.90 -31.88
N PHE A 302 -22.98 21.59 -31.90
CA PHE A 302 -24.26 21.04 -31.50
C PHE A 302 -24.57 21.35 -30.04
N LEU A 303 -23.54 21.24 -29.20
CA LEU A 303 -23.70 21.48 -27.78
C LEU A 303 -23.98 22.95 -27.52
N ARG A 304 -23.38 23.83 -28.34
CA ARG A 304 -23.58 25.27 -28.25
C ARG A 304 -25.01 25.68 -28.62
N LEU A 305 -25.59 25.00 -29.60
CA LEU A 305 -26.94 25.28 -30.03
C LEU A 305 -27.99 24.59 -29.16
N HIS A 306 -27.62 23.63 -28.33
CA HIS A 306 -28.56 23.02 -27.41
C HIS A 306 -28.37 23.67 -26.04
N LYS A 307 -27.11 23.71 -25.61
CA LYS A 307 -26.64 24.36 -24.40
C LYS A 307 -25.56 25.37 -24.68
N PRO A 314 -20.75 24.43 -11.92
CA PRO A 314 -19.79 23.37 -11.60
C PRO A 314 -19.11 23.49 -10.24
N PRO A 315 -19.01 24.73 -9.69
CA PRO A 315 -17.98 25.01 -8.67
C PRO A 315 -18.07 24.10 -7.43
N ALA A 316 -16.94 23.49 -7.10
CA ALA A 316 -16.85 22.56 -5.97
C ALA A 316 -15.37 22.40 -5.55
N GLU A 317 -14.73 23.53 -5.28
CA GLU A 317 -13.28 23.52 -4.91
C GLU A 317 -13.12 23.37 -3.41
N ASN A 318 -13.04 22.15 -2.90
CA ASN A 318 -13.02 21.91 -1.44
C ASN A 318 -11.85 21.06 -0.97
N TRP A 319 -11.07 20.56 -1.92
CA TRP A 319 -9.96 19.65 -1.64
C TRP A 319 -8.77 20.45 -1.15
N LYS A 320 -8.29 20.08 0.04
CA LYS A 320 -7.18 20.74 0.67
C LYS A 320 -5.97 19.79 0.75
N PRO A 321 -4.81 20.20 0.22
CA PRO A 321 -3.65 19.36 0.36
C PRO A 321 -3.05 19.37 1.78
N GLN A 322 -2.33 18.32 2.13
CA GLN A 322 -1.64 18.26 3.41
C GLN A 322 -0.26 18.89 3.37
N SER A 323 0.44 18.70 2.27
CA SER A 323 1.75 19.32 2.11
C SER A 323 1.65 20.82 1.97
N SER A 324 2.58 21.49 2.62
CA SER A 324 2.63 22.94 2.62
C SER A 324 3.54 23.40 1.49
N ARG A 325 4.73 22.83 1.42
CA ARG A 325 5.65 23.08 0.30
C ARG A 325 5.02 22.85 -1.06
N TRP A 326 4.29 21.74 -1.20
CA TRP A 326 3.74 21.33 -2.48
C TRP A 326 2.24 21.69 -2.64
N GLY A 327 1.66 22.28 -1.60
CA GLY A 327 0.22 22.55 -1.57
C GLY A 327 -0.39 23.23 -2.79
N GLU A 328 0.12 24.40 -3.10
CA GLU A 328 -0.37 25.23 -4.20
C GLU A 328 -0.38 24.48 -5.55
N ALA A 329 0.70 23.77 -5.88
CA ALA A 329 0.78 22.99 -7.14
C ALA A 329 -0.18 21.80 -7.12
N LEU A 330 -0.32 21.18 -5.95
CA LEU A 330 -1.24 20.08 -5.77
C LEU A 330 -2.66 20.57 -5.98
N LYS A 331 -2.98 21.74 -5.49
CA LYS A 331 -4.28 22.34 -5.76
C LYS A 331 -4.53 22.52 -7.25
N HIS A 332 -3.56 23.04 -7.98
CA HIS A 332 -3.67 23.16 -9.43
C HIS A 332 -3.90 21.81 -10.09
N LEU A 333 -3.05 20.83 -9.77
CA LEU A 333 -3.19 19.48 -10.32
C LEU A 333 -4.60 18.87 -10.05
N HIS A 334 -5.12 19.06 -8.84
CA HIS A 334 -6.47 18.61 -8.50
C HIS A 334 -7.54 19.30 -9.34
N ARG A 335 -7.33 20.58 -9.59
CA ARG A 335 -8.25 21.42 -10.31
C ARG A 335 -8.36 21.06 -11.79
N ILE A 336 -7.24 20.85 -12.47
CA ILE A 336 -7.26 20.59 -13.91
C ILE A 336 -7.81 19.22 -14.27
N TRP A 337 -8.07 19.02 -15.56
CA TRP A 337 -8.52 17.75 -16.06
C TRP A 337 -7.31 16.99 -16.53
N ARG A 338 -7.25 15.73 -16.13
CA ARG A 338 -6.30 14.77 -16.66
C ARG A 338 -6.99 13.42 -16.75
N PRO A 339 -6.55 12.59 -17.70
CA PRO A 339 -7.02 11.24 -17.73
C PRO A 339 -6.35 10.45 -16.65
N MET A 340 -6.95 9.35 -16.23
CA MET A 340 -6.39 8.52 -15.20
C MET A 340 -5.54 7.44 -15.81
N ILE A 341 -4.49 7.06 -15.11
CA ILE A 341 -3.79 5.81 -15.39
C ILE A 341 -4.14 4.93 -14.18
N GLY A 342 -5.25 4.21 -14.27
CA GLY A 342 -5.73 3.44 -13.13
C GLY A 342 -6.17 4.39 -12.03
N LYS A 343 -5.52 4.31 -10.87
CA LYS A 343 -5.81 5.20 -9.73
C LYS A 343 -4.98 6.45 -9.67
N LEU A 344 -4.13 6.67 -10.69
CA LEU A 344 -3.14 7.75 -10.69
C LEU A 344 -3.54 8.88 -11.63
N LYS A 345 -3.60 10.07 -11.06
CA LYS A 345 -3.73 11.30 -11.84
C LYS A 345 -2.39 12.03 -11.83
N ILE A 346 -1.83 12.27 -12.99
CA ILE A 346 -0.51 12.88 -13.11
C ILE A 346 -0.43 13.76 -14.36
N PHE A 347 0.43 14.78 -14.32
CA PHE A 347 0.67 15.60 -15.49
C PHE A 347 2.14 15.91 -15.60
N ILE A 348 2.76 15.51 -16.69
CA ILE A 348 4.18 15.71 -16.87
C ILE A 348 4.42 17.14 -17.39
N ASP A 349 4.72 18.02 -16.44
CA ASP A 349 4.99 19.44 -16.67
C ASP A 349 5.97 19.92 -15.60
N GLU A 350 6.81 20.91 -15.91
CA GLU A 350 7.78 21.40 -14.93
C GLU A 350 7.12 21.91 -13.66
N GLU A 351 5.93 22.46 -13.76
CA GLU A 351 5.21 22.95 -12.59
C GLU A 351 5.00 21.90 -11.52
N TYR A 352 4.82 20.65 -11.91
CA TYR A 352 4.53 19.57 -11.00
C TYR A 352 5.75 18.66 -10.74
N LYS A 353 6.95 19.11 -11.10
CA LYS A 353 8.15 18.25 -11.01
C LYS A 353 8.79 18.44 -9.66
N ILE A 354 9.18 17.36 -9.00
CA ILE A 354 9.80 17.45 -7.68
C ILE A 354 11.31 17.41 -7.83
N ALA A 355 11.78 16.54 -8.76
CA ALA A 355 13.20 16.26 -8.90
C ALA A 355 13.51 15.43 -10.14
N ASP A 356 14.79 15.39 -10.50
CA ASP A 356 15.33 14.66 -11.67
C ASP A 356 15.87 13.34 -11.24
N THR A 357 15.90 12.33 -12.10
CA THR A 357 16.47 11.01 -11.75
C THR A 357 17.17 10.35 -12.92
N ALA A 358 17.85 9.25 -12.63
CA ALA A 358 18.51 8.41 -13.62
C ALA A 358 17.58 7.92 -14.74
N GLU A 359 16.27 7.91 -14.50
CA GLU A 359 15.30 7.69 -15.61
C GLU A 359 13.90 8.04 -15.22
N GLY A 360 13.38 9.16 -15.72
CA GLY A 360 11.94 9.46 -15.67
C GLY A 360 11.50 10.66 -14.86
N GLY A 361 12.24 10.91 -13.76
CA GLY A 361 12.01 12.05 -12.85
C GLY A 361 10.93 11.76 -11.83
N ILE A 362 10.75 12.70 -10.88
CA ILE A 362 9.82 12.54 -9.79
C ILE A 362 8.81 13.64 -9.89
N TYR A 363 7.52 13.27 -10.01
CA TYR A 363 6.46 14.27 -10.20
C TYR A 363 5.39 14.11 -9.15
N LEU A 364 4.74 15.21 -8.80
CA LEU A 364 3.58 15.19 -7.93
C LEU A 364 2.46 14.43 -8.64
N GLY A 365 1.65 13.72 -7.86
CA GLY A 365 0.52 12.98 -8.41
C GLY A 365 -0.62 12.91 -7.40
N LEU A 366 -1.77 12.41 -7.85
CA LEU A 366 -2.86 12.08 -6.96
C LEU A 366 -3.23 10.61 -7.18
N TYR A 367 -3.25 9.83 -6.09
CA TYR A 367 -3.46 8.38 -6.16
C TYR A 367 -4.62 8.09 -5.22
N GLU A 368 -5.73 7.59 -5.74
CA GLU A 368 -6.96 7.47 -4.98
C GLU A 368 -7.23 8.79 -4.28
N ASP A 369 -7.00 9.89 -4.99
CA ASP A 369 -7.16 11.25 -4.44
C ASP A 369 -6.26 11.65 -3.25
N GLN A 370 -5.25 10.82 -2.96
CA GLN A 370 -4.23 11.13 -1.97
C GLN A 370 -3.01 11.68 -2.73
N GLU A 371 -2.37 12.72 -2.20
CA GLU A 371 -1.16 13.28 -2.78
C GLU A 371 0.05 12.37 -2.65
N VAL A 372 0.82 12.23 -3.72
CA VAL A 372 1.96 11.32 -3.77
C VAL A 372 3.08 11.84 -4.65
N ALA A 373 4.28 11.36 -4.42
CA ALA A 373 5.40 11.53 -5.34
C ALA A 373 5.40 10.32 -6.22
N VAL A 374 5.65 10.54 -7.51
CA VAL A 374 5.56 9.49 -8.50
C VAL A 374 6.89 9.33 -9.18
N LYS A 375 7.51 8.19 -8.98
CA LYS A 375 8.79 7.91 -9.60
C LYS A 375 8.51 7.08 -10.82
N ARG A 376 9.07 7.47 -11.97
CA ARG A 376 8.73 6.88 -13.27
C ARG A 376 9.83 6.01 -13.82
N PHE A 377 9.49 4.85 -14.36
CA PHE A 377 10.46 3.99 -15.08
C PHE A 377 9.83 3.54 -16.42
N SER A 378 10.69 3.28 -17.42
CA SER A 378 10.33 2.44 -18.57
C SER A 378 9.73 1.14 -18.06
N GLU A 379 8.61 0.70 -18.62
CA GLU A 379 7.93 -0.46 -18.02
C GLU A 379 8.79 -1.71 -18.16
N GLY A 380 9.71 -1.72 -19.12
CA GLY A 380 10.67 -2.81 -19.22
C GLY A 380 11.65 -2.88 -18.07
N SER A 381 12.13 -1.71 -17.67
CA SER A 381 13.26 -1.50 -16.70
C SER A 381 13.48 -2.56 -15.63
N THR A 382 14.70 -3.06 -15.57
CA THR A 382 15.18 -3.86 -14.45
C THR A 382 15.14 -3.05 -13.15
N ARG A 383 15.55 -1.79 -13.23
CA ARG A 383 15.53 -0.92 -12.11
C ARG A 383 14.12 -0.68 -11.50
N GLY A 384 13.14 -0.35 -12.34
CA GLY A 384 11.75 -0.22 -11.91
C GLY A 384 11.28 -1.52 -11.28
N GLN A 385 11.70 -2.67 -11.81
CA GLN A 385 11.29 -3.92 -11.19
C GLN A 385 11.90 -4.13 -9.83
N GLN A 386 13.17 -3.79 -9.67
CA GLN A 386 13.82 -3.89 -8.37
C GLN A 386 13.13 -3.01 -7.32
N GLU A 387 12.78 -1.79 -7.72
CA GLU A 387 12.16 -0.81 -6.83
C GLU A 387 10.84 -1.36 -6.34
N VAL A 388 9.96 -1.66 -7.28
CA VAL A 388 8.65 -2.16 -6.95
C VAL A 388 8.75 -3.45 -6.12
N SER A 389 9.69 -4.30 -6.45
CA SER A 389 9.86 -5.54 -5.71
C SER A 389 10.17 -5.30 -4.24
N CYS A 390 11.17 -4.46 -3.99
CA CYS A 390 11.61 -4.11 -2.64
C CYS A 390 10.53 -3.36 -1.85
N LEU A 391 9.89 -2.39 -2.47
CA LEU A 391 8.79 -1.66 -1.86
C LEU A 391 7.65 -2.56 -1.42
N GLN A 392 7.21 -3.45 -2.31
CA GLN A 392 6.18 -4.48 -2.01
C GLN A 392 6.47 -5.34 -0.77
N SER A 393 7.75 -5.51 -0.43
CA SER A 393 8.16 -6.22 0.78
C SER A 393 8.42 -5.32 2.00
N SER A 394 8.23 -4.03 1.85
CA SER A 394 8.70 -3.08 2.84
C SER A 394 7.56 -2.38 3.61
N ARG A 395 6.34 -2.81 3.36
CA ARG A 395 5.17 -2.12 3.85
C ARG A 395 5.08 -2.06 5.37
N ALA A 396 5.65 -3.05 6.05
CA ALA A 396 5.80 -3.07 7.50
C ALA A 396 6.90 -2.19 8.05
N ASN A 397 7.86 -1.83 7.23
CA ASN A 397 9.00 -1.07 7.68
C ASN A 397 8.56 0.38 7.80
N ASP A 398 8.41 0.85 9.04
CA ASP A 398 7.90 2.20 9.30
C ASP A 398 8.82 3.33 8.88
N ASN A 399 10.11 3.05 8.70
CA ASN A 399 11.05 4.06 8.33
C ASN A 399 11.45 3.95 6.87
N VAL A 400 10.60 3.30 6.07
CA VAL A 400 10.71 3.33 4.63
C VAL A 400 9.50 4.10 4.11
N VAL A 401 9.71 4.89 3.09
CA VAL A 401 8.70 5.77 2.57
C VAL A 401 7.53 4.89 2.15
N THR A 402 6.33 5.35 2.47
CA THR A 402 5.14 4.53 2.26
C THR A 402 4.85 4.32 0.78
N PHE A 403 4.53 3.10 0.42
CA PHE A 403 4.27 2.70 -0.96
C PHE A 403 2.78 2.57 -1.22
N TYR A 404 2.24 3.41 -2.11
CA TYR A 404 0.81 3.40 -2.36
C TYR A 404 0.48 2.31 -3.37
N GLY A 405 1.22 2.31 -4.46
CA GLY A 405 1.06 1.28 -5.47
C GLY A 405 1.71 1.73 -6.75
N SER A 406 1.69 0.84 -7.75
CA SER A 406 2.23 1.13 -9.06
C SER A 406 1.14 1.02 -10.12
N GLU A 407 1.13 1.93 -11.08
CA GLU A 407 0.19 1.90 -12.21
C GLU A 407 1.04 1.89 -13.48
N SER A 408 0.72 0.99 -14.40
CA SER A 408 1.39 1.00 -15.71
C SER A 408 0.47 1.56 -16.80
N ASP A 409 0.97 2.51 -17.60
CA ASP A 409 0.18 3.02 -18.71
C ASP A 409 0.50 2.25 -20.00
N GLY A 410 1.32 1.21 -19.88
CA GLY A 410 1.64 0.37 -21.02
C GLY A 410 3.01 0.63 -21.60
N SER A 411 3.54 1.84 -21.44
CA SER A 411 4.93 2.13 -21.74
C SER A 411 5.75 2.71 -20.58
N CYS A 412 5.16 2.86 -19.39
CA CYS A 412 5.80 3.55 -18.30
C CYS A 412 5.27 3.03 -16.97
N LEU A 413 6.18 2.68 -16.08
CA LEU A 413 5.83 2.19 -14.77
C LEU A 413 5.83 3.36 -13.83
N HIS A 414 4.67 3.72 -13.31
CA HIS A 414 4.56 4.77 -12.31
C HIS A 414 4.55 4.16 -10.94
N VAL A 415 5.55 4.51 -10.12
CA VAL A 415 5.63 4.05 -8.72
C VAL A 415 5.25 5.21 -7.80
N CYS A 416 4.21 5.01 -6.99
CA CYS A 416 3.65 6.11 -6.20
C CYS A 416 4.00 5.95 -4.73
N LEU A 417 4.54 7.01 -4.17
CA LEU A 417 5.15 6.98 -2.86
C LEU A 417 4.58 8.15 -2.08
N ALA A 418 4.68 8.07 -0.76
CA ALA A 418 4.27 9.16 0.11
C ALA A 418 5.08 10.39 -0.26
N LEU A 419 4.42 11.54 -0.28
CA LEU A 419 5.07 12.80 -0.57
C LEU A 419 5.71 13.33 0.72
N CYS A 420 6.97 13.68 0.70
CA CYS A 420 7.63 14.20 1.90
C CYS A 420 7.95 15.68 1.62
N GLU A 421 8.16 16.47 2.68
CA GLU A 421 8.48 17.89 2.51
C GLU A 421 9.89 17.99 1.96
N TYR A 422 10.87 17.51 2.70
CA TYR A 422 12.28 17.75 2.40
C TYR A 422 13.13 16.51 2.28
N THR A 423 14.21 16.65 1.54
CA THR A 423 15.36 15.77 1.57
C THR A 423 16.11 15.95 2.89
N LEU A 424 16.92 14.98 3.26
CA LEU A 424 17.74 15.12 4.45
C LEU A 424 18.61 16.39 4.34
N GLN A 425 19.33 16.51 3.22
CA GLN A 425 20.13 17.73 2.88
C GLN A 425 19.37 19.01 3.09
N GLU A 426 18.18 19.11 2.55
CA GLU A 426 17.41 20.36 2.66
C GLU A 426 17.09 20.59 4.14
N HIS A 427 16.66 19.54 4.80
CA HIS A 427 16.24 19.62 6.16
C HIS A 427 17.34 20.11 7.11
N LEU A 428 18.55 19.58 6.91
CA LEU A 428 19.71 19.98 7.70
C LEU A 428 20.08 21.45 7.47
N ALA A 429 19.95 21.88 6.24
CA ALA A 429 20.13 23.28 5.90
C ALA A 429 19.08 24.18 6.56
N ASN A 430 17.81 23.84 6.47
CA ASN A 430 16.76 24.66 7.09
C ASN A 430 16.94 24.82 8.59
N HIS A 431 17.50 23.80 9.24
CA HIS A 431 17.59 23.80 10.70
C HIS A 431 19.02 24.04 11.21
N ARG A 432 19.90 24.50 10.31
CA ARG A 432 21.32 24.65 10.61
C ARG A 432 21.60 25.77 11.59
N GLY A 433 20.78 26.82 11.59
CA GLY A 433 20.96 27.94 12.52
C GLY A 433 20.23 27.82 13.85
N ASP A 434 19.63 26.68 14.15
CA ASP A 434 18.72 26.53 15.30
C ASP A 434 19.44 26.34 16.64
N ALA A 435 20.56 25.65 16.64
CA ALA A 435 21.28 25.31 17.87
C ALA A 435 22.51 26.18 18.03
N VAL A 436 22.78 26.62 19.25
CA VAL A 436 24.07 27.23 19.56
C VAL A 436 25.19 26.23 19.23
N PRO A 437 26.37 26.71 18.81
CA PRO A 437 27.50 25.90 18.39
C PRO A 437 27.82 24.64 19.17
N ASN A 438 27.87 24.68 20.50
CA ASN A 438 28.24 23.45 21.23
C ASN A 438 27.13 22.62 21.86
N GLU A 439 25.86 22.95 21.59
CA GLU A 439 24.74 22.23 22.15
C GLU A 439 24.80 20.75 21.82
N GLU A 440 24.24 19.91 22.69
CA GLU A 440 23.97 18.49 22.39
C GLU A 440 23.05 18.37 21.19
N ASP A 441 23.38 17.47 20.24
CA ASP A 441 22.63 17.28 19.01
C ASP A 441 21.72 16.06 19.07
N GLU A 442 20.60 16.26 19.75
CA GLU A 442 19.50 15.30 19.84
C GLU A 442 18.95 14.93 18.47
N SER A 443 18.87 15.91 17.60
CA SER A 443 18.31 15.71 16.27
C SER A 443 19.09 14.63 15.45
N ALA A 444 20.40 14.64 15.55
CA ALA A 444 21.25 13.71 14.82
C ALA A 444 20.99 12.29 15.29
N ARG A 445 20.82 12.11 16.59
CA ARG A 445 20.43 10.82 17.12
C ARG A 445 19.11 10.33 16.56
N ASN A 446 18.11 11.21 16.49
CA ASN A 446 16.79 10.76 16.03
C ASN A 446 16.85 10.33 14.58
N ILE A 447 17.46 11.18 13.78
CA ILE A 447 17.62 10.89 12.37
C ILE A 447 18.36 9.56 12.18
N LEU A 448 19.47 9.39 12.87
CA LEU A 448 20.30 8.24 12.60
C LEU A 448 19.69 6.96 13.19
N SER A 449 19.01 7.06 14.31
CA SER A 449 18.37 5.85 14.85
C SER A 449 17.24 5.38 13.93
N SER A 450 16.49 6.31 13.33
CA SER A 450 15.50 5.93 12.33
C SER A 450 16.13 5.22 11.15
N LEU A 451 17.26 5.72 10.67
CA LEU A 451 17.97 5.05 9.59
C LEU A 451 18.47 3.67 9.94
N PHE A 452 18.99 3.52 11.17
CA PHE A 452 19.46 2.24 11.64
C PHE A 452 18.31 1.25 11.67
N LYS A 453 17.18 1.68 12.19
CA LYS A 453 15.98 0.83 12.15
C LYS A 453 15.59 0.53 10.71
N ALA A 454 15.54 1.53 9.86
CA ALA A 454 15.09 1.30 8.49
C ALA A 454 15.94 0.29 7.75
N ILE A 455 17.24 0.47 7.83
CA ILE A 455 18.16 -0.37 7.07
C ILE A 455 18.20 -1.76 7.71
N GLY A 456 18.15 -1.76 9.04
CA GLY A 456 18.08 -3.02 9.81
C GLY A 456 16.92 -3.86 9.38
N GLU A 457 15.75 -3.24 9.31
CA GLU A 457 14.51 -3.91 8.93
C GLU A 457 14.54 -4.30 7.45
N LEU A 458 15.07 -3.44 6.62
CA LEU A 458 15.24 -3.75 5.22
C LEU A 458 16.10 -5.02 5.04
N HIS A 459 17.22 -5.11 5.75
CA HIS A 459 18.06 -6.31 5.70
C HIS A 459 17.29 -7.56 6.19
N ARG A 460 16.65 -7.47 7.36
CA ARG A 460 15.75 -8.54 7.84
C ARG A 460 14.77 -8.99 6.76
N SER A 461 14.33 -8.08 5.90
CA SER A 461 13.39 -8.37 4.82
C SER A 461 14.06 -9.04 3.62
N GLY A 462 15.38 -9.20 3.66
CA GLY A 462 16.11 -9.79 2.55
C GLY A 462 16.61 -8.81 1.49
N TYR A 463 16.58 -7.51 1.76
CA TYR A 463 16.97 -6.50 0.77
C TYR A 463 18.11 -5.64 1.27
N SER A 464 18.97 -5.21 0.33
CA SER A 464 20.03 -4.23 0.61
C SER A 464 19.87 -3.08 -0.35
N HIS A 465 20.04 -1.88 0.14
CA HIS A 465 19.74 -0.69 -0.64
C HIS A 465 20.74 -0.39 -1.78
N GLN A 466 22.01 -0.47 -1.46
CA GLN A 466 23.15 -0.31 -2.36
C GLN A 466 23.54 1.08 -2.80
N ASP A 467 22.82 2.09 -2.42
CA ASP A 467 23.11 3.46 -2.84
C ASP A 467 22.68 4.44 -1.74
N LEU A 468 22.98 4.12 -0.50
CA LEU A 468 22.55 4.99 0.60
C LEU A 468 23.27 6.32 0.49
N GLN A 469 22.51 7.41 0.40
CA GLN A 469 23.08 8.76 0.41
C GLN A 469 22.02 9.78 0.78
N PRO A 470 22.43 11.01 1.07
CA PRO A 470 21.48 11.95 1.69
C PRO A 470 20.29 12.36 0.84
N GLN A 471 20.42 12.24 -0.47
CA GLN A 471 19.35 12.55 -1.40
C GLN A 471 18.23 11.49 -1.38
N ASN A 472 18.58 10.26 -0.95
CA ASN A 472 17.67 9.13 -0.80
C ASN A 472 16.97 9.07 0.55
N ILE A 473 17.14 10.10 1.38
CA ILE A 473 16.59 10.13 2.72
C ILE A 473 15.64 11.33 2.84
N LEU A 474 14.40 11.09 3.20
CA LEU A 474 13.36 12.13 3.15
C LEU A 474 12.80 12.43 4.52
N ILE A 475 12.38 13.67 4.72
CA ILE A 475 11.84 14.09 6.00
C ILE A 475 10.41 14.56 5.78
N ASP A 476 9.49 14.07 6.61
CA ASP A 476 8.09 14.42 6.42
C ASP A 476 7.80 15.69 7.21
N SER A 477 6.56 16.18 7.10
CA SER A 477 6.14 17.40 7.80
C SER A 477 6.36 17.34 9.33
N LYS A 478 6.25 16.14 9.90
CA LYS A 478 6.38 15.94 11.35
C LYS A 478 7.80 15.47 11.79
N ASN A 479 8.84 15.87 11.05
CA ASN A 479 10.26 15.56 11.35
C ASN A 479 10.65 14.06 11.33
N GLY A 480 9.76 13.18 10.86
CA GLY A 480 10.10 11.78 10.71
C GLY A 480 11.03 11.59 9.51
N THR A 481 11.95 10.63 9.59
CA THR A 481 12.87 10.35 8.52
C THR A 481 12.57 8.98 7.91
N PHE A 482 12.67 8.92 6.60
CA PHE A 482 12.26 7.79 5.78
C PHE A 482 13.33 7.50 4.73
N LEU A 483 13.63 6.25 4.52
CA LEU A 483 14.48 5.80 3.42
C LEU A 483 13.67 5.63 2.13
N ALA A 484 14.17 6.10 1.00
CA ALA A 484 13.52 5.91 -0.32
C ALA A 484 14.56 5.48 -1.36
N ASP A 485 14.13 5.28 -2.60
CA ASP A 485 14.97 4.90 -3.77
C ASP A 485 15.60 3.53 -3.80
N PHE A 486 14.79 2.52 -4.02
CA PHE A 486 15.28 1.14 -4.05
C PHE A 486 15.56 0.58 -5.43
N ASP A 487 15.79 1.46 -6.40
CA ASP A 487 16.06 1.05 -7.80
C ASP A 487 17.33 0.29 -8.01
N LYS A 488 18.30 0.46 -7.14
CA LYS A 488 19.53 -0.33 -7.23
C LYS A 488 19.62 -1.40 -6.17
N SER A 489 18.50 -1.67 -5.49
CA SER A 489 18.49 -2.59 -4.38
C SER A 489 18.57 -3.98 -4.95
N ILE A 490 18.92 -4.94 -4.11
CA ILE A 490 19.07 -6.33 -4.47
C ILE A 490 18.58 -7.14 -3.31
N LYS A 491 18.12 -8.35 -3.60
CA LYS A 491 17.98 -9.37 -2.54
C LYS A 491 19.38 -9.81 -2.21
N TRP A 492 19.78 -9.62 -0.96
CA TRP A 492 21.18 -9.76 -0.59
C TRP A 492 21.61 -11.18 -0.52
N ALA A 493 20.69 -12.13 -0.41
CA ALA A 493 21.02 -13.56 -0.59
C ALA A 493 21.98 -13.76 -1.79
N GLU A 494 21.71 -13.07 -2.89
CA GLU A 494 22.55 -13.11 -4.09
C GLU A 494 24.04 -12.80 -3.88
N ASP A 495 24.36 -11.92 -2.92
CA ASP A 495 25.75 -11.71 -2.50
C ASP A 495 25.73 -11.13 -1.10
N PRO A 496 25.76 -11.98 -0.04
CA PRO A 496 25.59 -11.45 1.35
C PRO A 496 26.64 -10.39 1.79
N GLN A 497 27.84 -10.43 1.25
CA GLN A 497 28.87 -9.52 1.66
C GLN A 497 28.75 -8.14 0.97
N LYS A 498 27.78 -7.98 0.09
CA LYS A 498 27.38 -6.67 -0.43
C LYS A 498 26.51 -5.88 0.58
N ILE A 499 25.95 -6.53 1.62
CA ILE A 499 25.43 -5.78 2.76
C ILE A 499 26.43 -4.75 3.31
N LYS A 500 27.70 -5.12 3.37
CA LYS A 500 28.76 -4.23 3.88
C LYS A 500 28.77 -2.83 3.27
N ARG A 501 28.35 -2.71 2.03
CA ARG A 501 28.31 -1.43 1.37
C ARG A 501 27.27 -0.52 1.97
N ASP A 502 26.12 -1.07 2.37
CA ASP A 502 25.10 -0.29 3.10
C ASP A 502 25.66 0.19 4.42
N LEU A 503 26.39 -0.69 5.10
CA LEU A 503 26.99 -0.38 6.40
C LEU A 503 28.04 0.72 6.31
N GLU A 504 28.79 0.72 5.23
CA GLU A 504 29.80 1.74 4.99
C GLU A 504 29.15 3.06 4.74
N ALA A 505 28.13 3.04 3.89
CA ALA A 505 27.43 4.26 3.55
C ALA A 505 26.74 4.83 4.82
N LEU A 506 26.20 3.95 5.68
CA LEU A 506 25.65 4.36 6.95
C LEU A 506 26.72 5.10 7.73
N GLY A 507 27.94 4.57 7.68
CA GLY A 507 29.08 5.16 8.37
C GLY A 507 29.33 6.58 7.88
N LEU A 508 29.27 6.77 6.57
CA LEU A 508 29.46 8.11 6.05
C LEU A 508 28.24 8.98 6.44
N LEU A 509 27.06 8.40 6.46
CA LEU A 509 25.87 9.15 6.85
C LEU A 509 25.93 9.60 8.31
N VAL A 510 26.52 8.79 9.16
CA VAL A 510 26.71 9.17 10.56
C VAL A 510 27.50 10.45 10.63
N LEU A 511 28.61 10.51 9.90
CA LEU A 511 29.43 11.71 9.92
C LEU A 511 28.73 12.90 9.29
N TYR A 512 28.12 12.68 8.15
CA TYR A 512 27.39 13.68 7.42
C TYR A 512 26.39 14.39 8.31
N VAL A 513 25.66 13.61 9.08
CA VAL A 513 24.61 14.12 9.93
C VAL A 513 25.18 14.74 11.21
N VAL A 514 26.22 14.13 11.78
CA VAL A 514 26.87 14.74 12.95
C VAL A 514 27.48 16.09 12.62
N LYS A 515 27.96 16.23 11.38
CA LYS A 515 28.51 17.50 10.89
C LYS A 515 27.43 18.44 10.37
N LYS A 516 26.17 18.10 10.59
CA LYS A 516 25.02 18.98 10.33
C LYS A 516 24.89 19.38 8.90
N GLY A 517 25.47 18.58 8.01
CA GLY A 517 25.40 18.88 6.58
C GLY A 517 26.49 19.75 6.04
N ASP A 518 27.41 20.17 6.89
CA ASP A 518 28.46 21.11 6.48
C ASP A 518 29.49 20.47 5.55
N ILE A 519 29.82 19.21 5.76
CA ILE A 519 30.67 18.46 4.86
C ILE A 519 29.76 17.77 3.83
N SER A 520 30.09 17.90 2.55
CA SER A 520 29.34 17.27 1.48
C SER A 520 29.59 15.77 1.50
N PHE A 521 28.62 15.02 0.98
CA PHE A 521 28.71 13.60 0.96
C PHE A 521 29.79 13.15 -0.04
N GLU A 522 29.83 13.85 -1.19
CA GLU A 522 30.93 13.72 -2.18
C GLU A 522 32.28 13.74 -1.49
N THR A 523 32.51 14.81 -0.73
CA THR A 523 33.74 14.95 0.01
C THR A 523 34.02 13.69 0.81
N LEU A 524 33.00 13.25 1.56
CA LEU A 524 33.13 12.11 2.46
C LEU A 524 33.39 10.80 1.78
N LYS A 525 32.87 10.67 0.57
CA LYS A 525 33.05 9.45 -0.23
C LYS A 525 34.48 9.35 -0.76
N ASN A 526 35.11 10.49 -1.03
CA ASN A 526 36.51 10.51 -1.46
C ASN A 526 37.51 10.29 -0.35
N GLN A 527 37.09 10.40 0.90
CA GLN A 527 37.99 10.18 2.00
C GLN A 527 38.19 8.68 2.22
N SER A 528 39.36 8.32 2.78
CA SER A 528 39.65 6.97 3.17
C SER A 528 39.08 6.74 4.56
N PHE A 529 39.00 5.48 4.95
CA PHE A 529 38.42 5.13 6.24
C PHE A 529 39.04 5.97 7.39
N GLU A 530 40.35 6.13 7.36
CA GLU A 530 41.09 6.77 8.44
C GLU A 530 40.86 8.27 8.45
N GLU A 531 40.65 8.84 7.27
CA GLU A 531 40.32 10.25 7.16
C GLU A 531 38.93 10.52 7.74
N VAL A 532 37.98 9.62 7.49
CA VAL A 532 36.62 9.72 8.03
C VAL A 532 36.65 9.67 9.55
N ILE A 533 37.41 8.73 10.08
CA ILE A 533 37.55 8.60 11.52
C ILE A 533 38.15 9.86 12.15
N GLN A 534 39.21 10.38 11.54
CA GLN A 534 39.87 11.60 12.02
C GLN A 534 38.94 12.83 11.94
N GLY A 535 38.08 12.85 10.93
CA GLY A 535 37.09 13.91 10.77
C GLY A 535 35.94 13.88 11.77
N SER A 536 35.82 12.78 12.53
CA SER A 536 34.76 12.62 13.51
C SER A 536 35.03 13.48 14.72
N PRO A 537 34.05 14.28 15.17
CA PRO A 537 34.28 15.17 16.31
C PRO A 537 34.43 14.53 17.69
N ASP A 538 33.99 13.29 17.89
CA ASP A 538 34.09 12.67 19.22
C ASP A 538 34.34 11.17 19.15
N GLU A 539 34.62 10.55 20.29
CA GLU A 539 34.94 9.13 20.38
C GLU A 539 33.78 8.20 20.16
N GLU A 540 32.59 8.62 20.57
CA GLU A 540 31.40 7.84 20.34
C GLU A 540 31.18 7.64 18.84
N THR A 541 31.30 8.72 18.11
CA THR A 541 31.08 8.73 16.69
C THR A 541 32.17 7.92 15.98
N ARG A 542 33.39 8.09 16.45
CA ARG A 542 34.52 7.37 15.92
C ARG A 542 34.29 5.87 16.07
N ASP A 543 34.01 5.45 17.30
CA ASP A 543 33.79 4.03 17.61
C ASP A 543 32.62 3.51 16.77
N LEU A 544 31.52 4.26 16.68
CA LEU A 544 30.34 3.79 15.96
C LEU A 544 30.63 3.54 14.51
N ILE A 545 31.26 4.51 13.87
CA ILE A 545 31.61 4.40 12.45
C ILE A 545 32.56 3.19 12.23
N HIS A 546 33.52 3.04 13.12
CA HIS A 546 34.43 1.95 13.07
C HIS A 546 33.71 0.65 13.05
N HIS A 547 32.76 0.49 13.94
CA HIS A 547 31.97 -0.75 13.99
C HIS A 547 31.11 -0.96 12.80
N LEU A 548 30.83 0.08 12.01
CA LEU A 548 30.07 -0.11 10.79
C LEU A 548 30.97 -0.59 9.63
N PHE A 549 32.21 -0.11 9.59
CA PHE A 549 33.16 -0.54 8.61
C PHE A 549 33.76 -1.88 8.95
N HIS A 550 33.70 -2.30 10.20
CA HIS A 550 34.20 -3.62 10.61
C HIS A 550 33.11 -4.33 11.42
N PRO A 551 32.06 -4.76 10.74
CA PRO A 551 30.91 -5.33 11.45
C PRO A 551 31.12 -6.71 11.99
N GLY A 552 30.13 -7.18 12.76
CA GLY A 552 30.13 -8.51 13.35
C GLY A 552 29.74 -9.62 12.38
N ASP A 553 28.60 -10.26 12.64
CA ASP A 553 28.12 -11.38 11.86
C ASP A 553 26.62 -11.44 11.62
N ASN A 554 25.80 -10.71 12.39
CA ASN A 554 24.34 -10.74 12.24
C ASN A 554 23.76 -9.63 11.33
N VAL A 555 23.50 -10.06 10.10
CA VAL A 555 22.92 -9.25 9.02
C VAL A 555 21.86 -8.25 9.50
N GLU A 556 20.69 -8.77 9.87
CA GLU A 556 19.53 -7.93 10.20
C GLU A 556 19.43 -7.72 11.72
N ASP A 557 20.53 -8.00 12.43
CA ASP A 557 20.62 -7.77 13.85
C ASP A 557 21.77 -6.89 14.28
N ARG A 558 22.90 -6.86 13.59
CA ARG A 558 24.01 -6.00 14.09
C ARG A 558 23.57 -4.55 14.34
N LEU A 559 23.03 -3.95 13.29
CA LEU A 559 22.41 -2.64 13.33
C LEU A 559 21.49 -2.38 14.50
N SER A 560 20.66 -3.34 14.83
CA SER A 560 19.80 -3.24 15.99
C SER A 560 20.60 -3.28 17.29
N SER A 561 21.65 -4.08 17.34
CA SER A 561 22.53 -4.07 18.50
C SER A 561 23.22 -2.74 18.71
N LEU A 562 23.59 -2.07 17.61
CA LEU A 562 24.28 -0.79 17.70
C LEU A 562 23.40 0.35 18.20
N LEU A 563 22.07 0.22 18.20
CA LEU A 563 21.23 1.21 18.85
C LEU A 563 21.47 1.35 20.35
N ALA A 564 22.16 0.37 20.94
CA ALA A 564 22.55 0.42 22.35
C ALA A 564 23.86 1.08 22.60
N HIS A 565 24.49 1.57 21.56
CA HIS A 565 25.85 2.12 21.65
C HIS A 565 25.79 3.53 22.27
N PRO A 566 26.83 3.91 23.01
CA PRO A 566 26.77 5.15 23.70
C PRO A 566 26.57 6.41 22.84
N PHE A 567 26.84 6.32 21.55
CA PHE A 567 26.48 7.38 20.62
C PHE A 567 25.02 7.77 20.74
N PHE A 568 24.15 6.78 20.96
CA PHE A 568 22.75 7.00 21.04
C PHE A 568 22.32 7.35 22.49
N TRP A 569 23.26 7.45 23.44
CA TRP A 569 22.91 7.84 24.79
C TRP A 569 22.96 9.35 24.93
N SER A 570 21.93 9.93 25.56
CA SER A 570 21.95 11.34 25.91
C SER A 570 23.12 11.66 26.82
N TRP A 571 23.55 12.92 26.83
CA TRP A 571 24.56 13.36 27.79
C TRP A 571 24.13 13.12 29.26
N GLU A 572 22.85 13.26 29.56
CA GLU A 572 22.39 12.97 30.91
C GLU A 572 22.55 11.48 31.23
N SER A 573 22.11 10.63 30.31
CA SER A 573 22.28 9.14 30.49
C SER A 573 23.75 8.69 30.66
N ARG A 574 24.66 9.34 29.92
CA ARG A 574 26.08 9.05 30.00
C ARG A 574 26.58 9.35 31.40
N TYR A 575 26.35 10.59 31.83
CA TYR A 575 26.64 11.04 33.20
C TYR A 575 25.97 10.12 34.27
N ARG A 576 24.72 9.81 34.07
CA ARG A 576 23.98 8.88 34.94
C ARG A 576 24.66 7.54 35.06
N THR A 577 25.16 7.02 33.94
CA THR A 577 25.84 5.71 33.96
C THR A 577 27.13 5.77 34.71
N LEU A 578 27.95 6.79 34.45
CA LEU A 578 29.24 6.92 35.12
C LEU A 578 29.01 7.09 36.62
N ARG A 579 27.98 7.86 37.00
CA ARG A 579 27.63 7.99 38.41
C ARG A 579 27.24 6.66 39.04
N ASP A 580 26.41 5.89 38.37
CA ASP A 580 25.92 4.61 38.92
C ASP A 580 27.03 3.59 39.03
N VAL A 581 27.96 3.55 38.07
CA VAL A 581 29.12 2.68 38.18
C VAL A 581 29.93 3.09 39.41
N GLY A 582 30.22 4.37 39.50
CA GLY A 582 30.99 4.92 40.64
C GLY A 582 30.34 4.82 42.03
N ASN A 583 29.15 4.27 42.13
CA ASN A 583 28.49 4.03 43.39
C ASN A 583 28.51 2.54 43.74
N GLU A 584 29.18 1.73 42.93
CA GLU A 584 29.39 0.32 43.28
C GLU A 584 30.25 0.30 44.53
N SER A 585 29.84 -0.50 45.50
CA SER A 585 30.51 -0.60 46.80
C SER A 585 32.03 -0.78 46.68
N ASP A 586 32.44 -1.62 45.74
CA ASP A 586 33.85 -1.96 45.57
C ASP A 586 34.67 -0.83 44.99
N ILE A 587 34.03 0.12 44.30
CA ILE A 587 34.74 1.30 43.86
C ILE A 587 34.88 2.26 45.03
N LYS A 588 33.83 2.36 45.85
CA LYS A 588 33.86 3.28 47.00
C LYS A 588 34.84 2.85 48.07
N THR A 589 34.89 1.55 48.33
CA THR A 589 35.83 0.96 49.30
C THR A 589 37.21 0.67 48.70
N ARG A 590 37.41 1.01 47.43
CA ARG A 590 38.66 0.75 46.71
C ARG A 590 39.16 -0.70 46.79
N ASN A 591 38.23 -1.66 46.81
CA ASN A 591 38.57 -3.08 46.88
C ASN A 591 39.19 -3.57 45.55
N GLN A 592 40.53 -3.53 45.52
CA GLN A 592 41.36 -3.95 44.41
C GLN A 592 41.15 -5.38 43.93
N ASN A 593 40.81 -6.29 44.86
CA ASN A 593 40.32 -7.66 44.56
C ASN A 593 39.15 -7.73 43.60
N SER A 594 38.23 -6.78 43.79
CA SER A 594 36.85 -6.91 43.33
C SER A 594 36.72 -7.17 41.85
N ARG A 595 35.61 -7.79 41.49
CA ARG A 595 35.27 -8.05 40.11
C ARG A 595 35.21 -6.75 39.25
N ILE A 596 34.44 -5.75 39.68
CA ILE A 596 34.35 -4.49 38.93
C ILE A 596 35.72 -3.86 38.62
N LEU A 597 36.60 -3.80 39.62
CA LEU A 597 37.89 -3.14 39.42
C LEU A 597 38.84 -4.00 38.60
N GLN A 598 38.65 -5.31 38.65
CA GLN A 598 39.35 -6.23 37.75
C GLN A 598 38.96 -5.96 36.30
N LEU A 599 37.66 -5.76 36.06
CA LEU A 599 37.17 -5.40 34.74
C LEU A 599 37.61 -4.02 34.30
N LEU A 600 37.83 -3.10 35.23
CA LEU A 600 38.24 -1.75 34.86
C LEU A 600 39.76 -1.55 34.80
N GLN A 601 40.54 -2.50 35.33
CA GLN A 601 42.00 -2.42 35.36
C GLN A 601 42.78 -3.18 34.26
N PRO A 602 42.62 -2.79 33.00
CA PRO A 602 43.39 -3.45 31.96
C PRO A 602 44.84 -2.95 31.87
N SER A 605 47.68 -5.44 28.12
CA SER A 605 48.22 -4.09 27.95
C SER A 605 47.12 -3.07 27.64
N GLU A 606 47.50 -1.83 27.36
CA GLU A 606 46.54 -0.78 27.06
C GLU A 606 47.15 0.34 26.21
N LEU A 607 46.47 1.47 26.17
CA LEU A 607 46.93 2.67 25.51
C LEU A 607 46.68 3.90 26.39
N SER A 608 47.37 4.97 26.05
CA SER A 608 47.36 6.17 26.84
C SER A 608 45.97 6.78 26.81
N THR A 609 45.32 6.82 27.95
CA THR A 609 43.99 7.38 28.02
C THR A 609 44.06 8.77 28.57
N SER A 610 43.14 9.60 28.15
CA SER A 610 43.10 10.96 28.67
C SER A 610 42.80 11.12 30.17
N PHE A 611 42.47 10.05 30.86
CA PHE A 611 42.22 10.13 32.31
C PHE A 611 43.31 9.43 33.11
N ALA A 612 44.45 9.16 32.48
CA ALA A 612 45.64 8.76 33.23
C ALA A 612 46.06 10.03 33.94
N GLN A 613 46.41 9.88 35.21
CA GLN A 613 46.65 11.04 36.06
C GLN A 613 45.62 12.17 35.89
N TRP A 614 44.36 11.83 36.07
CA TRP A 614 43.21 12.72 35.88
C TRP A 614 43.11 13.79 36.96
N THR A 615 43.62 13.46 38.13
CA THR A 615 43.58 14.39 39.26
C THR A 615 44.33 15.68 38.99
N THR A 616 45.29 15.63 38.06
CA THR A 616 46.12 16.78 37.75
C THR A 616 45.53 17.77 36.77
N LYS A 617 44.45 17.43 36.11
CA LYS A 617 43.96 18.28 35.01
C LYS A 617 42.51 18.63 35.25
N ILE A 618 42.07 18.40 36.48
CA ILE A 618 40.78 18.89 36.97
C ILE A 618 41.13 20.05 37.90
N ASP A 619 40.45 21.21 37.77
CA ASP A 619 40.70 22.42 38.57
C ASP A 619 41.05 22.16 40.04
N SER A 620 42.14 22.78 40.49
CA SER A 620 42.74 22.46 41.80
C SER A 620 41.86 22.81 43.02
N PHE A 621 41.00 23.81 42.90
CA PHE A 621 40.08 24.17 43.96
C PHE A 621 39.05 23.06 44.23
N VAL A 622 38.54 22.55 43.13
CA VAL A 622 37.55 21.47 43.12
C VAL A 622 38.21 20.20 43.70
N MET A 623 39.41 19.92 43.20
CA MET A 623 40.18 18.79 43.65
C MET A 623 40.34 18.77 45.18
N GLU A 624 40.70 19.92 45.73
CA GLU A 624 40.91 20.10 47.17
C GLU A 624 39.60 19.99 47.94
N GLU A 625 38.58 20.71 47.50
CA GLU A 625 37.28 20.70 48.18
C GLU A 625 36.69 19.31 48.23
N MET A 626 36.97 18.53 47.18
CA MET A 626 36.44 17.19 47.07
C MET A 626 37.22 16.24 47.93
N ASN A 627 38.52 16.42 48.16
CA ASN A 627 39.17 15.56 49.17
C ASN A 627 38.69 16.07 50.56
N ALA A 628 37.51 15.63 50.98
CA ALA A 628 36.81 16.17 52.19
C ALA A 628 37.01 15.32 53.47
N TYR A 629 38.22 15.36 54.04
CA TYR A 629 38.53 14.65 55.31
C TYR A 629 38.00 15.34 56.53
N LEU A 647 41.47 10.37 50.00
CA LEU A 647 42.64 10.31 49.10
C LEU A 647 42.21 9.83 47.69
N TYR A 648 41.89 10.77 46.78
CA TYR A 648 41.59 10.38 45.38
C TYR A 648 42.87 10.11 44.57
N GLN A 649 43.07 8.84 44.18
CA GLN A 649 44.19 8.42 43.32
C GLN A 649 43.82 8.47 41.84
N ASP A 650 44.83 8.38 40.98
CA ASP A 650 44.62 8.37 39.52
C ASP A 650 44.24 7.02 38.96
N THR A 651 43.29 6.33 39.60
CA THR A 651 42.67 5.17 38.99
C THR A 651 41.37 5.62 38.32
N LEU A 652 40.93 4.82 37.34
CA LEU A 652 39.62 5.00 36.74
C LEU A 652 38.53 4.86 37.81
N GLY A 653 38.67 3.80 38.60
CA GLY A 653 37.84 3.56 39.77
C GLY A 653 37.60 4.83 40.57
N ASP A 654 38.67 5.53 40.89
CA ASP A 654 38.57 6.73 41.71
C ASP A 654 37.94 7.91 40.98
N LEU A 655 38.08 7.93 39.65
CA LEU A 655 37.41 8.93 38.81
C LEU A 655 35.90 8.72 38.82
N LEU A 656 35.49 7.46 38.67
CA LEU A 656 34.09 7.10 38.73
C LEU A 656 33.52 7.47 40.08
N LYS A 657 34.27 7.15 41.13
CA LYS A 657 33.90 7.56 42.49
C LYS A 657 33.74 9.08 42.60
N PHE A 658 34.69 9.78 42.00
CA PHE A 658 34.67 11.26 42.00
C PHE A 658 33.41 11.75 41.32
N ILE A 659 33.06 11.13 40.19
CA ILE A 659 31.93 11.55 39.41
C ILE A 659 30.67 11.31 40.22
N ARG A 660 30.59 10.13 40.83
CA ARG A 660 29.47 9.79 41.69
C ARG A 660 29.23 10.82 42.80
N ASN A 661 30.30 11.13 43.53
CA ASN A 661 30.23 12.04 44.71
C ASN A 661 29.84 13.44 44.30
N LEU A 662 30.46 13.93 43.24
CA LEU A 662 30.11 15.26 42.73
C LEU A 662 28.68 15.28 42.29
N GLY A 663 28.29 14.21 41.58
CA GLY A 663 26.91 14.01 41.20
C GLY A 663 25.95 14.28 42.36
N GLU A 664 26.22 13.64 43.49
CA GLU A 664 25.29 13.73 44.60
C GLU A 664 25.30 15.10 45.31
N HIS A 665 26.46 15.74 45.40
CA HIS A 665 26.62 16.88 46.33
C HIS A 665 26.77 18.22 45.61
N ILE A 666 26.93 18.22 44.29
CA ILE A 666 27.12 19.44 43.51
C ILE A 666 26.14 20.58 43.80
N ASN A 667 24.92 20.24 44.17
CA ASN A 667 23.85 21.23 44.36
C ASN A 667 23.61 21.67 45.79
N GLU A 668 24.39 21.11 46.73
CA GLU A 668 24.39 21.56 48.11
C GLU A 668 25.02 22.94 48.16
N GLN A 669 24.55 23.72 49.11
CA GLN A 669 24.80 25.17 49.13
C GLN A 669 26.27 25.47 49.38
N LYS A 670 26.88 24.64 50.23
CA LYS A 670 28.31 24.70 50.51
C LYS A 670 29.25 24.35 49.33
N ASN A 671 28.71 23.92 48.17
CA ASN A 671 29.50 23.57 47.01
C ASN A 671 29.27 24.51 45.85
N LYS A 672 28.70 25.66 46.15
CA LYS A 672 28.25 26.58 45.11
C LYS A 672 29.39 27.13 44.20
N LYS A 673 30.60 27.21 44.76
CA LYS A 673 31.79 27.68 44.04
C LYS A 673 32.31 26.62 43.05
N MET A 674 32.31 25.37 43.52
CA MET A 674 32.60 24.19 42.71
C MET A 674 31.72 24.20 41.46
N LYS A 675 30.42 24.34 41.71
CA LYS A 675 29.38 24.34 40.68
C LYS A 675 29.64 25.32 39.55
N SER A 676 30.08 26.51 39.89
CA SER A 676 30.36 27.57 38.92
C SER A 676 31.58 27.29 38.08
N ILE A 677 32.60 26.71 38.69
CA ILE A 677 33.81 26.32 37.94
C ILE A 677 33.48 25.23 36.91
N ILE A 678 32.71 24.25 37.34
CA ILE A 678 32.39 23.07 36.55
C ILE A 678 31.34 23.31 35.47
N GLY A 679 30.30 24.05 35.80
CA GLY A 679 29.20 24.23 34.86
C GLY A 679 28.35 22.96 34.85
N GLU A 680 27.81 22.57 33.69
CA GLU A 680 27.00 21.37 33.61
C GLU A 680 27.92 20.11 33.71
N PRO A 681 27.82 19.35 34.82
CA PRO A 681 28.78 18.29 35.06
C PRO A 681 28.94 17.26 33.89
N SER A 682 27.85 16.75 33.33
CA SER A 682 27.99 15.84 32.19
C SER A 682 28.93 16.38 31.13
N GLN A 683 28.65 17.60 30.68
CA GLN A 683 29.48 18.27 29.66
C GLN A 683 30.92 18.41 30.13
N TYR A 684 31.13 18.66 31.42
CA TYR A 684 32.44 18.89 31.98
C TYR A 684 33.34 17.67 31.79
N PHE A 685 32.91 16.55 32.34
CA PHE A 685 33.65 15.31 32.30
C PHE A 685 33.90 14.78 30.90
N GLN A 686 32.89 14.83 30.04
CA GLN A 686 33.08 14.35 28.66
C GLN A 686 34.12 15.19 27.89
N GLU A 687 34.17 16.49 28.19
CA GLU A 687 35.03 17.47 27.49
C GLU A 687 36.48 17.33 28.00
N LYS A 688 36.64 17.28 29.32
CA LYS A 688 37.91 16.98 29.96
C LYS A 688 38.44 15.59 29.64
N PHE A 689 37.55 14.61 29.47
CA PHE A 689 37.92 13.20 29.26
C PHE A 689 37.13 12.54 28.14
N PRO A 690 37.46 12.85 26.86
CA PRO A 690 36.61 12.45 25.75
C PRO A 690 36.48 10.97 25.54
N ASP A 691 37.42 10.19 26.02
CA ASP A 691 37.40 8.73 25.84
C ASP A 691 36.76 7.99 27.00
N LEU A 692 36.36 8.73 28.04
CA LEU A 692 35.91 8.09 29.27
C LEU A 692 34.68 7.18 29.03
N VAL A 693 33.62 7.75 28.47
CA VAL A 693 32.35 7.03 28.31
C VAL A 693 32.57 5.75 27.50
N MET A 694 33.24 5.92 26.37
CA MET A 694 33.61 4.75 25.53
C MET A 694 34.42 3.71 26.23
N TYR A 695 35.44 4.15 27.00
CA TYR A 695 36.28 3.24 27.71
C TYR A 695 35.44 2.37 28.70
N VAL A 696 34.53 3.02 29.43
CA VAL A 696 33.70 2.30 30.39
C VAL A 696 32.75 1.36 29.66
N TYR A 697 32.12 1.84 28.60
CA TYR A 697 31.25 1.00 27.81
C TYR A 697 31.99 -0.26 27.42
N THR A 698 33.16 -0.08 26.83
CA THR A 698 33.96 -1.23 26.38
C THR A 698 34.31 -2.20 27.50
N LYS A 699 34.71 -1.71 28.66
CA LYS A 699 35.06 -2.59 29.74
C LYS A 699 33.90 -3.38 30.33
N LEU A 700 32.69 -2.82 30.32
CA LEU A 700 31.57 -3.45 31.00
C LEU A 700 30.53 -4.05 30.05
N GLN A 701 30.81 -3.93 28.75
CA GLN A 701 29.87 -4.28 27.70
C GLN A 701 29.07 -5.57 27.89
N ASN A 702 29.74 -6.69 28.08
CA ASN A 702 29.02 -7.98 28.15
C ASN A 702 29.12 -8.59 29.55
N THR A 703 29.04 -7.74 30.57
CA THR A 703 29.19 -8.13 31.96
C THR A 703 27.89 -7.85 32.70
N GLU A 704 27.85 -8.24 33.97
CA GLU A 704 26.69 -7.98 34.83
C GLU A 704 26.45 -6.46 34.95
N TYR A 705 27.53 -5.68 34.91
CA TYR A 705 27.47 -4.25 35.15
C TYR A 705 26.94 -3.47 33.94
N MET A 706 26.70 -4.18 32.85
CA MET A 706 25.89 -3.69 31.76
C MET A 706 24.57 -3.09 32.25
N LYS A 707 24.10 -3.55 33.40
CA LYS A 707 22.86 -3.06 34.02
C LYS A 707 22.81 -1.57 34.33
N HIS A 708 23.99 -0.98 34.53
CA HIS A 708 24.15 0.46 34.68
C HIS A 708 24.04 1.32 33.40
N PHE A 709 23.97 0.66 32.27
CA PHE A 709 23.80 1.36 30.99
C PHE A 709 22.36 1.82 30.94
N PRO A 710 22.08 2.85 30.16
CA PRO A 710 20.71 3.37 30.07
C PRO A 710 19.82 2.39 29.34
N LYS A 711 18.54 2.38 29.69
CA LYS A 711 17.60 1.49 29.02
C LYS A 711 17.51 1.84 27.56
N THR A 712 17.76 0.84 26.72
CA THR A 712 17.76 1.02 25.30
C THR A 712 16.54 0.30 24.83
N GLU B 9 -11.91 44.20 -19.26
CA GLU B 9 -12.39 42.83 -19.54
C GLU B 9 -11.49 42.04 -20.47
N GLU B 10 -11.12 42.64 -21.62
CA GLU B 10 -10.24 41.99 -22.60
C GLU B 10 -10.77 40.61 -23.06
N MET B 11 -12.07 40.57 -23.34
CA MET B 11 -12.76 39.31 -23.72
C MET B 11 -12.88 39.18 -25.24
N LEU B 12 -11.75 39.23 -25.93
CA LEU B 12 -11.73 38.93 -27.34
C LEU B 12 -11.90 37.45 -27.40
N THR B 13 -10.91 36.68 -26.97
CA THR B 13 -11.05 35.23 -26.97
C THR B 13 -12.54 34.85 -26.85
N GLN B 14 -13.19 35.27 -25.76
CA GLN B 14 -14.63 35.00 -25.53
C GLN B 14 -15.52 35.00 -26.79
N ALA B 15 -15.32 36.06 -27.58
CA ALA B 15 -16.08 36.27 -28.79
C ALA B 15 -15.80 35.18 -29.81
N VAL B 16 -14.54 34.76 -29.93
CA VAL B 16 -14.14 33.67 -30.81
C VAL B 16 -14.80 32.34 -30.43
N GLN B 17 -15.03 32.14 -29.13
CA GLN B 17 -15.77 30.97 -28.66
C GLN B 17 -17.18 30.96 -29.27
N GLU B 18 -17.87 32.09 -29.12
CA GLU B 18 -19.21 32.27 -29.70
C GLU B 18 -19.19 32.39 -31.23
N ALA B 19 -18.01 32.63 -31.80
CA ALA B 19 -17.74 32.60 -33.24
C ALA B 19 -18.42 33.74 -34.01
N ASP B 20 -18.83 34.79 -33.27
CA ASP B 20 -19.56 35.90 -33.85
C ASP B 20 -18.50 36.91 -34.36
N ILE B 21 -18.38 36.94 -35.69
CA ILE B 21 -17.30 37.64 -36.38
C ILE B 21 -17.38 39.17 -36.24
N GLU B 22 -18.59 39.71 -36.07
CA GLU B 22 -18.75 41.16 -35.98
C GLU B 22 -18.10 41.70 -34.70
N GLN B 23 -18.29 41.01 -33.56
CA GLN B 23 -17.67 41.44 -32.31
C GLN B 23 -16.15 41.27 -32.33
N VAL B 24 -15.66 40.30 -33.12
CA VAL B 24 -14.23 40.06 -33.27
C VAL B 24 -13.61 41.24 -34.00
N ARG B 25 -14.05 41.48 -35.24
CA ARG B 25 -13.60 42.64 -36.05
C ARG B 25 -13.62 43.93 -35.20
N GLN B 26 -14.78 44.22 -34.59
CA GLN B 26 -15.00 45.38 -33.73
C GLN B 26 -13.96 45.57 -32.65
N LEU B 27 -13.37 44.47 -32.19
CA LEU B 27 -12.43 44.48 -31.08
C LEU B 27 -11.04 43.99 -31.50
N LEU B 28 -10.74 43.96 -32.78
CA LEU B 28 -9.37 43.95 -33.29
C LEU B 28 -8.91 45.38 -33.56
N GLU B 29 -9.87 46.30 -33.61
CA GLU B 29 -9.63 47.72 -33.81
C GLU B 29 -10.33 48.51 -32.70
N ARG B 30 -10.29 48.05 -31.45
CA ARG B 30 -10.92 48.81 -30.33
C ARG B 30 -10.12 48.74 -29.05
N ALA B 32 -7.81 44.99 -27.92
CA ALA B 32 -7.20 43.75 -27.41
C ALA B 32 -6.24 43.10 -28.43
N ASP B 33 -5.30 42.32 -27.89
CA ASP B 33 -4.19 41.72 -28.67
C ASP B 33 -4.63 40.40 -29.31
N ALA B 34 -4.22 40.18 -30.56
CA ALA B 34 -4.53 38.94 -31.31
C ALA B 34 -3.63 37.76 -30.95
N ASN B 35 -2.44 38.08 -30.44
CA ASN B 35 -1.53 37.10 -29.91
C ASN B 35 -1.61 36.87 -28.38
N PHE B 36 -2.67 37.36 -27.77
CA PHE B 36 -2.86 37.22 -26.32
C PHE B 36 -3.14 35.76 -26.00
N GLN B 37 -2.28 35.17 -25.17
CA GLN B 37 -2.40 33.80 -24.75
C GLN B 37 -2.91 33.75 -23.32
N GLU B 38 -4.01 33.04 -23.08
CA GLU B 38 -4.49 32.76 -21.72
C GLU B 38 -3.44 31.92 -20.96
N GLU B 39 -3.24 32.27 -19.69
CA GLU B 39 -2.08 31.84 -18.91
C GLU B 39 -2.04 30.36 -18.54
N GLU B 40 -3.23 29.76 -18.37
CA GLU B 40 -3.36 28.36 -17.91
C GLU B 40 -2.72 27.38 -18.92
N TRP B 41 -3.16 27.45 -20.18
CA TRP B 41 -2.74 26.51 -21.22
C TRP B 41 -2.12 27.12 -22.50
N GLY B 42 -2.09 28.45 -22.59
CA GLY B 42 -1.48 29.14 -23.76
C GLY B 42 -2.33 29.24 -25.02
N TRP B 43 -3.65 29.01 -24.90
CA TRP B 43 -4.57 29.12 -26.05
C TRP B 43 -4.67 30.56 -26.54
N SER B 44 -4.36 30.78 -27.83
CA SER B 44 -4.59 32.06 -28.50
C SER B 44 -5.91 32.02 -29.25
N PRO B 45 -6.46 33.19 -29.59
CA PRO B 45 -7.64 33.17 -30.44
C PRO B 45 -7.36 32.49 -31.78
N LEU B 46 -6.14 32.65 -32.28
CA LEU B 46 -5.76 31.95 -33.52
C LEU B 46 -5.77 30.43 -33.37
N HIS B 47 -5.12 29.93 -32.33
CA HIS B 47 -5.22 28.51 -31.94
C HIS B 47 -6.66 28.02 -31.84
N SER B 48 -7.49 28.79 -31.14
CA SER B 48 -8.89 28.46 -30.87
C SER B 48 -9.72 28.45 -32.14
N ALA B 49 -9.45 29.41 -33.02
CA ALA B 49 -10.10 29.52 -34.32
C ALA B 49 -9.93 28.25 -35.13
N VAL B 50 -8.68 27.86 -35.36
CA VAL B 50 -8.35 26.65 -36.13
C VAL B 50 -9.05 25.41 -35.54
N GLN B 51 -8.96 25.26 -34.23
CA GLN B 51 -9.58 24.12 -33.51
C GLN B 51 -11.08 23.94 -33.81
N MET B 52 -11.80 25.04 -33.94
CA MET B 52 -13.25 25.03 -34.19
C MET B 52 -13.60 25.11 -35.68
N ASP B 53 -12.58 25.21 -36.52
CA ASP B 53 -12.72 25.26 -37.98
C ASP B 53 -13.70 26.31 -38.48
N SER B 54 -13.24 27.56 -38.40
CA SER B 54 -13.95 28.71 -38.92
C SER B 54 -12.96 29.48 -39.78
N GLU B 55 -13.04 29.26 -41.09
CA GLU B 55 -12.14 29.90 -42.06
C GLU B 55 -12.22 31.42 -41.99
N ASP B 56 -13.44 31.89 -41.76
CA ASP B 56 -13.75 33.32 -41.62
C ASP B 56 -12.92 33.97 -40.50
N LEU B 57 -12.81 33.29 -39.35
CA LEU B 57 -12.06 33.79 -38.19
C LEU B 57 -10.54 33.70 -38.31
N VAL B 58 -10.04 32.69 -39.05
CA VAL B 58 -8.59 32.54 -39.27
C VAL B 58 -8.12 33.62 -40.24
N ALA B 59 -8.99 33.93 -41.20
CA ALA B 59 -8.76 35.02 -42.14
C ALA B 59 -8.71 36.36 -41.39
N LEU B 60 -9.78 36.67 -40.68
CA LEU B 60 -9.86 37.93 -39.93
C LEU B 60 -8.64 38.14 -39.01
N LEU B 61 -8.24 37.08 -38.30
CA LEU B 61 -7.13 37.18 -37.34
C LEU B 61 -5.78 37.29 -38.02
N LEU B 62 -5.59 36.56 -39.12
CA LEU B 62 -4.36 36.68 -39.93
C LEU B 62 -4.19 38.05 -40.58
N LYS B 63 -5.32 38.71 -40.87
CA LYS B 63 -5.37 40.12 -41.26
C LYS B 63 -5.17 41.10 -40.09
N HIS B 64 -4.74 40.64 -38.92
CA HIS B 64 -4.32 41.51 -37.81
C HIS B 64 -2.98 41.05 -37.23
N GLY B 65 -2.13 40.48 -38.10
CA GLY B 65 -0.76 40.13 -37.80
C GLY B 65 -0.51 38.93 -36.90
N ALA B 66 -1.53 38.12 -36.61
CA ALA B 66 -1.39 37.09 -35.58
C ALA B 66 -0.51 35.93 -36.06
N ASP B 67 0.53 35.65 -35.28
CA ASP B 67 1.57 34.69 -35.66
C ASP B 67 1.02 33.28 -35.67
N PRO B 68 1.18 32.56 -36.80
CA PRO B 68 0.75 31.17 -36.91
C PRO B 68 1.80 30.15 -36.45
N CYS B 69 2.97 30.62 -36.01
CA CYS B 69 3.95 29.77 -35.32
C CYS B 69 4.03 30.06 -33.80
N LEU B 70 3.00 30.72 -33.27
CA LEU B 70 2.84 31.01 -31.84
C LEU B 70 2.51 29.73 -31.05
N ARG B 71 3.37 29.39 -30.08
CA ARG B 71 3.20 28.15 -29.30
C ARG B 71 2.33 28.33 -28.05
N LYS B 72 1.45 27.36 -27.82
CA LYS B 72 0.69 27.24 -26.56
C LYS B 72 1.48 26.24 -25.67
N ARG B 73 0.93 25.92 -24.48
CA ARG B 73 1.72 25.21 -23.45
C ARG B 73 2.44 23.97 -23.90
N ASN B 74 1.80 23.10 -24.68
CA ASN B 74 2.44 21.87 -25.16
C ASN B 74 3.33 22.08 -26.40
N GLY B 75 3.54 23.33 -26.79
CA GLY B 75 4.37 23.65 -27.97
C GLY B 75 3.64 23.58 -29.32
N ALA B 76 2.32 23.72 -29.23
CA ALA B 76 1.47 23.51 -30.40
C ALA B 76 1.24 24.86 -31.10
N THR B 77 1.49 24.91 -32.41
CA THR B 77 1.19 26.08 -33.23
C THR B 77 -0.13 25.83 -33.95
N PRO B 78 -0.88 26.88 -34.26
CA PRO B 78 -2.16 26.67 -34.95
C PRO B 78 -2.01 25.86 -36.24
N PHE B 79 -0.86 25.97 -36.89
CA PHE B 79 -0.50 25.07 -37.97
C PHE B 79 -0.69 23.59 -37.58
N ILE B 80 0.04 23.13 -36.57
CA ILE B 80 -0.02 21.71 -36.15
C ILE B 80 -1.45 21.30 -35.82
N ILE B 81 -2.17 22.18 -35.13
CA ILE B 81 -3.60 21.99 -34.86
C ILE B 81 -4.46 21.88 -36.14
N ALA B 82 -4.05 22.53 -37.23
CA ALA B 82 -4.75 22.39 -38.50
C ALA B 82 -4.74 20.94 -39.03
N GLY B 83 -3.60 20.27 -38.91
CA GLY B 83 -3.48 18.82 -39.15
C GLY B 83 -4.54 17.94 -38.45
N ILE B 84 -4.90 18.32 -37.23
CA ILE B 84 -5.94 17.65 -36.46
C ILE B 84 -7.30 17.96 -37.07
N THR B 85 -7.59 19.25 -37.27
CA THR B 85 -8.86 19.63 -37.84
C THR B 85 -9.03 19.07 -39.25
N GLY B 86 -7.93 18.93 -39.99
CA GLY B 86 -7.92 18.21 -41.26
C GLY B 86 -8.19 19.07 -42.48
N ASN B 87 -8.71 20.29 -42.30
CA ASN B 87 -9.19 21.13 -43.40
C ASN B 87 -7.99 21.69 -44.15
N VAL B 88 -7.99 21.47 -45.46
CA VAL B 88 -6.77 21.68 -46.26
C VAL B 88 -6.59 23.17 -46.55
N ARG B 89 -7.70 23.91 -46.63
CA ARG B 89 -7.63 25.35 -46.91
C ARG B 89 -7.16 26.20 -45.72
N LEU B 90 -7.24 25.66 -44.50
CA LEU B 90 -6.60 26.30 -43.35
C LEU B 90 -5.10 26.12 -43.42
N LEU B 91 -4.69 24.88 -43.71
CA LEU B 91 -3.28 24.56 -43.95
C LEU B 91 -2.66 25.40 -45.06
N GLN B 92 -3.37 25.52 -46.17
CA GLN B 92 -3.00 26.42 -47.28
C GLN B 92 -2.76 27.84 -46.79
N LEU B 93 -3.76 28.39 -46.10
CA LEU B 93 -3.70 29.74 -45.54
C LEU B 93 -2.50 29.98 -44.59
N LEU B 94 -2.11 28.95 -43.83
CA LEU B 94 -1.09 29.07 -42.78
C LEU B 94 0.33 28.69 -43.21
N LEU B 95 0.46 27.87 -44.26
CA LEU B 95 1.76 27.40 -44.73
C LEU B 95 2.76 28.51 -45.13
N PRO B 96 2.29 29.58 -45.79
CA PRO B 96 3.19 30.67 -46.19
C PRO B 96 3.85 31.46 -45.05
N ASN B 97 3.45 31.27 -43.80
CA ASN B 97 4.13 31.88 -42.66
C ASN B 97 4.64 30.82 -41.70
N VAL B 98 5.37 29.85 -42.25
CA VAL B 98 5.89 28.72 -41.50
C VAL B 98 7.33 28.45 -41.97
N GLU B 99 8.29 28.44 -41.06
CA GLU B 99 9.69 28.13 -41.40
C GLU B 99 9.85 26.65 -41.79
N ASP B 100 9.36 25.74 -40.94
CA ASP B 100 9.40 24.30 -41.20
C ASP B 100 7.99 23.73 -41.09
N VAL B 101 7.63 22.84 -42.00
CA VAL B 101 6.35 22.10 -41.98
C VAL B 101 6.43 20.91 -40.99
N ASN B 102 7.67 20.52 -40.67
CA ASN B 102 7.97 19.50 -39.68
C ASN B 102 8.24 20.01 -38.25
N GLU B 103 7.78 21.21 -37.95
CA GLU B 103 7.78 21.74 -36.60
C GLU B 103 6.91 20.87 -35.74
N CYS B 104 7.44 20.49 -34.58
CA CYS B 104 6.71 19.63 -33.63
C CYS B 104 6.49 20.33 -32.31
N ASP B 105 5.37 19.99 -31.65
CA ASP B 105 5.12 20.40 -30.26
C ASP B 105 6.11 19.68 -29.32
N VAL B 106 5.98 19.87 -28.01
CA VAL B 106 7.00 19.38 -27.07
C VAL B 106 7.07 17.84 -26.92
N ASN B 107 6.02 17.13 -27.36
CA ASN B 107 6.02 15.67 -27.37
C ASN B 107 6.41 15.08 -28.71
N GLY B 108 6.78 15.93 -29.66
CA GLY B 108 7.33 15.52 -30.97
C GLY B 108 6.29 15.37 -32.08
N PHE B 109 5.06 15.86 -31.85
CA PHE B 109 3.93 15.73 -32.80
C PHE B 109 3.97 16.82 -33.90
N THR B 110 4.04 16.40 -35.15
CA THR B 110 3.96 17.29 -36.33
C THR B 110 2.54 17.35 -36.85
N ALA B 111 2.25 18.37 -37.64
CA ALA B 111 0.92 18.50 -38.27
C ALA B 111 0.55 17.21 -39.11
N PHE B 112 1.57 16.55 -39.66
CA PHE B 112 1.43 15.33 -40.46
C PHE B 112 1.00 14.15 -39.57
N MET B 113 1.69 13.97 -38.44
CA MET B 113 1.29 12.96 -37.47
C MET B 113 -0.12 13.22 -36.98
N GLU B 114 -0.43 14.48 -36.68
CA GLU B 114 -1.77 14.82 -36.21
C GLU B 114 -2.81 14.53 -37.26
N ALA B 115 -2.42 14.64 -38.53
CA ALA B 115 -3.28 14.26 -39.64
C ALA B 115 -3.47 12.73 -39.68
N ALA B 116 -2.39 11.99 -39.48
CA ALA B 116 -2.45 10.53 -39.37
C ALA B 116 -3.32 10.06 -38.18
N VAL B 117 -3.12 10.69 -37.03
CA VAL B 117 -3.83 10.38 -35.80
C VAL B 117 -5.33 10.55 -35.96
N TYR B 118 -5.76 11.67 -36.55
CA TYR B 118 -7.19 11.95 -36.67
C TYR B 118 -7.79 11.43 -38.00
N GLY B 119 -6.98 10.70 -38.75
CA GLY B 119 -7.40 10.03 -39.96
C GLY B 119 -7.89 10.99 -41.02
N ARG B 120 -7.12 12.06 -41.27
CA ARG B 120 -7.53 13.19 -42.12
C ARG B 120 -6.78 13.07 -43.44
N VAL B 121 -7.41 12.36 -44.38
CA VAL B 121 -6.72 11.79 -45.55
C VAL B 121 -6.23 12.89 -46.49
N GLU B 122 -7.10 13.86 -46.72
CA GLU B 122 -6.86 14.95 -47.68
C GLU B 122 -5.74 15.85 -47.14
N ALA B 123 -5.77 16.12 -45.84
CA ALA B 123 -4.72 16.89 -45.16
C ALA B 123 -3.35 16.17 -45.23
N LEU B 124 -3.39 14.86 -45.16
CA LEU B 124 -2.18 14.06 -45.19
C LEU B 124 -1.47 14.20 -46.53
N ARG B 125 -2.26 14.10 -47.61
CA ARG B 125 -1.77 14.23 -48.98
C ARG B 125 -1.10 15.60 -49.18
N PHE B 126 -1.86 16.65 -48.90
CA PHE B 126 -1.36 18.04 -48.93
C PHE B 126 0.00 18.20 -48.27
N LEU B 127 0.14 17.65 -47.06
CA LEU B 127 1.36 17.78 -46.29
C LEU B 127 2.45 16.90 -46.89
N TYR B 128 2.07 15.80 -47.53
CA TYR B 128 3.05 14.96 -48.21
C TYR B 128 3.73 15.71 -49.35
N GLU B 129 2.91 16.30 -50.23
CA GLU B 129 3.40 17.10 -51.38
C GLU B 129 4.26 18.29 -50.98
N ASN B 130 4.03 18.83 -49.78
CA ASN B 130 4.72 20.03 -49.31
C ASN B 130 5.94 19.77 -48.41
N GLY B 131 6.51 18.56 -48.50
CA GLY B 131 7.79 18.23 -47.88
C GLY B 131 7.75 17.58 -46.50
N ALA B 132 6.56 17.23 -46.01
CA ALA B 132 6.42 16.58 -44.69
C ALA B 132 7.17 15.26 -44.61
N ASP B 133 8.00 15.09 -43.58
CA ASP B 133 8.74 13.85 -43.39
C ASP B 133 7.81 12.77 -42.85
N VAL B 134 7.85 11.62 -43.52
CA VAL B 134 6.89 10.54 -43.34
C VAL B 134 7.41 9.52 -42.35
N ASN B 135 8.74 9.39 -42.26
CA ASN B 135 9.37 8.52 -41.27
C ASN B 135 10.03 9.32 -40.15
N MET B 136 9.36 10.39 -39.73
CA MET B 136 9.78 11.18 -38.61
C MET B 136 9.33 10.44 -37.34
N HIS B 137 10.29 10.19 -36.45
CA HIS B 137 10.03 9.68 -35.10
C HIS B 137 9.84 10.89 -34.19
N ARG B 138 8.91 10.85 -33.23
CA ARG B 138 8.71 11.98 -32.29
C ARG B 138 9.92 12.13 -31.36
N LYS B 139 10.47 13.33 -31.32
CA LYS B 139 11.53 13.69 -30.39
C LYS B 139 10.83 14.41 -29.26
N THR B 140 10.97 13.90 -28.04
CA THR B 140 10.26 14.46 -26.88
C THR B 140 11.29 14.97 -25.88
N LYS B 141 10.82 15.60 -24.81
CA LYS B 141 11.70 16.10 -23.70
C LYS B 141 12.45 14.99 -22.96
N GLN B 142 13.56 15.35 -22.30
CA GLN B 142 14.52 14.34 -21.79
C GLN B 142 13.96 13.41 -20.73
N ASP B 143 13.06 13.94 -19.90
CA ASP B 143 12.34 13.09 -18.94
C ASP B 143 11.66 11.90 -19.60
N GLN B 144 10.91 12.18 -20.67
CA GLN B 144 10.20 11.18 -21.45
C GLN B 144 11.14 10.23 -22.20
N GLU B 145 12.24 10.78 -22.68
CA GLU B 145 13.23 10.00 -23.39
C GLU B 145 13.91 8.98 -22.52
N ARG B 146 14.27 9.39 -21.29
CA ARG B 146 15.06 8.52 -20.42
C ARG B 146 14.28 7.27 -19.96
N ILE B 147 12.95 7.36 -20.04
CA ILE B 147 12.07 6.20 -19.84
C ILE B 147 11.58 5.67 -21.16
N ARG B 148 12.35 5.92 -22.24
CA ARG B 148 12.12 5.30 -23.54
C ARG B 148 10.72 5.50 -24.11
N LYS B 149 10.11 6.64 -23.83
CA LYS B 149 8.86 7.02 -24.49
C LYS B 149 9.24 7.81 -25.76
N GLY B 150 8.29 7.96 -26.67
CA GLY B 150 8.52 8.70 -27.90
C GLY B 150 9.15 7.83 -28.95
N GLY B 151 9.43 8.45 -30.08
CA GLY B 151 9.94 7.77 -31.28
C GLY B 151 8.88 7.13 -32.19
N ALA B 152 7.60 7.47 -31.98
CA ALA B 152 6.51 6.89 -32.75
C ALA B 152 6.31 7.63 -34.04
N THR B 153 5.91 6.92 -35.10
CA THR B 153 5.73 7.49 -36.45
C THR B 153 4.26 7.71 -36.73
N ALA B 154 3.98 8.31 -37.88
CA ALA B 154 2.61 8.50 -38.35
C ALA B 154 1.97 7.16 -38.70
N LEU B 155 2.82 6.24 -39.17
CA LEU B 155 2.35 4.89 -39.48
C LEU B 155 1.76 4.26 -38.22
N MET B 156 2.57 4.21 -37.16
CA MET B 156 2.19 3.67 -35.85
C MET B 156 0.93 4.32 -35.34
N ASP B 157 0.87 5.64 -35.43
CA ASP B 157 -0.34 6.38 -35.01
C ASP B 157 -1.56 5.87 -35.76
N ALA B 158 -1.43 5.79 -37.08
CA ALA B 158 -2.52 5.39 -37.95
C ALA B 158 -2.96 3.96 -37.65
N ALA B 159 -1.99 3.08 -37.45
CA ALA B 159 -2.27 1.69 -37.10
C ALA B 159 -3.06 1.53 -35.78
N GLU B 160 -2.58 2.22 -34.74
CA GLU B 160 -3.21 2.21 -33.41
C GLU B 160 -4.64 2.67 -33.50
N LYS B 161 -4.84 3.79 -34.16
CA LYS B 161 -6.18 4.37 -34.31
C LYS B 161 -7.03 3.54 -35.26
N GLY B 162 -6.39 2.67 -36.04
CA GLY B 162 -7.10 1.72 -36.88
C GLY B 162 -7.63 2.36 -38.17
N HIS B 163 -7.00 3.45 -38.61
CA HIS B 163 -7.40 4.17 -39.81
C HIS B 163 -6.82 3.43 -41.03
N VAL B 164 -7.64 2.56 -41.61
CA VAL B 164 -7.18 1.64 -42.63
C VAL B 164 -6.80 2.45 -43.87
N GLY B 165 -7.63 3.44 -44.19
CA GLY B 165 -7.35 4.38 -45.25
C GLY B 165 -5.92 4.87 -45.18
N VAL B 166 -5.62 5.55 -44.08
CA VAL B 166 -4.37 6.26 -43.94
C VAL B 166 -3.14 5.34 -43.97
N VAL B 167 -3.28 4.13 -43.44
CA VAL B 167 -2.14 3.21 -43.40
C VAL B 167 -1.72 2.86 -44.80
N THR B 168 -2.70 2.48 -45.61
CA THR B 168 -2.49 2.03 -46.97
C THR B 168 -1.85 3.09 -47.83
N ILE B 169 -2.42 4.29 -47.80
CA ILE B 169 -1.83 5.42 -48.51
C ILE B 169 -0.38 5.55 -48.10
N LEU B 170 -0.10 5.53 -46.80
CA LEU B 170 1.24 5.78 -46.25
C LEU B 170 2.27 4.77 -46.72
N LEU B 171 1.86 3.52 -46.74
CA LEU B 171 2.74 2.43 -47.11
C LEU B 171 3.10 2.43 -48.59
N HIS B 172 2.08 2.68 -49.42
CA HIS B 172 2.10 2.51 -50.88
C HIS B 172 2.40 3.80 -51.64
N ALA B 173 1.63 4.86 -51.40
CA ALA B 173 1.92 6.18 -51.98
C ALA B 173 3.17 6.90 -51.40
N MET B 174 3.36 6.87 -50.08
CA MET B 174 4.24 7.83 -49.38
C MET B 174 5.55 7.23 -48.81
N LYS B 175 5.84 5.99 -49.20
CA LYS B 175 7.07 5.27 -48.86
C LYS B 175 7.30 5.12 -47.35
N ALA B 176 6.23 5.02 -46.57
CA ALA B 176 6.36 4.85 -45.13
C ALA B 176 7.22 3.62 -44.82
N GLU B 177 8.12 3.74 -43.85
CA GLU B 177 8.89 2.60 -43.37
C GLU B 177 8.04 1.72 -42.48
N VAL B 178 7.95 0.44 -42.83
CA VAL B 178 7.06 -0.52 -42.15
C VAL B 178 7.65 -1.00 -40.83
N ASP B 179 8.96 -1.26 -40.81
CA ASP B 179 9.62 -1.80 -39.64
C ASP B 179 10.37 -0.72 -38.84
N ALA B 180 9.93 0.53 -38.99
CA ALA B 180 10.27 1.63 -38.10
C ALA B 180 9.84 1.28 -36.67
N ARG B 181 10.76 1.54 -35.73
CA ARG B 181 10.62 1.26 -34.30
C ARG B 181 10.50 2.58 -33.54
N ASP B 182 9.74 2.57 -32.45
CA ASP B 182 9.80 3.68 -31.46
C ASP B 182 10.87 3.36 -30.42
N ASN B 183 11.06 4.25 -29.45
CA ASN B 183 12.16 4.08 -28.47
C ASN B 183 11.97 2.86 -27.59
N MET B 184 10.72 2.45 -27.39
CA MET B 184 10.43 1.19 -26.67
C MET B 184 10.82 -0.04 -27.47
N GLY B 185 10.96 0.08 -28.80
CA GLY B 185 11.35 -1.04 -29.69
C GLY B 185 10.17 -1.68 -30.42
N ARG B 186 9.10 -0.91 -30.52
CA ARG B 186 7.81 -1.41 -30.97
C ARG B 186 7.64 -0.92 -32.38
N ASN B 187 7.06 -1.77 -33.23
CA ASN B 187 6.74 -1.39 -34.61
C ASN B 187 5.22 -1.22 -34.76
N ALA B 188 4.77 -0.86 -35.95
CA ALA B 188 3.37 -0.52 -36.15
C ALA B 188 2.45 -1.72 -35.97
N LEU B 189 3.01 -2.90 -36.18
CA LEU B 189 2.34 -4.16 -36.02
C LEU B 189 1.77 -4.32 -34.58
N VAL B 190 2.64 -4.05 -33.60
CA VAL B 190 2.23 -4.04 -32.19
C VAL B 190 1.09 -3.07 -31.96
N TYR B 191 1.29 -1.83 -32.40
CA TYR B 191 0.26 -0.78 -32.33
C TYR B 191 -1.05 -1.24 -32.97
N ALA B 192 -0.91 -1.91 -34.10
CA ALA B 192 -2.06 -2.35 -34.85
C ALA B 192 -2.90 -3.32 -34.02
N LEU B 193 -2.22 -4.27 -33.39
CA LEU B 193 -2.89 -5.31 -32.61
C LEU B 193 -3.53 -4.84 -31.31
N LEU B 194 -3.26 -3.61 -30.91
CA LEU B 194 -3.84 -3.06 -29.72
C LEU B 194 -5.17 -2.40 -29.98
N ASN B 195 -5.55 -2.23 -31.25
CA ASN B 195 -6.84 -1.59 -31.61
C ASN B 195 -8.01 -2.50 -31.24
N PRO B 196 -9.05 -2.00 -30.57
CA PRO B 196 -10.15 -2.93 -30.18
C PRO B 196 -11.03 -3.45 -31.33
N ASP B 197 -11.05 -2.77 -32.49
CA ASP B 197 -11.87 -3.19 -33.65
C ASP B 197 -11.24 -4.33 -34.45
N ASP B 198 -11.93 -5.44 -34.57
CA ASP B 198 -11.29 -6.65 -35.09
C ASP B 198 -10.97 -6.48 -36.58
N GLY B 199 -11.93 -6.02 -37.37
CA GLY B 199 -11.74 -5.86 -38.82
C GLY B 199 -10.57 -4.96 -39.15
N LYS B 200 -10.67 -3.71 -38.70
CA LYS B 200 -9.59 -2.73 -38.84
C LYS B 200 -8.22 -3.33 -38.47
N ALA B 201 -8.17 -4.03 -37.36
CA ALA B 201 -6.95 -4.62 -36.90
C ALA B 201 -6.47 -5.64 -37.89
N LYS B 202 -7.40 -6.47 -38.38
CA LYS B 202 -7.11 -7.50 -39.38
C LYS B 202 -6.55 -6.88 -40.65
N ALA B 203 -7.26 -5.88 -41.15
CA ALA B 203 -6.86 -5.19 -42.37
C ALA B 203 -5.43 -4.66 -42.26
N ILE B 204 -5.17 -3.99 -41.15
CA ILE B 204 -3.92 -3.25 -40.97
C ILE B 204 -2.75 -4.19 -40.76
N THR B 205 -3.02 -5.29 -40.08
CA THR B 205 -2.01 -6.32 -39.85
C THR B 205 -1.55 -6.88 -41.18
N ARG B 206 -2.52 -7.30 -42.00
CA ARG B 206 -2.28 -7.82 -43.37
C ARG B 206 -1.33 -6.90 -44.16
N LEU B 207 -1.75 -5.64 -44.37
CA LEU B 207 -0.91 -4.64 -45.03
C LEU B 207 0.51 -4.67 -44.46
N LEU B 208 0.61 -4.48 -43.13
CA LEU B 208 1.91 -4.37 -42.48
C LEU B 208 2.74 -5.62 -42.65
N LEU B 209 2.11 -6.78 -42.52
CA LEU B 209 2.81 -8.04 -42.67
C LEU B 209 3.41 -8.20 -44.07
N ASP B 210 2.66 -7.80 -45.10
CA ASP B 210 3.03 -8.03 -46.48
C ASP B 210 4.14 -7.09 -46.94
N HIS B 211 4.26 -5.92 -46.30
CA HIS B 211 5.43 -5.06 -46.56
C HIS B 211 6.67 -5.48 -45.76
N GLY B 212 6.50 -6.44 -44.86
CA GLY B 212 7.60 -7.10 -44.17
C GLY B 212 7.82 -6.63 -42.75
N ALA B 213 6.75 -6.26 -42.04
CA ALA B 213 6.82 -5.89 -40.64
C ALA B 213 7.34 -7.09 -39.83
N ASP B 214 8.34 -6.84 -38.97
CA ASP B 214 8.88 -7.88 -38.11
C ASP B 214 7.76 -8.41 -37.21
N VAL B 215 7.64 -9.72 -37.13
CA VAL B 215 6.57 -10.39 -36.44
C VAL B 215 7.03 -10.92 -35.08
N ASN B 216 8.34 -10.89 -34.85
CA ASN B 216 8.94 -11.22 -33.57
C ASN B 216 9.41 -9.98 -32.81
N VAL B 217 8.65 -8.90 -32.88
CA VAL B 217 8.85 -7.76 -32.01
C VAL B 217 8.27 -8.04 -30.64
N ARG B 218 8.62 -7.20 -29.70
CA ARG B 218 8.08 -7.24 -28.36
C ARG B 218 7.31 -5.96 -28.12
N GLY B 219 6.12 -6.10 -27.54
CA GLY B 219 5.35 -4.95 -27.02
C GLY B 219 5.35 -4.95 -25.50
N GLU B 220 4.39 -4.24 -24.92
CA GLU B 220 4.17 -4.23 -23.47
C GLU B 220 4.19 -5.65 -22.90
N GLY B 221 4.88 -5.82 -21.78
CA GLY B 221 4.87 -7.09 -21.03
C GLY B 221 5.73 -8.16 -21.67
N SER B 222 6.56 -7.73 -22.62
CA SER B 222 7.38 -8.60 -23.44
C SER B 222 6.56 -9.59 -24.29
N LYS B 223 5.35 -9.19 -24.63
CA LYS B 223 4.44 -10.00 -25.44
C LYS B 223 4.80 -9.86 -26.92
N THR B 224 4.81 -10.97 -27.65
CA THR B 224 4.91 -10.96 -29.12
C THR B 224 3.56 -10.57 -29.70
N PRO B 225 3.53 -10.20 -30.98
CA PRO B 225 2.28 -10.07 -31.70
C PRO B 225 1.42 -11.31 -31.64
N LEU B 226 2.05 -12.47 -31.76
CA LEU B 226 1.30 -13.73 -31.68
C LEU B 226 0.51 -13.82 -30.34
N ILE B 227 1.19 -13.55 -29.23
CA ILE B 227 0.56 -13.62 -27.93
C ILE B 227 -0.53 -12.58 -27.79
N LEU B 228 -0.32 -11.39 -28.34
CA LEU B 228 -1.36 -10.36 -28.32
C LEU B 228 -2.62 -10.82 -29.01
N ALA B 229 -2.42 -11.54 -30.10
CA ALA B 229 -3.50 -12.07 -30.88
C ALA B 229 -4.27 -13.14 -30.14
N VAL B 230 -3.55 -14.01 -29.42
CA VAL B 230 -4.21 -15.04 -28.61
C VAL B 230 -5.03 -14.42 -27.48
N GLU B 231 -4.45 -13.46 -26.78
CA GLU B 231 -5.11 -12.74 -25.67
C GLU B 231 -6.33 -11.95 -26.14
N ARG B 232 -6.29 -11.54 -27.39
CA ARG B 232 -7.42 -10.90 -28.07
C ARG B 232 -8.55 -11.92 -28.37
N LYS B 233 -8.16 -13.19 -28.48
CA LYS B 233 -9.07 -14.33 -28.66
C LYS B 233 -9.56 -14.31 -30.09
N ASN B 234 -8.66 -14.24 -31.06
CA ASN B 234 -9.00 -13.97 -32.46
C ASN B 234 -8.25 -14.90 -33.39
N LEU B 235 -8.93 -16.01 -33.75
CA LEU B 235 -8.40 -17.04 -34.64
C LEU B 235 -7.77 -16.47 -35.92
N ASP B 236 -8.48 -15.51 -36.48
CA ASP B 236 -8.12 -14.87 -37.73
C ASP B 236 -6.73 -14.21 -37.67
N LEU B 237 -6.54 -13.33 -36.69
CA LEU B 237 -5.23 -12.70 -36.51
C LEU B 237 -4.12 -13.70 -36.20
N VAL B 238 -4.49 -14.86 -35.65
CA VAL B 238 -3.50 -15.87 -35.30
C VAL B 238 -3.02 -16.60 -36.55
N GLN B 239 -3.99 -16.94 -37.41
CA GLN B 239 -3.67 -17.61 -38.69
C GLN B 239 -2.80 -16.72 -39.58
N MET B 240 -3.22 -15.46 -39.72
CA MET B 240 -2.46 -14.42 -40.43
C MET B 240 -1.01 -14.38 -39.97
N LEU B 241 -0.80 -14.47 -38.67
CA LEU B 241 0.54 -14.38 -38.12
C LEU B 241 1.31 -15.65 -38.31
N LEU B 242 0.61 -16.77 -38.19
CA LEU B 242 1.23 -18.08 -38.42
C LEU B 242 1.46 -18.45 -39.91
N GLU B 243 0.92 -17.65 -40.84
CA GLU B 243 1.24 -17.80 -42.27
C GLU B 243 2.70 -17.47 -42.52
N GLN B 244 3.26 -16.54 -41.76
CA GLN B 244 4.69 -16.24 -41.80
C GLN B 244 5.42 -17.44 -41.21
N GLU B 245 6.51 -17.84 -41.81
CA GLU B 245 7.25 -19.07 -41.45
C GLU B 245 8.40 -18.73 -40.50
N GLN B 246 8.86 -17.47 -40.53
CA GLN B 246 9.96 -17.01 -39.70
C GLN B 246 9.53 -16.67 -38.24
N ILE B 247 8.22 -16.65 -37.99
CA ILE B 247 7.69 -16.41 -36.63
C ILE B 247 8.17 -17.46 -35.64
N GLU B 248 8.43 -17.05 -34.39
CA GLU B 248 8.87 -17.94 -33.31
C GLU B 248 7.67 -18.27 -32.44
N VAL B 249 7.23 -19.53 -32.42
CA VAL B 249 5.94 -19.85 -31.79
C VAL B 249 6.09 -20.08 -30.30
N ASN B 250 7.27 -20.58 -29.93
CA ASN B 250 7.61 -20.78 -28.53
C ASN B 250 8.32 -19.58 -27.88
N ASP B 251 8.04 -18.36 -28.36
CA ASP B 251 8.45 -17.16 -27.65
C ASP B 251 7.58 -17.01 -26.39
N THR B 252 8.19 -16.51 -25.31
CA THR B 252 7.57 -16.35 -23.98
C THR B 252 7.39 -14.88 -23.61
N ASP B 253 6.29 -14.55 -22.94
CA ASP B 253 6.11 -13.21 -22.38
C ASP B 253 6.95 -13.08 -21.10
N ARG B 254 6.87 -11.92 -20.45
CA ARG B 254 7.65 -11.66 -19.25
C ARG B 254 7.39 -12.67 -18.14
N GLU B 255 6.14 -13.05 -17.96
CA GLU B 255 5.78 -14.06 -16.94
C GLU B 255 6.14 -15.51 -17.36
N GLY B 256 6.78 -15.71 -18.50
CA GLY B 256 7.20 -17.03 -18.97
C GLY B 256 6.13 -17.87 -19.66
N LYS B 257 5.01 -17.26 -20.04
CA LYS B 257 3.90 -17.94 -20.67
C LYS B 257 4.09 -17.90 -22.19
N THR B 258 3.80 -19.04 -22.80
CA THR B 258 3.92 -19.21 -24.23
C THR B 258 2.52 -18.99 -24.81
N ALA B 259 2.46 -18.69 -26.10
CA ALA B 259 1.17 -18.42 -26.77
C ALA B 259 0.13 -19.55 -26.60
N LEU B 260 0.61 -20.76 -26.76
CA LEU B 260 -0.16 -21.97 -26.53
C LEU B 260 -0.73 -22.04 -25.12
N LEU B 261 0.14 -21.91 -24.14
CA LEU B 261 -0.23 -21.99 -22.74
C LEU B 261 -1.41 -21.04 -22.52
N LEU B 262 -1.21 -19.79 -22.94
CA LEU B 262 -2.25 -18.81 -22.83
C LEU B 262 -3.54 -19.29 -23.45
N ALA B 263 -3.40 -19.91 -24.62
CA ALA B 263 -4.54 -20.40 -25.37
C ALA B 263 -5.32 -21.45 -24.59
N VAL B 264 -4.61 -22.41 -24.01
CA VAL B 264 -5.27 -23.46 -23.23
C VAL B 264 -5.98 -22.80 -22.06
N GLU B 265 -5.20 -22.01 -21.32
CA GLU B 265 -5.67 -21.27 -20.12
C GLU B 265 -6.95 -20.51 -20.37
N LEU B 266 -7.01 -19.85 -21.54
CA LEU B 266 -8.13 -19.02 -21.95
C LEU B 266 -9.30 -19.79 -22.59
N ARG B 267 -9.13 -21.11 -22.77
CA ARG B 267 -10.23 -21.98 -23.19
C ARG B 267 -10.54 -21.76 -24.69
N LEU B 268 -9.47 -21.74 -25.49
CA LEU B 268 -9.53 -21.45 -26.92
C LEU B 268 -9.08 -22.71 -27.66
N GLU B 269 -10.00 -23.68 -27.75
CA GLU B 269 -9.75 -24.97 -28.37
C GLU B 269 -9.11 -24.79 -29.73
N GLU B 270 -9.76 -24.00 -30.58
CA GLU B 270 -9.38 -23.97 -31.99
C GLU B 270 -7.98 -23.41 -32.17
N ILE B 271 -7.74 -22.32 -31.47
CA ILE B 271 -6.45 -21.65 -31.53
C ILE B 271 -5.35 -22.51 -30.92
N ALA B 272 -5.67 -23.26 -29.87
CA ALA B 272 -4.73 -24.20 -29.26
C ALA B 272 -4.28 -25.27 -30.26
N LYS B 273 -5.27 -25.91 -30.89
CA LYS B 273 -5.05 -26.95 -31.94
C LYS B 273 -4.19 -26.42 -33.05
N LEU B 274 -4.62 -25.30 -33.64
CA LEU B 274 -3.85 -24.60 -34.67
C LEU B 274 -2.40 -24.37 -34.25
N LEU B 275 -2.21 -23.99 -33.00
CA LEU B 275 -0.87 -23.70 -32.49
C LEU B 275 0.00 -24.95 -32.39
N CYS B 276 -0.59 -26.06 -31.95
CA CYS B 276 0.09 -27.36 -31.89
C CYS B 276 0.47 -27.87 -33.27
N HIS B 277 -0.45 -27.68 -34.23
CA HIS B 277 -0.24 -28.05 -35.62
C HIS B 277 0.70 -27.11 -36.35
N ARG B 278 1.37 -26.21 -35.63
CA ARG B 278 2.40 -25.35 -36.20
C ARG B 278 3.72 -25.44 -35.40
N GLY B 279 3.89 -26.53 -34.67
CA GLY B 279 5.09 -26.78 -33.86
C GLY B 279 5.17 -26.09 -32.49
N ALA B 280 4.03 -25.75 -31.90
CA ALA B 280 4.03 -25.16 -30.57
C ALA B 280 4.28 -26.28 -29.56
N SER B 281 5.35 -26.15 -28.77
CA SER B 281 5.68 -27.15 -27.75
C SER B 281 4.63 -27.23 -26.67
N THR B 282 4.46 -28.46 -26.19
CA THR B 282 3.36 -28.83 -25.33
C THR B 282 3.90 -29.01 -23.92
N ASN B 283 5.15 -28.58 -23.70
CA ASN B 283 5.80 -28.68 -22.38
C ASN B 283 6.07 -27.30 -21.80
N CYS B 284 5.21 -26.35 -22.13
CA CYS B 284 5.25 -24.98 -21.62
C CYS B 284 4.32 -24.77 -20.39
N GLY B 285 3.77 -25.87 -19.89
CA GLY B 285 2.75 -25.86 -18.86
C GLY B 285 2.11 -27.23 -18.85
N ASP B 286 1.36 -27.54 -17.80
CA ASP B 286 0.62 -28.81 -17.75
C ASP B 286 -0.75 -28.61 -18.41
N LEU B 287 -0.76 -28.71 -19.74
CA LEU B 287 -1.89 -28.25 -20.54
C LEU B 287 -3.13 -29.10 -20.33
N VAL B 288 -2.93 -30.40 -20.13
CA VAL B 288 -4.02 -31.31 -19.91
C VAL B 288 -4.83 -30.88 -18.68
N ALA B 289 -4.11 -30.80 -17.56
CA ALA B 289 -4.65 -30.31 -16.27
C ALA B 289 -5.46 -29.03 -16.42
N ILE B 290 -4.89 -28.11 -17.19
CA ILE B 290 -5.49 -26.80 -17.42
C ILE B 290 -6.79 -26.90 -18.24
N ALA B 291 -6.74 -27.69 -19.31
CA ALA B 291 -7.92 -27.98 -20.13
C ALA B 291 -8.96 -28.68 -19.30
N ARG B 292 -8.49 -29.67 -18.54
CA ARG B 292 -9.39 -30.44 -17.67
C ARG B 292 -10.15 -29.49 -16.77
N ARG B 293 -9.44 -28.57 -16.13
CA ARG B 293 -10.06 -27.67 -15.14
C ARG B 293 -11.01 -26.72 -15.84
N ASN B 294 -10.71 -26.38 -17.10
CA ASN B 294 -11.60 -25.54 -17.91
C ASN B 294 -12.90 -26.25 -18.35
N TYR B 295 -12.95 -27.57 -18.14
CA TYR B 295 -14.03 -28.45 -18.59
C TYR B 295 -14.03 -28.50 -20.13
N ASP B 296 -12.84 -28.46 -20.73
CA ASP B 296 -12.68 -28.38 -22.17
C ASP B 296 -12.34 -29.81 -22.67
N SER B 297 -13.31 -30.72 -22.52
CA SER B 297 -13.15 -32.15 -22.78
C SER B 297 -12.55 -32.47 -24.11
N ASP B 298 -12.90 -31.75 -25.17
CA ASP B 298 -12.42 -32.05 -26.51
C ASP B 298 -10.94 -31.75 -26.65
N LEU B 299 -10.56 -30.59 -26.12
CA LEU B 299 -9.15 -30.17 -26.11
C LEU B 299 -8.26 -31.06 -25.24
N VAL B 300 -8.84 -31.55 -24.14
CA VAL B 300 -8.19 -32.55 -23.31
C VAL B 300 -7.77 -33.69 -24.21
N LYS B 301 -8.78 -34.35 -24.80
CA LYS B 301 -8.60 -35.45 -25.74
C LYS B 301 -7.51 -35.18 -26.78
N PHE B 302 -7.59 -34.01 -27.43
CA PHE B 302 -6.61 -33.64 -28.45
C PHE B 302 -5.21 -33.58 -27.85
N LEU B 303 -5.12 -32.98 -26.67
CA LEU B 303 -3.82 -32.79 -26.05
C LEU B 303 -3.26 -34.13 -25.59
N ARG B 304 -4.16 -35.03 -25.15
CA ARG B 304 -3.79 -36.40 -24.74
C ARG B 304 -3.29 -37.20 -25.91
N LEU B 305 -3.94 -37.06 -27.05
CA LEU B 305 -3.51 -37.77 -28.27
C LEU B 305 -2.02 -37.51 -28.55
N HIS B 306 -1.61 -36.25 -28.38
CA HIS B 306 -0.21 -35.90 -28.62
C HIS B 306 0.65 -36.23 -27.39
N LYS B 307 0.02 -36.29 -26.22
CA LYS B 307 0.68 -36.63 -24.96
C LYS B 307 1.93 -35.79 -24.72
N ALA B 308 1.78 -34.46 -24.63
CA ALA B 308 2.95 -33.60 -24.35
C ALA B 308 2.86 -32.96 -22.98
N GLY B 309 1.94 -33.45 -22.16
CA GLY B 309 1.85 -33.06 -20.76
C GLY B 309 2.58 -33.98 -19.79
N GLU B 310 3.46 -34.84 -20.29
CA GLU B 310 4.19 -35.80 -19.46
C GLU B 310 5.61 -35.34 -19.23
N ASP B 311 6.06 -34.37 -19.99
CA ASP B 311 7.41 -33.86 -19.85
C ASP B 311 7.35 -32.39 -19.45
N PHE B 312 7.04 -32.15 -18.18
CA PHE B 312 7.02 -30.81 -17.63
C PHE B 312 6.91 -30.95 -16.12
N ARG B 313 7.94 -30.47 -15.44
CA ARG B 313 7.96 -30.53 -13.98
C ARG B 313 7.40 -29.22 -13.44
N PRO B 314 6.36 -29.32 -12.60
CA PRO B 314 5.92 -28.13 -11.89
C PRO B 314 7.03 -27.63 -10.96
N PRO B 315 7.23 -26.30 -10.88
CA PRO B 315 8.18 -25.75 -9.88
C PRO B 315 7.91 -26.23 -8.44
N ALA B 316 8.99 -26.52 -7.74
CA ALA B 316 8.90 -27.20 -6.43
C ALA B 316 8.47 -26.39 -5.21
N GLU B 317 8.22 -25.09 -5.38
CA GLU B 317 7.68 -24.13 -4.34
C GLU B 317 8.46 -23.43 -3.20
N ASN B 318 9.48 -22.68 -3.54
CA ASN B 318 10.23 -21.88 -2.57
C ASN B 318 9.63 -20.70 -1.76
N TRP B 319 8.45 -20.19 -2.11
CA TRP B 319 7.86 -19.06 -1.38
C TRP B 319 7.68 -19.45 0.08
N LYS B 320 8.15 -18.61 0.98
CA LYS B 320 8.11 -18.94 2.39
C LYS B 320 7.09 -17.99 3.04
N PRO B 321 6.04 -18.54 3.61
CA PRO B 321 5.20 -17.59 4.36
C PRO B 321 5.93 -17.04 5.61
N GLN B 322 5.49 -15.90 6.09
CA GLN B 322 6.04 -15.28 7.31
C GLN B 322 5.23 -15.68 8.52
N SER B 323 3.94 -15.52 8.46
CA SER B 323 3.08 -15.95 9.56
C SER B 323 3.29 -17.42 9.91
N SER B 324 3.29 -17.69 11.20
CA SER B 324 3.47 -18.99 11.74
C SER B 324 2.12 -19.65 11.94
N ARG B 325 1.22 -18.94 12.59
CA ARG B 325 -0.16 -19.39 12.76
C ARG B 325 -0.84 -19.73 11.44
N TRP B 326 -0.67 -18.86 10.45
CA TRP B 326 -1.36 -18.99 9.17
C TRP B 326 -0.47 -19.62 8.07
N GLY B 327 0.79 -19.92 8.39
CA GLY B 327 1.76 -20.44 7.46
C GLY B 327 1.30 -21.58 6.54
N GLU B 328 0.87 -22.66 7.18
CA GLU B 328 0.48 -23.86 6.49
C GLU B 328 -0.60 -23.62 5.43
N ALA B 329 -1.66 -22.90 5.82
CA ALA B 329 -2.75 -22.59 4.89
C ALA B 329 -2.30 -21.65 3.78
N LEU B 330 -1.43 -20.69 4.12
CA LEU B 330 -0.88 -19.77 3.14
C LEU B 330 -0.09 -20.55 2.10
N LYS B 331 0.67 -21.53 2.54
CA LYS B 331 1.40 -22.39 1.61
C LYS B 331 0.44 -23.10 0.63
N HIS B 332 -0.61 -23.68 1.15
CA HIS B 332 -1.64 -24.31 0.29
C HIS B 332 -2.23 -23.28 -0.70
N LEU B 333 -2.67 -22.13 -0.21
CA LEU B 333 -3.21 -21.09 -1.08
C LEU B 333 -2.24 -20.68 -2.22
N HIS B 334 -0.96 -20.55 -1.88
CA HIS B 334 0.07 -20.24 -2.90
C HIS B 334 0.20 -21.36 -3.93
N ARG B 335 0.07 -22.59 -3.48
CA ARG B 335 0.21 -23.78 -4.27
C ARG B 335 -0.90 -23.96 -5.29
N ILE B 336 -2.15 -23.78 -4.87
CA ILE B 336 -3.28 -24.07 -5.75
C ILE B 336 -3.45 -23.03 -6.87
N TRP B 337 -4.30 -23.35 -7.84
CA TRP B 337 -4.59 -22.45 -8.92
C TRP B 337 -5.84 -21.68 -8.54
N ARG B 338 -5.76 -20.36 -8.72
CA ARG B 338 -6.89 -19.49 -8.60
C ARG B 338 -6.77 -18.41 -9.67
N PRO B 339 -7.90 -17.90 -10.15
CA PRO B 339 -7.87 -16.71 -10.97
C PRO B 339 -7.63 -15.51 -10.09
N MET B 340 -7.10 -14.44 -10.65
CA MET B 340 -6.79 -13.25 -9.91
C MET B 340 -7.98 -12.31 -9.95
N ILE B 341 -8.18 -11.56 -8.88
CA ILE B 341 -9.02 -10.39 -8.91
C ILE B 341 -8.05 -9.21 -8.83
N GLY B 342 -7.57 -8.76 -9.97
CA GLY B 342 -6.52 -7.75 -10.03
C GLY B 342 -5.23 -8.31 -9.47
N LYS B 343 -4.74 -7.72 -8.38
CA LYS B 343 -3.54 -8.18 -7.69
C LYS B 343 -3.77 -9.17 -6.58
N LEU B 344 -5.03 -9.60 -6.39
CA LEU B 344 -5.42 -10.44 -5.24
C LEU B 344 -5.73 -11.84 -5.64
N LYS B 345 -5.06 -12.77 -4.99
CA LYS B 345 -5.36 -14.20 -5.11
C LYS B 345 -6.07 -14.63 -3.81
N ILE B 346 -7.26 -15.19 -3.96
CA ILE B 346 -8.08 -15.57 -2.82
C ILE B 346 -8.95 -16.77 -3.16
N PHE B 347 -9.31 -17.54 -2.14
CA PHE B 347 -10.19 -18.65 -2.31
C PHE B 347 -11.14 -18.72 -1.12
N ILE B 348 -12.42 -18.62 -1.39
CA ILE B 348 -13.41 -18.63 -0.33
C ILE B 348 -13.72 -20.07 0.10
N ASP B 349 -13.06 -20.49 1.16
CA ASP B 349 -13.17 -21.84 1.75
C ASP B 349 -12.86 -21.73 3.25
N GLU B 350 -13.47 -22.58 4.07
CA GLU B 350 -13.24 -22.53 5.51
C GLU B 350 -11.76 -22.69 5.87
N GLU B 351 -11.00 -23.46 5.11
CA GLU B 351 -9.58 -23.65 5.36
C GLU B 351 -8.80 -22.33 5.44
N TYR B 352 -9.19 -21.33 4.65
CA TYR B 352 -8.50 -20.07 4.54
C TYR B 352 -9.22 -18.93 5.31
N LYS B 353 -10.18 -19.26 6.18
CA LYS B 353 -11.00 -18.25 6.82
C LYS B 353 -10.38 -17.86 8.13
N ILE B 354 -10.28 -16.57 8.41
CA ILE B 354 -9.64 -16.08 9.63
C ILE B 354 -10.69 -15.81 10.66
N ALA B 355 -11.82 -15.24 10.21
CA ALA B 355 -12.89 -14.82 11.11
C ALA B 355 -14.16 -14.42 10.36
N ASP B 356 -15.26 -14.33 11.13
CA ASP B 356 -16.56 -13.87 10.61
C ASP B 356 -16.73 -12.39 10.86
N THR B 357 -17.51 -11.74 10.01
CA THR B 357 -17.83 -10.31 10.18
C THR B 357 -19.27 -10.04 9.81
N ALA B 358 -19.72 -8.85 10.15
CA ALA B 358 -21.10 -8.43 9.82
C ALA B 358 -21.38 -8.43 8.30
N GLU B 359 -20.30 -8.37 7.51
CA GLU B 359 -20.33 -8.54 6.07
C GLU B 359 -19.12 -9.34 5.59
N GLY B 360 -19.33 -10.56 5.11
CA GLY B 360 -18.37 -11.15 4.12
C GLY B 360 -17.26 -12.02 4.66
N GLY B 361 -16.83 -11.73 5.90
CA GLY B 361 -15.77 -12.47 6.58
C GLY B 361 -14.37 -12.00 6.24
N ILE B 362 -13.40 -12.57 6.95
CA ILE B 362 -11.99 -12.22 6.79
C ILE B 362 -11.28 -13.47 6.33
N TYR B 363 -10.63 -13.41 5.18
CA TYR B 363 -9.96 -14.58 4.59
C TYR B 363 -8.51 -14.26 4.30
N LEU B 364 -7.67 -15.28 4.34
CA LEU B 364 -6.30 -15.17 3.90
C LEU B 364 -6.27 -14.87 2.43
N GLY B 365 -5.28 -14.11 2.00
CA GLY B 365 -5.10 -13.81 0.58
C GLY B 365 -3.62 -13.60 0.24
N LEU B 366 -3.35 -13.49 -1.04
CA LEU B 366 -2.04 -13.11 -1.52
C LEU B 366 -2.22 -11.91 -2.45
N TYR B 367 -1.55 -10.81 -2.14
CA TYR B 367 -1.68 -9.53 -2.84
C TYR B 367 -0.31 -9.15 -3.29
N GLU B 368 -0.10 -9.06 -4.60
CA GLU B 368 1.24 -8.89 -5.17
C GLU B 368 2.18 -9.90 -4.50
N ASP B 369 1.69 -11.13 -4.31
CA ASP B 369 2.43 -12.21 -3.68
C ASP B 369 2.81 -12.04 -2.21
N GLN B 370 2.26 -11.01 -1.57
CA GLN B 370 2.40 -10.77 -0.12
C GLN B 370 1.17 -11.35 0.57
N GLU B 371 1.36 -12.03 1.69
CA GLU B 371 0.28 -12.56 2.50
C GLU B 371 -0.51 -11.43 3.18
N VAL B 372 -1.83 -11.52 3.14
CA VAL B 372 -2.72 -10.51 3.65
C VAL B 372 -3.98 -11.11 4.23
N ALA B 373 -4.63 -10.36 5.12
CA ALA B 373 -6.00 -10.63 5.52
C ALA B 373 -6.86 -9.79 4.60
N VAL B 374 -7.96 -10.36 4.17
CA VAL B 374 -8.85 -9.75 3.18
C VAL B 374 -10.21 -9.59 3.80
N LYS B 375 -10.61 -8.34 4.02
CA LYS B 375 -11.93 -8.06 4.58
C LYS B 375 -12.84 -7.77 3.41
N ARG B 376 -13.99 -8.42 3.35
CA ARG B 376 -14.89 -8.39 2.18
C ARG B 376 -16.14 -7.60 2.45
N PHE B 377 -16.53 -6.75 1.49
CA PHE B 377 -17.81 -6.03 1.56
C PHE B 377 -18.52 -6.16 0.19
N SER B 378 -19.86 -6.10 0.18
CA SER B 378 -20.61 -5.84 -1.08
C SER B 378 -20.09 -4.54 -1.67
N GLU B 379 -19.90 -4.52 -2.98
CA GLU B 379 -19.29 -3.36 -3.61
C GLU B 379 -20.13 -2.12 -3.41
N GLY B 380 -21.43 -2.28 -3.15
CA GLY B 380 -22.27 -1.13 -2.81
C GLY B 380 -21.92 -0.46 -1.48
N SER B 381 -21.66 -1.31 -0.49
CA SER B 381 -21.59 -0.97 0.95
C SER B 381 -21.11 0.42 1.34
N THR B 382 -21.91 1.10 2.14
CA THR B 382 -21.52 2.31 2.84
C THR B 382 -20.37 2.01 3.82
N ARG B 383 -20.49 0.89 4.52
CA ARG B 383 -19.45 0.48 5.46
C ARG B 383 -18.07 0.21 4.79
N GLY B 384 -18.06 -0.57 3.72
CA GLY B 384 -16.88 -0.80 2.91
C GLY B 384 -16.28 0.52 2.43
N GLN B 385 -17.12 1.48 2.09
CA GLN B 385 -16.60 2.77 1.63
C GLN B 385 -15.97 3.53 2.76
N GLN B 386 -16.60 3.52 3.93
CA GLN B 386 -15.99 4.16 5.10
C GLN B 386 -14.62 3.59 5.45
N GLU B 387 -14.52 2.26 5.40
CA GLU B 387 -13.30 1.54 5.73
C GLU B 387 -12.19 1.97 4.81
N VAL B 388 -12.43 1.77 3.52
CA VAL B 388 -11.43 2.11 2.51
C VAL B 388 -11.06 3.58 2.58
N SER B 389 -12.03 4.44 2.84
CA SER B 389 -11.76 5.87 2.95
C SER B 389 -10.79 6.20 4.05
N CYS B 390 -11.05 5.66 5.24
CA CYS B 390 -10.23 5.90 6.43
C CYS B 390 -8.86 5.26 6.30
N LEU B 391 -8.80 4.04 5.81
CA LEU B 391 -7.53 3.38 5.55
C LEU B 391 -6.64 4.16 4.59
N GLN B 392 -7.20 4.61 3.47
CA GLN B 392 -6.50 5.50 2.50
C GLN B 392 -5.90 6.76 3.07
N SER B 393 -6.45 7.27 4.17
CA SER B 393 -5.89 8.40 4.92
C SER B 393 -4.95 8.01 6.07
N SER B 394 -4.71 6.72 6.26
CA SER B 394 -4.04 6.24 7.47
C SER B 394 -2.67 5.63 7.21
N ARG B 395 -2.21 5.71 5.98
CA ARG B 395 -1.03 4.93 5.57
C ARG B 395 0.23 5.36 6.30
N ALA B 396 0.29 6.62 6.76
CA ALA B 396 1.34 7.12 7.62
C ALA B 396 1.25 6.71 9.08
N ASN B 397 0.09 6.28 9.52
CA ASN B 397 -0.13 5.94 10.91
C ASN B 397 0.45 4.56 11.13
N ASP B 398 1.58 4.51 11.83
CA ASP B 398 2.33 3.28 12.06
C ASP B 398 1.64 2.27 12.94
N ASN B 399 0.67 2.69 13.75
CA ASN B 399 -0.04 1.77 14.63
C ASN B 399 -1.44 1.47 14.15
N VAL B 400 -1.65 1.67 12.85
CA VAL B 400 -2.85 1.22 12.18
C VAL B 400 -2.42 0.10 11.25
N VAL B 401 -3.25 -0.93 11.16
CA VAL B 401 -2.91 -2.09 10.40
C VAL B 401 -2.63 -1.65 8.98
N THR B 402 -1.57 -2.15 8.39
CA THR B 402 -1.14 -1.68 7.07
C THR B 402 -2.13 -2.00 5.99
N PHE B 403 -2.43 -1.01 5.16
CA PHE B 403 -3.38 -1.17 4.06
C PHE B 403 -2.66 -1.41 2.72
N TYR B 404 -2.88 -2.56 2.12
CA TYR B 404 -2.18 -2.91 0.89
C TYR B 404 -2.92 -2.31 -0.29
N GLY B 405 -4.23 -2.51 -0.31
CA GLY B 405 -5.08 -1.95 -1.34
C GLY B 405 -6.40 -2.68 -1.37
N SER B 406 -7.30 -2.21 -2.23
CA SER B 406 -8.58 -2.82 -2.46
C SER B 406 -8.73 -3.27 -3.90
N GLU B 407 -9.33 -4.44 -4.11
CA GLU B 407 -9.61 -4.96 -5.46
C GLU B 407 -11.08 -5.19 -5.68
N SER B 408 -11.75 -4.53 -6.59
CA SER B 408 -13.14 -4.91 -6.80
C SER B 408 -13.27 -5.98 -7.88
N ASP B 409 -14.11 -6.97 -7.63
CA ASP B 409 -14.52 -7.92 -8.69
C ASP B 409 -15.84 -7.42 -9.28
N GLY B 410 -16.64 -8.26 -9.93
CA GLY B 410 -18.00 -7.82 -10.29
C GLY B 410 -18.76 -7.11 -9.15
N SER B 411 -18.82 -7.74 -8.00
CA SER B 411 -19.78 -7.40 -6.99
C SER B 411 -19.27 -7.52 -5.57
N CYS B 412 -17.98 -7.34 -5.35
CA CYS B 412 -17.42 -7.49 -4.00
C CYS B 412 -16.18 -6.65 -3.81
N LEU B 413 -16.13 -5.90 -2.73
CA LEU B 413 -15.01 -5.05 -2.43
C LEU B 413 -14.10 -5.83 -1.51
N HIS B 414 -12.91 -6.19 -1.99
CA HIS B 414 -11.92 -6.85 -1.17
C HIS B 414 -10.96 -5.82 -0.67
N VAL B 415 -10.89 -5.69 0.65
CA VAL B 415 -9.93 -4.80 1.33
C VAL B 415 -8.80 -5.63 1.90
N CYS B 416 -7.58 -5.36 1.49
CA CYS B 416 -6.41 -6.20 1.87
C CYS B 416 -5.56 -5.50 2.88
N LEU B 417 -5.29 -6.19 3.96
CA LEU B 417 -4.65 -5.62 5.13
C LEU B 417 -3.55 -6.54 5.54
N ALA B 418 -2.62 -6.01 6.31
CA ALA B 418 -1.53 -6.82 6.87
C ALA B 418 -2.13 -7.94 7.68
N LEU B 419 -1.53 -9.12 7.57
CA LEU B 419 -1.96 -10.27 8.32
C LEU B 419 -1.30 -10.21 9.71
N CYS B 420 -2.08 -10.33 10.77
CA CYS B 420 -1.56 -10.35 12.08
C CYS B 420 -1.78 -11.75 12.67
N GLU B 421 -1.01 -12.11 13.71
CA GLU B 421 -1.13 -13.45 14.32
C GLU B 421 -2.38 -13.49 15.13
N TYR B 422 -2.47 -12.63 16.14
CA TYR B 422 -3.52 -12.70 17.15
C TYR B 422 -4.30 -11.43 17.32
N THR B 423 -5.53 -11.62 17.77
CA THR B 423 -6.34 -10.55 18.38
C THR B 423 -5.76 -10.17 19.73
N LEU B 424 -6.07 -8.98 20.23
CA LEU B 424 -5.61 -8.61 21.55
C LEU B 424 -6.06 -9.66 22.58
N GLN B 425 -7.36 -9.97 22.58
CA GLN B 425 -7.97 -11.04 23.45
C GLN B 425 -7.17 -12.34 23.40
N GLU B 426 -6.86 -12.83 22.20
CA GLU B 426 -6.14 -14.10 22.10
C GLU B 426 -4.77 -13.97 22.73
N HIS B 427 -4.13 -12.85 22.38
CA HIS B 427 -2.78 -12.59 22.79
C HIS B 427 -2.63 -12.55 24.30
N LEU B 428 -3.58 -11.88 24.98
CA LEU B 428 -3.56 -11.77 26.44
C LEU B 428 -3.74 -13.12 27.09
N ALA B 429 -4.62 -13.94 26.52
CA ALA B 429 -4.78 -15.30 26.99
C ALA B 429 -3.45 -16.12 26.83
N ASN B 430 -2.85 -16.10 25.65
CA ASN B 430 -1.60 -16.88 25.46
C ASN B 430 -0.48 -16.46 26.40
N HIS B 431 -0.45 -15.19 26.78
CA HIS B 431 0.68 -14.62 27.54
C HIS B 431 0.30 -14.31 28.99
N ARG B 432 -0.80 -14.93 29.45
CA ARG B 432 -1.35 -14.67 30.80
C ARG B 432 -0.44 -15.15 31.92
N GLY B 433 0.36 -16.20 31.69
CA GLY B 433 1.26 -16.70 32.72
C GLY B 433 2.66 -16.12 32.74
N ASP B 434 2.91 -15.07 31.97
CA ASP B 434 4.29 -14.63 31.68
C ASP B 434 4.96 -13.84 32.79
N ALA B 435 4.20 -13.03 33.50
CA ALA B 435 4.70 -12.41 34.74
C ALA B 435 4.11 -13.15 35.94
N VAL B 436 4.93 -13.44 36.95
CA VAL B 436 4.39 -13.79 38.27
C VAL B 436 3.51 -12.64 38.78
N PRO B 437 2.47 -12.92 39.57
CA PRO B 437 1.56 -11.91 40.15
C PRO B 437 2.15 -10.61 40.65
N ASN B 438 3.26 -10.64 41.40
CA ASN B 438 3.89 -9.39 41.88
C ASN B 438 5.15 -9.07 41.07
N GLU B 439 4.88 -8.62 39.84
CA GLU B 439 5.90 -8.23 38.88
C GLU B 439 5.30 -7.21 37.87
N GLU B 440 6.18 -6.35 37.38
CA GLU B 440 5.85 -5.22 36.56
C GLU B 440 5.34 -5.66 35.22
N ASP B 441 4.25 -5.06 34.75
CA ASP B 441 3.60 -5.37 33.46
C ASP B 441 3.99 -4.37 32.37
N GLU B 442 5.19 -4.59 31.86
CA GLU B 442 5.79 -3.84 30.73
C GLU B 442 4.88 -3.92 29.49
N SER B 443 4.32 -5.10 29.30
CA SER B 443 3.55 -5.39 28.10
C SER B 443 2.32 -4.47 27.99
N ALA B 444 1.66 -4.22 29.10
CA ALA B 444 0.44 -3.40 29.14
C ALA B 444 0.76 -1.97 28.70
N ARG B 445 1.88 -1.47 29.15
CA ARG B 445 2.34 -0.17 28.73
C ARG B 445 2.56 -0.10 27.22
N ASN B 446 3.21 -1.14 26.66
CA ASN B 446 3.53 -1.08 25.23
C ASN B 446 2.27 -1.10 24.43
N ILE B 447 1.41 -2.03 24.74
CA ILE B 447 0.12 -2.13 24.07
C ILE B 447 -0.64 -0.79 24.13
N LEU B 448 -0.74 -0.21 25.33
CA LEU B 448 -1.59 0.96 25.50
C LEU B 448 -0.96 2.21 24.89
N SER B 449 0.35 2.31 24.95
CA SER B 449 0.99 3.48 24.33
C SER B 449 0.81 3.43 22.81
N SER B 450 0.90 2.24 22.20
CA SER B 450 0.65 2.12 20.79
C SER B 450 -0.76 2.53 20.43
N LEU B 451 -1.74 2.09 21.21
CA LEU B 451 -3.13 2.53 20.97
C LEU B 451 -3.33 4.04 21.10
N PHE B 452 -2.68 4.64 22.10
CA PHE B 452 -2.77 6.08 22.29
C PHE B 452 -2.21 6.81 21.06
N LYS B 453 -1.07 6.35 20.59
CA LYS B 453 -0.50 6.88 19.37
C LYS B 453 -1.44 6.65 18.19
N ALA B 454 -1.94 5.43 18.05
CA ALA B 454 -2.78 5.14 16.89
C ALA B 454 -4.02 6.02 16.82
N ILE B 455 -4.72 6.13 17.94
CA ILE B 455 -5.97 6.88 17.97
C ILE B 455 -5.68 8.37 17.84
N GLY B 456 -4.58 8.79 18.46
CA GLY B 456 -4.12 10.18 18.37
C GLY B 456 -3.91 10.58 16.95
N GLU B 457 -3.17 9.73 16.22
CA GLU B 457 -2.86 9.99 14.83
C GLU B 457 -4.10 9.87 13.96
N LEU B 458 -4.97 8.92 14.27
CA LEU B 458 -6.21 8.78 13.52
C LEU B 458 -7.04 10.07 13.65
N HIS B 459 -7.14 10.62 14.87
CA HIS B 459 -7.82 11.90 15.06
C HIS B 459 -7.14 13.04 14.25
N ARG B 460 -5.83 13.19 14.38
CA ARG B 460 -5.06 14.14 13.53
C ARG B 460 -5.41 13.97 12.04
N SER B 461 -5.72 12.75 11.59
CA SER B 461 -6.08 12.48 10.20
C SER B 461 -7.52 12.91 9.87
N GLY B 462 -8.26 13.36 10.87
CA GLY B 462 -9.65 13.73 10.71
C GLY B 462 -10.67 12.61 10.89
N TYR B 463 -10.27 11.48 11.47
CA TYR B 463 -11.16 10.33 11.63
C TYR B 463 -11.31 9.94 13.09
N SER B 464 -12.47 9.41 13.44
CA SER B 464 -12.73 8.79 14.74
C SER B 464 -13.24 7.39 14.51
N HIS B 465 -12.78 6.47 15.33
CA HIS B 465 -13.04 5.04 15.08
C HIS B 465 -14.48 4.61 15.36
N GLN B 466 -14.99 5.02 16.51
CA GLN B 466 -16.39 4.82 16.96
C GLN B 466 -16.75 3.45 17.48
N ASP B 467 -15.83 2.50 17.51
CA ASP B 467 -16.14 1.14 17.96
C ASP B 467 -14.90 0.48 18.53
N LEU B 468 -14.12 1.21 19.31
CA LEU B 468 -12.90 0.64 19.85
C LEU B 468 -13.23 -0.50 20.80
N GLN B 469 -12.70 -1.68 20.54
CA GLN B 469 -12.83 -2.83 21.43
C GLN B 469 -11.78 -3.87 21.11
N PRO B 470 -11.61 -4.86 22.00
CA PRO B 470 -10.44 -5.73 21.88
C PRO B 470 -10.36 -6.61 20.65
N GLN B 471 -11.49 -6.86 20.01
CA GLN B 471 -11.54 -7.62 18.79
C GLN B 471 -10.95 -6.83 17.58
N ASN B 472 -10.99 -5.50 17.67
CA ASN B 472 -10.48 -4.58 16.68
C ASN B 472 -9.01 -4.24 16.86
N ILE B 473 -8.32 -4.91 17.76
CA ILE B 473 -6.94 -4.64 18.08
C ILE B 473 -6.12 -5.92 17.80
N LEU B 474 -5.12 -5.83 16.95
CA LEU B 474 -4.40 -7.01 16.46
C LEU B 474 -2.95 -6.96 16.83
N ILE B 475 -2.39 -8.12 17.09
CA ILE B 475 -0.96 -8.19 17.47
C ILE B 475 -0.20 -8.97 16.39
N ASP B 476 0.91 -8.42 15.93
CA ASP B 476 1.68 -9.05 14.87
C ASP B 476 2.68 -10.03 15.47
N SER B 477 3.45 -10.71 14.61
CA SER B 477 4.46 -11.69 15.05
C SER B 477 5.48 -11.11 15.99
N LYS B 478 5.81 -9.83 15.83
CA LYS B 478 6.81 -9.14 16.63
C LYS B 478 6.22 -8.33 17.85
N ASN B 479 5.08 -8.75 18.37
CA ASN B 479 4.37 -8.10 19.51
C ASN B 479 3.92 -6.67 19.33
N GLY B 480 3.94 -6.19 18.09
CA GLY B 480 3.44 -4.86 17.77
C GLY B 480 1.92 -4.89 17.79
N THR B 481 1.30 -3.79 18.21
CA THR B 481 -0.12 -3.70 18.29
C THR B 481 -0.61 -2.69 17.24
N PHE B 482 -1.72 -3.04 16.62
CA PHE B 482 -2.28 -2.33 15.50
C PHE B 482 -3.78 -2.18 15.71
N LEU B 483 -4.29 -0.98 15.40
CA LEU B 483 -5.71 -0.75 15.36
C LEU B 483 -6.27 -1.14 13.98
N ALA B 484 -7.41 -1.82 13.92
CA ALA B 484 -8.08 -2.22 12.66
C ALA B 484 -9.57 -1.93 12.76
N ASP B 485 -10.32 -2.30 11.70
CA ASP B 485 -11.79 -2.16 11.57
C ASP B 485 -12.38 -0.76 11.55
N PHE B 486 -12.19 -0.06 10.46
CA PHE B 486 -12.71 1.30 10.32
C PHE B 486 -14.03 1.41 9.58
N ASP B 487 -14.81 0.34 9.55
CA ASP B 487 -16.11 0.32 8.87
C ASP B 487 -17.16 1.21 9.53
N LYS B 488 -17.00 1.55 10.79
CA LYS B 488 -17.91 2.47 11.42
C LYS B 488 -17.30 3.83 11.69
N SER B 489 -16.16 4.12 11.07
CA SER B 489 -15.42 5.35 11.43
C SER B 489 -16.16 6.52 10.79
N ILE B 490 -15.87 7.73 11.24
CA ILE B 490 -16.46 8.95 10.68
C ILE B 490 -15.42 10.04 10.65
N LYS B 491 -15.54 10.98 9.73
CA LYS B 491 -14.79 12.23 9.81
C LYS B 491 -15.36 13.05 10.93
N TRP B 492 -14.55 13.34 11.94
CA TRP B 492 -15.06 13.99 13.14
C TRP B 492 -15.32 15.45 12.94
N ALA B 493 -14.69 16.04 11.93
CA ALA B 493 -14.79 17.50 11.72
C ALA B 493 -16.23 17.98 11.82
N GLU B 494 -17.13 17.23 11.16
CA GLU B 494 -18.57 17.54 11.15
C GLU B 494 -19.23 17.60 12.53
N ASP B 495 -18.74 16.80 13.48
CA ASP B 495 -19.30 16.68 14.84
C ASP B 495 -18.16 16.40 15.85
N PRO B 496 -17.41 17.46 16.22
CA PRO B 496 -16.15 17.27 16.95
C PRO B 496 -16.21 16.64 18.33
N GLN B 497 -17.35 16.65 18.99
CA GLN B 497 -17.44 16.05 20.33
C GLN B 497 -17.62 14.52 20.26
N LYS B 498 -17.69 13.93 19.07
CA LYS B 498 -17.82 12.46 18.95
C LYS B 498 -16.49 11.67 19.20
N ILE B 499 -15.37 12.39 19.08
CA ILE B 499 -14.07 11.96 19.57
C ILE B 499 -14.12 11.40 20.98
N LYS B 500 -14.90 12.04 21.87
CA LYS B 500 -15.03 11.60 23.27
C LYS B 500 -15.31 10.09 23.46
N ARG B 501 -16.04 9.54 22.52
CA ARG B 501 -16.43 8.15 22.61
C ARG B 501 -15.25 7.23 22.41
N ASP B 502 -14.31 7.63 21.54
CA ASP B 502 -13.06 6.88 21.36
C ASP B 502 -12.27 6.90 22.65
N LEU B 503 -12.22 8.06 23.29
CA LEU B 503 -11.47 8.23 24.54
C LEU B 503 -12.05 7.43 25.69
N GLU B 504 -13.36 7.29 25.70
CA GLU B 504 -14.03 6.46 26.71
C GLU B 504 -13.70 5.01 26.52
N ALA B 505 -13.75 4.57 25.26
CA ALA B 505 -13.43 3.20 24.95
C ALA B 505 -11.95 2.90 25.30
N LEU B 506 -11.07 3.87 25.03
CA LEU B 506 -9.68 3.74 25.45
C LEU B 506 -9.60 3.51 26.93
N GLY B 507 -10.44 4.22 27.68
CA GLY B 507 -10.49 4.11 29.13
C GLY B 507 -10.86 2.69 29.54
N LEU B 508 -11.84 2.13 28.88
CA LEU B 508 -12.17 0.72 29.17
C LEU B 508 -11.03 -0.22 28.75
N LEU B 509 -10.38 0.10 27.62
CA LEU B 509 -9.27 -0.73 27.15
C LEU B 509 -8.10 -0.67 28.12
N VAL B 510 -7.89 0.47 28.77
CA VAL B 510 -6.84 0.56 29.76
C VAL B 510 -7.05 -0.49 30.85
N LEU B 511 -8.25 -0.55 31.38
CA LEU B 511 -8.55 -1.54 32.42
C LEU B 511 -8.46 -2.97 31.91
N TYR B 512 -9.08 -3.21 30.76
CA TYR B 512 -9.09 -4.51 30.12
C TYR B 512 -7.70 -5.10 30.01
N VAL B 513 -6.75 -4.27 29.58
CA VAL B 513 -5.38 -4.67 29.39
C VAL B 513 -4.62 -4.73 30.66
N VAL B 514 -4.85 -3.80 31.59
CA VAL B 514 -4.18 -3.89 32.90
C VAL B 514 -4.60 -5.15 33.66
N LYS B 515 -5.84 -5.57 33.46
CA LYS B 515 -6.35 -6.78 34.07
C LYS B 515 -6.02 -8.02 33.26
N LYS B 516 -5.17 -7.89 32.23
CA LYS B 516 -4.61 -9.04 31.50
C LYS B 516 -5.67 -9.89 30.86
N GLY B 517 -6.82 -9.29 30.58
CA GLY B 517 -7.92 -9.97 29.90
C GLY B 517 -8.86 -10.73 30.84
N ASP B 518 -8.65 -10.66 32.14
CA ASP B 518 -9.44 -11.40 33.09
C ASP B 518 -10.86 -10.88 33.20
N ILE B 519 -11.08 -9.58 33.12
CA ILE B 519 -12.45 -9.02 33.05
C ILE B 519 -12.82 -8.87 31.59
N SER B 520 -13.99 -9.34 31.20
CA SER B 520 -14.47 -9.26 29.83
C SER B 520 -14.80 -7.80 29.48
N PHE B 521 -14.74 -7.48 28.19
CA PHE B 521 -15.00 -6.15 27.74
C PHE B 521 -16.49 -5.87 27.87
N GLU B 522 -17.32 -6.88 27.53
CA GLU B 522 -18.79 -6.85 27.76
C GLU B 522 -19.08 -6.35 29.18
N THR B 523 -18.48 -7.03 30.15
CA THR B 523 -18.64 -6.67 31.54
C THR B 523 -18.35 -5.18 31.71
N LEU B 524 -17.21 -4.75 31.19
CA LEU B 524 -16.72 -3.38 31.36
C LEU B 524 -17.58 -2.34 30.67
N LYS B 525 -18.23 -2.72 29.59
CA LYS B 525 -19.11 -1.83 28.86
C LYS B 525 -20.41 -1.58 29.62
N ASN B 526 -20.86 -2.57 30.40
CA ASN B 526 -22.03 -2.41 31.25
C ASN B 526 -21.78 -1.61 32.51
N GLN B 527 -20.52 -1.43 32.88
CA GLN B 527 -20.20 -0.71 34.09
C GLN B 527 -20.28 0.79 33.81
N SER B 528 -20.52 1.56 34.88
CA SER B 528 -20.47 3.00 34.78
C SER B 528 -19.03 3.44 34.96
N PHE B 529 -18.77 4.68 34.61
CA PHE B 529 -17.43 5.25 34.75
C PHE B 529 -16.82 5.00 36.11
N GLU B 530 -17.62 5.19 37.17
CA GLU B 530 -17.11 5.07 38.54
C GLU B 530 -16.81 3.64 38.93
N GLU B 531 -17.59 2.71 38.40
CA GLU B 531 -17.36 1.30 38.62
C GLU B 531 -16.03 0.87 37.97
N VAL B 532 -15.77 1.37 36.77
CA VAL B 532 -14.53 1.05 36.04
C VAL B 532 -13.34 1.58 36.81
N ILE B 533 -13.43 2.80 37.28
CA ILE B 533 -12.34 3.39 38.04
C ILE B 533 -12.07 2.62 39.33
N GLN B 534 -13.13 2.26 40.05
CA GLN B 534 -13.01 1.47 41.28
C GLN B 534 -12.38 0.09 41.04
N GLY B 535 -12.66 -0.48 39.87
CA GLY B 535 -12.03 -1.73 39.45
C GLY B 535 -10.52 -1.68 39.16
N SER B 536 -9.93 -0.49 39.13
CA SER B 536 -8.53 -0.31 38.80
C SER B 536 -7.61 -0.77 39.93
N PRO B 537 -6.62 -1.61 39.64
CA PRO B 537 -5.73 -2.13 40.68
C PRO B 537 -4.74 -1.18 41.32
N ASP B 538 -4.43 -0.05 40.71
CA ASP B 538 -3.43 0.88 41.27
C ASP B 538 -3.82 2.33 40.95
N GLU B 539 -3.12 3.26 41.58
CA GLU B 539 -3.43 4.68 41.49
C GLU B 539 -3.09 5.32 40.15
N GLU B 540 -2.01 4.85 39.53
CA GLU B 540 -1.63 5.35 38.23
C GLU B 540 -2.74 5.06 37.22
N THR B 541 -3.26 3.83 37.27
CA THR B 541 -4.27 3.41 36.34
C THR B 541 -5.56 4.14 36.58
N ARG B 542 -5.87 4.31 37.85
CA ARG B 542 -7.08 5.04 38.27
C ARG B 542 -7.04 6.44 37.69
N ASP B 543 -5.94 7.15 37.98
CA ASP B 543 -5.77 8.52 37.50
C ASP B 543 -5.85 8.58 35.95
N LEU B 544 -5.14 7.65 35.28
CA LEU B 544 -5.11 7.65 33.83
C LEU B 544 -6.50 7.49 33.23
N ILE B 545 -7.23 6.51 33.72
CA ILE B 545 -8.57 6.23 33.20
C ILE B 545 -9.49 7.42 33.42
N HIS B 546 -9.39 8.02 34.60
CA HIS B 546 -10.14 9.20 34.89
C HIS B 546 -9.99 10.25 33.85
N HIS B 547 -8.73 10.53 33.49
CA HIS B 547 -8.45 11.53 32.48
C HIS B 547 -9.01 11.17 31.11
N LEU B 548 -9.29 9.90 30.86
CA LEU B 548 -9.82 9.51 29.56
C LEU B 548 -11.34 9.65 29.50
N PHE B 549 -12.00 9.35 30.61
CA PHE B 549 -13.44 9.55 30.70
C PHE B 549 -13.80 11.03 30.87
N HIS B 550 -12.88 11.87 31.35
CA HIS B 550 -13.10 13.30 31.45
C HIS B 550 -12.01 14.07 30.72
N PRO B 551 -12.04 14.04 29.40
CA PRO B 551 -10.94 14.54 28.61
C PRO B 551 -10.95 16.08 28.50
N GLY B 552 -12.16 16.64 28.53
CA GLY B 552 -12.35 18.07 28.33
C GLY B 552 -12.69 18.39 26.91
N ASP B 553 -13.62 19.33 26.74
CA ASP B 553 -13.91 19.91 25.39
C ASP B 553 -12.60 20.34 24.69
N ASN B 554 -11.74 21.01 25.45
CA ASN B 554 -10.35 21.29 25.02
C ASN B 554 -9.42 20.05 25.04
N VAL B 555 -9.59 19.20 24.01
CA VAL B 555 -9.01 17.84 23.98
C VAL B 555 -8.29 17.57 22.67
N GLU B 556 -7.57 18.58 22.21
CA GLU B 556 -6.91 18.53 20.90
C GLU B 556 -6.04 17.26 20.83
N ASP B 557 -4.98 17.29 21.62
CA ASP B 557 -3.96 16.24 21.68
C ASP B 557 -3.68 15.94 23.16
N ARG B 558 -4.72 15.47 23.82
CA ARG B 558 -4.69 15.17 25.23
C ARG B 558 -4.09 13.77 25.38
N LEU B 559 -4.37 12.94 24.37
CA LEU B 559 -3.73 11.62 24.23
C LEU B 559 -2.22 11.69 24.31
N SER B 560 -1.64 12.64 23.60
CA SER B 560 -0.19 12.72 23.55
C SER B 560 0.37 13.20 24.88
N SER B 561 -0.33 14.12 25.54
CA SER B 561 0.10 14.55 26.88
C SER B 561 0.03 13.41 27.89
N LEU B 562 -0.96 12.51 27.77
CA LEU B 562 -1.02 11.36 28.69
C LEU B 562 0.09 10.34 28.55
N LEU B 563 0.84 10.32 27.45
CA LEU B 563 2.01 9.44 27.40
C LEU B 563 3.09 9.81 28.39
N ALA B 564 3.01 11.01 28.96
CA ALA B 564 3.94 11.47 29.99
C ALA B 564 3.51 11.14 31.41
N HIS B 565 2.39 10.47 31.51
CA HIS B 565 1.80 10.17 32.82
C HIS B 565 2.56 9.03 33.49
N PRO B 566 2.62 9.02 34.82
CA PRO B 566 3.41 8.04 35.48
C PRO B 566 3.03 6.58 35.21
N PHE B 567 1.81 6.33 34.76
CA PHE B 567 1.42 5.01 34.30
C PHE B 567 2.41 4.44 33.30
N PHE B 568 2.92 5.31 32.42
CA PHE B 568 3.86 4.90 31.39
C PHE B 568 5.28 4.93 31.86
N TRP B 569 5.56 5.28 33.12
CA TRP B 569 6.91 5.22 33.65
C TRP B 569 7.20 3.83 34.20
N SER B 570 8.38 3.31 33.85
CA SER B 570 8.87 2.08 34.42
C SER B 570 8.99 2.21 35.95
N TRP B 571 8.98 1.09 36.65
CA TRP B 571 9.23 1.10 38.08
C TRP B 571 10.63 1.61 38.42
N GLU B 572 11.62 1.33 37.57
CA GLU B 572 12.95 1.91 37.80
C GLU B 572 12.87 3.45 37.71
N SER B 573 12.22 3.97 36.67
CA SER B 573 12.11 5.42 36.50
C SER B 573 11.36 6.13 37.64
N ARG B 574 10.33 5.46 38.15
CA ARG B 574 9.53 5.97 39.30
C ARG B 574 10.43 6.12 40.51
N TYR B 575 11.12 5.04 40.86
CA TYR B 575 12.12 5.02 41.93
C TYR B 575 13.20 6.05 41.71
N ARG B 576 13.72 6.11 40.50
CA ARG B 576 14.73 7.12 40.13
C ARG B 576 14.24 8.53 40.37
N THR B 577 12.98 8.81 40.04
CA THR B 577 12.44 10.14 40.22
C THR B 577 12.30 10.50 41.72
N LEU B 578 11.78 9.57 42.51
CA LEU B 578 11.63 9.78 43.93
C LEU B 578 12.97 10.02 44.59
N ARG B 579 13.98 9.23 44.16
CA ARG B 579 15.33 9.43 44.63
C ARG B 579 15.87 10.81 44.29
N ASP B 580 15.68 11.26 43.06
CA ASP B 580 16.23 12.54 42.61
C ASP B 580 15.56 13.71 43.31
N VAL B 581 14.26 13.63 43.56
CA VAL B 581 13.58 14.66 44.33
C VAL B 581 14.18 14.69 45.75
N GLY B 582 14.28 13.52 46.37
CA GLY B 582 14.87 13.40 47.71
C GLY B 582 16.34 13.77 47.89
N ASN B 583 17.01 14.15 46.82
CA ASN B 583 18.38 14.61 46.86
C ASN B 583 18.46 16.12 46.70
N GLU B 584 17.30 16.77 46.58
CA GLU B 584 17.28 18.25 46.56
C GLU B 584 17.80 18.70 47.94
N SER B 585 18.70 19.67 47.92
CA SER B 585 19.39 20.06 49.13
C SER B 585 18.41 20.53 50.24
N ASP B 586 17.30 21.15 49.84
CA ASP B 586 16.31 21.64 50.79
C ASP B 586 15.54 20.51 51.47
N ILE B 587 15.47 19.35 50.84
CA ILE B 587 14.86 18.19 51.49
C ILE B 587 15.85 17.61 52.48
N LYS B 588 17.13 17.57 52.10
CA LYS B 588 18.17 17.01 52.97
C LYS B 588 18.40 17.85 54.23
N THR B 589 18.43 19.17 54.04
CA THR B 589 18.60 20.12 55.14
C THR B 589 17.28 20.45 55.87
N ARG B 590 16.18 19.80 55.46
CA ARG B 590 14.85 20.02 56.02
C ARG B 590 14.41 21.50 56.09
N ASN B 591 14.82 22.31 55.09
CA ASN B 591 14.46 23.72 55.03
C ASN B 591 12.96 23.90 54.68
N GLN B 592 12.14 24.00 55.72
CA GLN B 592 10.66 24.04 55.56
C GLN B 592 10.11 25.23 54.76
N ASN B 593 10.81 26.34 54.86
CA ASN B 593 10.56 27.53 54.05
C ASN B 593 10.77 27.33 52.57
N SER B 594 11.63 26.38 52.16
CA SER B 594 12.02 26.20 50.76
C SER B 594 10.87 26.00 49.81
N ARG B 595 11.10 26.37 48.55
CA ARG B 595 10.15 26.16 47.49
C ARG B 595 9.68 24.69 47.35
N ILE B 596 10.61 23.75 47.18
CA ILE B 596 10.23 22.33 47.04
C ILE B 596 9.31 21.83 48.19
N LEU B 597 9.63 22.17 49.42
CA LEU B 597 8.84 21.67 50.57
C LEU B 597 7.49 22.37 50.69
N GLN B 598 7.46 23.60 50.22
CA GLN B 598 6.18 24.33 50.08
C GLN B 598 5.29 23.70 49.00
N LEU B 599 5.87 23.19 47.93
CA LEU B 599 5.14 22.41 46.95
C LEU B 599 4.69 21.07 47.52
N LEU B 600 5.48 20.44 48.38
CA LEU B 600 5.16 19.08 48.80
C LEU B 600 4.36 18.96 50.07
N GLN B 601 4.60 19.85 51.02
CA GLN B 601 4.04 19.69 52.38
C GLN B 601 3.40 21.00 52.82
N PRO B 602 2.67 21.68 51.94
CA PRO B 602 2.18 23.01 52.36
C PRO B 602 0.97 22.91 53.24
N GLY B 603 0.91 23.71 54.28
CA GLY B 603 -0.27 23.74 55.15
C GLY B 603 -0.33 22.52 56.05
N THR B 604 -1.53 22.18 56.52
CA THR B 604 -1.71 21.03 57.39
C THR B 604 -3.15 20.53 57.35
N LEU B 607 -2.97 14.04 56.54
CA LEU B 607 -2.92 12.75 57.17
C LEU B 607 -3.66 11.65 56.39
N SER B 608 -4.25 12.03 55.27
CA SER B 608 -5.13 11.12 54.54
C SER B 608 -4.42 10.18 53.53
N THR B 609 -3.12 10.12 53.59
CA THR B 609 -2.31 9.44 52.59
C THR B 609 -1.69 8.26 53.26
N SER B 610 -1.35 7.24 52.48
CA SER B 610 -0.71 6.07 53.05
C SER B 610 0.69 6.31 53.63
N PHE B 611 1.28 7.48 53.40
CA PHE B 611 2.59 7.79 53.94
C PHE B 611 2.53 8.80 55.10
N ALA B 612 1.35 9.03 55.64
CA ALA B 612 1.24 9.73 56.91
C ALA B 612 1.81 8.76 57.93
N GLN B 613 2.61 9.28 58.84
CA GLN B 613 3.38 8.41 59.76
C GLN B 613 3.97 7.15 59.10
N TRP B 614 4.76 7.40 58.06
CA TRP B 614 5.38 6.36 57.24
C TRP B 614 6.48 5.62 57.94
N THR B 615 7.09 6.28 58.91
CA THR B 615 8.18 5.67 59.68
C THR B 615 7.74 4.45 60.48
N THR B 616 6.45 4.37 60.84
CA THR B 616 5.90 3.27 61.59
C THR B 616 5.51 2.07 60.73
N LYS B 617 5.51 2.23 59.43
CA LYS B 617 5.02 1.21 58.55
C LYS B 617 6.18 0.51 57.85
N ILE B 618 7.41 0.93 58.12
CA ILE B 618 8.57 0.31 57.51
C ILE B 618 9.26 -0.51 58.59
N ASP B 619 9.76 -1.69 58.20
CA ASP B 619 10.41 -2.68 59.10
C ASP B 619 11.37 -2.01 60.06
N SER B 620 11.27 -2.37 61.34
CA SER B 620 11.95 -1.65 62.43
C SER B 620 13.49 -1.70 62.37
N PHE B 621 14.03 -2.79 61.85
CA PHE B 621 15.47 -2.96 61.74
C PHE B 621 16.07 -1.96 60.73
N VAL B 622 15.37 -1.84 59.61
CA VAL B 622 15.75 -0.97 58.50
C VAL B 622 15.66 0.47 58.97
N MET B 623 14.47 0.78 59.45
CA MET B 623 14.21 2.02 60.12
C MET B 623 15.24 2.00 61.19
N GLU B 624 15.30 0.88 61.92
CA GLU B 624 16.16 0.79 63.09
C GLU B 624 17.58 1.16 62.70
N GLU B 625 18.09 0.53 61.65
CA GLU B 625 19.46 0.78 61.20
C GLU B 625 19.48 1.87 60.14
N MET B 626 18.31 2.47 59.86
CA MET B 626 18.23 3.53 58.88
C MET B 626 18.41 4.90 59.52
N ASN B 627 18.66 4.92 60.82
CA ASN B 627 18.72 6.13 61.61
C ASN B 627 20.09 6.67 62.01
N ALA B 628 21.16 5.88 62.09
CA ALA B 628 22.51 6.47 62.28
C ALA B 628 22.83 7.44 61.13
N TYR B 629 22.49 8.71 61.35
CA TYR B 629 22.65 9.88 60.45
C TYR B 629 23.42 9.72 59.10
N ASN B 646 17.75 16.01 62.06
CA ASN B 646 18.44 15.28 63.13
C ASN B 646 17.93 13.82 63.28
N LEU B 647 16.68 13.55 62.87
CA LEU B 647 16.14 12.17 62.76
C LEU B 647 15.27 12.02 61.48
N TYR B 648 14.65 10.88 61.26
CA TYR B 648 13.61 10.81 60.20
C TYR B 648 12.23 11.12 60.78
N GLN B 649 11.65 12.28 60.42
CA GLN B 649 10.26 12.60 60.77
C GLN B 649 9.25 12.11 59.74
N ASP B 650 7.97 12.09 60.11
CA ASP B 650 6.89 11.69 59.19
C ASP B 650 6.44 12.78 58.25
N THR B 651 7.37 13.49 57.62
CA THR B 651 7.05 14.34 56.49
C THR B 651 7.29 13.56 55.19
N LEU B 652 6.62 14.00 54.12
CA LEU B 652 6.88 13.49 52.77
C LEU B 652 8.34 13.75 52.39
N GLY B 653 8.77 14.97 52.64
CA GLY B 653 10.15 15.40 52.52
C GLY B 653 11.12 14.38 53.04
N ASP B 654 10.88 13.95 54.28
CA ASP B 654 11.78 12.99 54.92
C ASP B 654 11.69 11.60 54.34
N LEU B 655 10.52 11.24 53.77
CA LEU B 655 10.35 9.98 53.06
C LEU B 655 11.17 9.97 51.77
N LEU B 656 11.10 11.07 51.04
CA LEU B 656 11.88 11.22 49.83
C LEU B 656 13.34 11.15 50.14
N LYS B 657 13.74 11.85 51.20
CA LYS B 657 15.13 11.75 51.72
C LYS B 657 15.50 10.31 52.05
N PHE B 658 14.59 9.61 52.69
CA PHE B 658 14.81 8.23 53.06
C PHE B 658 15.03 7.38 51.81
N ILE B 659 14.21 7.62 50.79
CA ILE B 659 14.27 6.85 49.58
C ILE B 659 15.61 7.14 48.89
N ARG B 660 15.99 8.40 48.83
CA ARG B 660 17.26 8.79 48.29
C ARG B 660 18.44 8.08 48.95
N ASN B 661 18.48 8.15 50.28
CA ASN B 661 19.60 7.59 51.08
C ASN B 661 19.69 6.07 50.95
N LEU B 662 18.54 5.40 51.02
CA LEU B 662 18.51 3.97 50.83
C LEU B 662 18.97 3.62 49.45
N GLY B 663 18.50 4.39 48.47
CA GLY B 663 18.94 4.29 47.10
C GLY B 663 20.43 4.23 46.99
N GLU B 664 21.11 5.17 47.64
CA GLU B 664 22.55 5.24 47.53
C GLU B 664 23.29 4.12 48.21
N HIS B 665 22.80 3.68 49.38
CA HIS B 665 23.59 2.83 50.28
C HIS B 665 23.12 1.39 50.35
N ILE B 666 21.96 1.08 49.78
CA ILE B 666 21.37 -0.28 49.83
C ILE B 666 22.34 -1.40 49.42
N ASN B 667 23.27 -1.11 48.51
CA ASN B 667 24.17 -2.14 47.97
C ASN B 667 25.53 -2.21 48.61
N GLU B 668 25.79 -1.34 49.60
CA GLU B 668 26.99 -1.41 50.40
C GLU B 668 26.96 -2.67 51.24
N GLN B 669 28.15 -3.22 51.47
CA GLN B 669 28.29 -4.58 51.96
C GLN B 669 27.76 -4.71 53.39
N LYS B 670 28.02 -3.66 54.16
CA LYS B 670 27.50 -3.53 55.52
C LYS B 670 25.97 -3.41 55.66
N ASN B 671 25.21 -3.34 54.55
CA ASN B 671 23.77 -3.16 54.58
C ASN B 671 23.07 -4.37 53.97
N LYS B 672 23.80 -5.47 53.92
CA LYS B 672 23.31 -6.67 53.25
C LYS B 672 22.00 -7.29 53.82
N LYS B 673 21.78 -7.07 55.12
CA LYS B 673 20.58 -7.55 55.84
C LYS B 673 19.35 -6.70 55.49
N MET B 674 19.57 -5.38 55.45
CA MET B 674 18.59 -4.41 54.98
C MET B 674 18.05 -4.85 53.61
N LYS B 675 18.98 -5.08 52.70
CA LYS B 675 18.72 -5.47 51.33
C LYS B 675 17.74 -6.65 51.19
N SER B 676 17.96 -7.66 52.00
CA SER B 676 17.14 -8.87 51.98
C SER B 676 15.74 -8.65 52.53
N ILE B 677 15.62 -7.80 53.54
CA ILE B 677 14.29 -7.47 54.08
C ILE B 677 13.45 -6.72 53.04
N ILE B 678 14.09 -5.76 52.38
CA ILE B 678 13.42 -4.88 51.43
C ILE B 678 13.12 -5.53 50.08
N GLY B 679 14.08 -6.28 49.56
CA GLY B 679 13.90 -6.83 48.22
C GLY B 679 14.18 -5.73 47.21
N GLU B 680 13.45 -5.72 46.10
CA GLU B 680 13.66 -4.69 45.08
C GLU B 680 13.05 -3.36 45.58
N PRO B 681 13.89 -2.35 45.86
CA PRO B 681 13.37 -1.12 46.52
C PRO B 681 12.20 -0.45 45.80
N SER B 682 12.26 -0.26 44.49
CA SER B 682 11.10 0.32 43.78
C SER B 682 9.79 -0.39 44.16
N GLN B 683 9.76 -1.71 44.01
CA GLN B 683 8.60 -2.52 44.36
C GLN B 683 8.19 -2.30 45.82
N TYR B 684 9.16 -2.15 46.71
CA TYR B 684 8.93 -2.05 48.13
C TYR B 684 8.09 -0.81 48.46
N PHE B 685 8.64 0.35 48.07
CA PHE B 685 8.01 1.62 48.31
C PHE B 685 6.64 1.79 47.66
N GLN B 686 6.49 1.35 46.41
CA GLN B 686 5.19 1.48 45.74
C GLN B 686 4.11 0.64 46.41
N GLU B 687 4.52 -0.52 46.97
CA GLU B 687 3.59 -1.46 47.59
C GLU B 687 3.17 -1.01 48.97
N LYS B 688 4.15 -0.61 49.77
CA LYS B 688 3.90 0.04 51.05
C LYS B 688 3.17 1.37 50.94
N PHE B 689 3.41 2.12 49.86
CA PHE B 689 2.85 3.48 49.69
C PHE B 689 2.28 3.71 48.28
N PRO B 690 1.11 3.15 47.99
CA PRO B 690 0.60 3.14 46.62
C PRO B 690 0.33 4.51 46.02
N ASP B 691 0.11 5.52 46.85
CA ASP B 691 -0.22 6.85 46.38
C ASP B 691 1.00 7.76 46.23
N LEU B 692 2.16 7.26 46.61
CA LEU B 692 3.33 8.12 46.70
C LEU B 692 3.71 8.72 45.33
N VAL B 693 3.91 7.86 44.32
CA VAL B 693 4.38 8.30 43.01
C VAL B 693 3.40 9.34 42.44
N MET B 694 2.11 9.02 42.47
CA MET B 694 1.08 9.91 41.96
C MET B 694 1.05 11.23 42.73
N TYR B 695 1.19 11.17 44.06
CA TYR B 695 1.19 12.36 44.88
C TYR B 695 2.33 13.30 44.45
N VAL B 696 3.51 12.75 44.26
CA VAL B 696 4.65 13.56 43.85
C VAL B 696 4.43 14.13 42.44
N TYR B 697 3.97 13.30 41.51
CA TYR B 697 3.69 13.75 40.16
C TYR B 697 2.77 14.96 40.23
N THR B 698 1.67 14.80 40.95
CA THR B 698 0.70 15.89 41.07
C THR B 698 1.27 17.17 41.65
N LYS B 699 2.08 17.08 42.70
CA LYS B 699 2.63 18.27 43.30
C LYS B 699 3.64 19.00 42.43
N LEU B 700 4.39 18.28 41.59
CA LEU B 700 5.47 18.90 40.84
C LEU B 700 5.17 19.07 39.35
N GLN B 701 3.96 18.66 38.94
CA GLN B 701 3.57 18.56 37.55
C GLN B 701 4.01 19.70 36.64
N ASN B 702 3.64 20.94 36.97
CA ASN B 702 3.94 22.05 36.05
C ASN B 702 4.94 23.01 36.67
N THR B 703 5.93 22.47 37.37
CA THR B 703 6.93 23.25 38.10
C THR B 703 8.30 22.99 37.51
N GLU B 704 9.31 23.70 38.02
CA GLU B 704 10.70 23.49 37.60
C GLU B 704 11.14 22.07 37.94
N TYR B 705 10.59 21.48 39.01
CA TYR B 705 11.01 20.17 39.48
C TYR B 705 10.46 19.04 38.63
N MET B 706 9.63 19.37 37.67
CA MET B 706 9.24 18.48 36.57
C MET B 706 10.47 17.85 35.92
N LYS B 707 11.62 18.51 36.01
CA LYS B 707 12.90 18.03 35.49
C LYS B 707 13.35 16.70 36.00
N HIS B 708 12.93 16.36 37.22
CA HIS B 708 13.17 15.06 37.83
C HIS B 708 12.34 13.92 37.31
N PHE B 709 11.33 14.21 36.49
CA PHE B 709 10.47 13.18 35.94
C PHE B 709 11.24 12.32 34.92
N PRO B 710 10.67 11.17 34.52
CA PRO B 710 11.26 10.25 33.60
C PRO B 710 11.28 10.85 32.16
N LYS B 711 12.02 10.20 31.28
CA LYS B 711 12.12 10.58 29.92
C LYS B 711 10.90 9.99 29.19
CBA J60 C . 17.17 22.11 -4.01
CAZ J60 C . 17.60 21.41 -5.31
NAX J60 C . 18.05 20.07 -4.94
CAY J60 C . 18.46 19.30 -6.19
CBB J60 C . 19.00 20.14 -7.36
CAW J60 C . 17.10 19.14 -4.35
CAV J60 C . 15.67 19.22 -5.00
NAU J60 C . 14.78 18.13 -4.63
CAS J60 C . 15.16 16.84 -4.39
OAT J60 C . 16.33 16.45 -4.60
CAN J60 C . 14.21 15.99 -3.96
CAM J60 C . 14.15 14.65 -4.17
CAQ J60 C . 15.12 13.70 -4.97
CAO J60 C . 13.11 16.30 -3.21
CAR J60 C . 12.61 17.66 -2.64
NAP J60 C . 12.42 15.22 -2.98
CAL J60 C . 13.04 14.20 -3.58
CAK J60 C . 12.64 12.97 -3.59
CAG J60 C . 11.44 12.57 -3.15
CAE J60 C . 11.11 11.31 -3.25
CAD J60 C . 11.75 10.22 -3.77
CAA J60 C . 11.11 8.98 -3.72
CL J60 C . 11.83 7.40 -4.41
CAB J60 C . 9.84 8.98 -3.13
CAC J60 C . 9.24 10.10 -2.62
CAF J60 C . 9.87 11.24 -2.68
NAH J60 C . 9.49 12.43 -2.22
CAI J60 C . 10.45 13.25 -2.53
OAJ J60 C . 10.41 14.46 -2.27
N1 25L D . -10.18 -34.44 -11.09
C2 25L D . -9.44 -33.96 -10.07
N3 25L D . -9.17 -32.62 -10.01
C4 25L D . -9.62 -31.78 -10.96
C5 25L D . -10.34 -32.27 -11.96
C6 25L D . -10.62 -33.60 -12.03
N6 25L D . -11.40 -34.33 -13.02
N7 25L D . -10.64 -31.29 -12.76
C8 25L D . -10.12 -30.16 -12.28
N9 25L D . -9.48 -30.46 -11.16
C1' 25L D . -8.79 -29.57 -10.28
C2' 25L D . -8.41 -28.39 -10.80
O2' 25L D . -7.10 -27.99 -10.23
C3' 25L D . -9.49 -27.44 -10.32
O3' 25L D . -9.01 -26.21 -10.09
C4' 25L D . -9.92 -28.00 -8.94
O4' 25L D . -9.85 -29.30 -9.05
C5' 25L D . -11.33 -27.58 -8.47
O5' 25L D . -12.14 -27.20 -9.58
NAB 25L D . -20.37 -22.26 -13.82
NAC 25L D . -17.02 -22.28 -14.50
OAE 25L D . -22.12 -16.22 -10.38
OAF 25L D . -14.44 -27.24 -10.78
OAG 25L D . -14.67 -19.82 -5.52
OAK 25L D . -17.55 -17.10 -7.34
OAL 25L D . -13.00 -24.95 -6.73
OAM 25L D . -23.27 -17.39 -8.46
OAP 25L D . -14.06 -28.91 -8.87
OAQ 25L D . -14.09 -19.23 -8.02
CAT 25L D . -19.76 -23.88 -10.71
CAU 25L D . -17.38 -25.43 -12.95
CAW 25L D . -18.40 -19.64 -10.94
CAX 25L D . -15.28 -22.53 -10.24
CAY 25L D . -20.53 -18.29 -7.68
CBA 25L D . -15.16 -22.49 -6.37
NBC 25L D . -20.14 -23.56 -11.97
NBD 25L D . -17.37 -24.36 -13.77
NBF 25L D . -19.14 -22.94 -9.95
NBG 25L D . -16.84 -25.35 -11.71
NBI 25L D . -18.94 -20.20 -12.03
NBJ 25L D . -15.64 -22.06 -11.46
OBK 25L D . -20.64 -17.56 -8.91
OBM 25L D . -14.89 -21.54 -7.41
OBO 25L D . -19.04 -20.16 -7.65
OBP 25L D . -16.12 -24.03 -7.80
OBQ 25L D . -16.38 -19.38 -7.10
OBR 25L D . -14.33 -26.51 -8.43
OBT 25L D . -21.79 -15.28 -7.98
CBV 25L D . -19.91 -22.35 -12.48
CBW 25L D . -16.84 -23.22 -13.36
CBY 25L D . -19.28 -21.43 -11.73
CBZ 25L D . -16.26 -23.11 -12.12
CCB 25L D . -18.91 -21.69 -10.48
CCC 25L D . -16.28 -24.20 -11.31
CCF 25L D . -17.99 -18.09 -8.17
CCG 25L D . -13.72 -24.25 -7.63
CCI 25L D . -19.14 -18.88 -7.38
CCJ 25L D . -15.11 -23.90 -6.93
CCK 25L D . -17.01 -19.23 -8.42
CCL 25L D . -14.19 -25.09 -8.82
CCN 25L D . -17.78 -20.34 -8.66
CCO 25L D . -15.47 -24.75 -9.09
NCQ 25L D . -18.35 -20.54 -9.98
NCR 25L D . -15.65 -23.84 -10.17
PCT 25L D . -22.00 -16.61 -8.94
PCU 25L D . -13.74 -27.57 -9.51
PCV 25L D . -14.88 -20.01 -6.97
P PO4 E . 26.15 10.11 50.35
O1 PO4 E . 27.59 9.67 50.43
O2 PO4 E . 25.28 9.33 51.30
O3 PO4 E . 26.00 11.60 50.60
O4 PO4 E . 25.55 9.88 49.01
N1 25L F . -9.35 28.05 -25.28
C2 25L F . -8.91 27.85 -24.01
N3 25L F . -8.62 26.59 -23.55
C4 25L F . -8.78 25.55 -24.36
C5 25L F . -9.20 25.73 -25.63
C6 25L F . -9.49 27.00 -26.10
N6 25L F . -9.96 27.39 -27.45
N7 25L F . -9.25 24.56 -26.22
C8 25L F . -8.86 23.64 -25.30
N9 25L F . -8.56 24.26 -24.13
C1' 25L F . -8.07 23.64 -22.90
C2' 25L F . -8.74 22.58 -22.35
O2' 25L F . -9.30 22.76 -20.94
C3' 25L F . -7.73 21.37 -22.31
O3' 25L F . -7.80 20.61 -21.23
C4' 25L F . -6.36 22.11 -22.35
O4' 25L F . -6.60 22.98 -23.30
C5' 25L F . -5.17 21.25 -22.80
O5' 25L F . -5.25 21.34 -24.22
NAB 25L F . -2.01 13.56 -30.74
NAC 25L F . -4.15 13.32 -28.76
OAE 25L F . 2.78 8.81 -28.34
OAF 25L F . -4.25 20.08 -26.32
OAG 25L F . 0.30 15.03 -20.78
OAK 25L F . 1.28 11.95 -22.72
OAL 25L F . -2.22 18.92 -22.05
OAM 25L F . 5.22 9.30 -28.02
OAP 25L F . -3.43 22.28 -25.59
OAQ 25L F . -1.18 13.39 -21.92
CAT 25L F . -0.65 16.11 -28.74
CAU 25L F . -3.81 16.72 -29.47
CAW 25L F . -0.17 12.06 -27.09
CAX 25L F . -2.88 15.80 -25.25
CAY 25L F . 2.40 10.59 -25.68
CBA 25L F . -0.25 16.63 -23.73
NBC 25L F . -1.25 15.40 -29.70
NBD 25L F . -4.01 15.39 -29.49
NBF 25L F . -0.13 15.49 -27.66
NBG 25L F . -3.42 17.33 -28.31
NBI 25L F . -0.84 12.17 -28.25
NBJ 25L F . -3.22 14.79 -26.04
OBK 25L F . 3.05 10.81 -26.93
OBM 25L F . -0.99 15.89 -22.74
OBO 25L F . 2.34 12.87 -25.68
OBP 25L F . -0.99 18.29 -25.17
OBQ 25L F . 0.88 14.02 -23.17
OBR 25L F . -2.95 20.13 -24.23
OBT 25L F . 3.91 8.36 -26.08
CBV 25L F . -1.34 14.08 -29.64
CBW 25L F . -3.86 14.70 -28.39
CBY 25L F . -0.85 13.45 -28.54
CBZ 25L F . -3.46 15.29 -27.24
CCB 25L F . -0.25 14.14 -27.59
CCC 25L F . -3.25 16.60 -27.20
CCF 25L F . 0.97 11.93 -24.02
CCG 25L F . -2.27 18.17 -23.15
CCI 25L F . 2.32 11.86 -24.87
CCJ 25L F . -0.85 18.01 -23.87
CCK 25L F . 0.38 13.27 -24.32
CCL 25L F . -3.10 18.70 -24.34
CCN 25L F . 0.93 13.65 -25.48
CCO 25L F . -2.53 18.28 -25.50
NCQ 25L F . 0.18 13.28 -26.67
NCR 25L F . -2.87 16.94 -25.94
PCT 25L F . 3.77 9.37 -27.38
PCU 25L F . -3.97 20.94 -25.14
PCV 25L F . -0.28 14.58 -22.10
CBA J60 G . -9.38 -18.14 18.80
CAZ J60 G . -10.88 -18.46 18.74
NAX J60 G . -11.63 -17.23 18.88
CAY J60 G . -13.07 -17.72 18.96
CBB J60 G . -13.70 -17.62 20.38
CAW J60 G . -11.59 -16.14 17.88
CAV J60 G . -11.71 -16.51 16.39
NAU J60 G . -10.81 -15.66 15.62
CAS J60 G . -10.97 -14.31 15.49
OAT J60 G . -11.89 -13.68 16.04
CAN J60 G . -10.04 -13.62 14.82
CAM J60 G . -10.19 -12.51 14.06
CAQ J60 G . -11.45 -11.64 13.77
CAO J60 G . -8.74 -13.86 14.86
CAR J60 G . -8.03 -14.99 15.45
NAP J60 G . -8.11 -13.00 14.15
CAL J60 G . -9.01 -12.15 13.65
CAK J60 G . -8.82 -11.11 12.85
CAG J60 G . -7.67 -10.97 12.19
CAE J60 G . -7.42 -9.93 11.42
CAD J60 G . -8.19 -8.91 11.03
CAA J60 G . -7.61 -7.98 10.18
CL J60 G . -8.57 -6.70 9.73
CAB J60 G . -6.29 -8.07 9.72
CAC J60 G . -5.55 -9.16 10.16
CAF J60 G . -6.12 -10.06 10.99
NAH J60 G . -5.61 -11.16 11.51
CAI J60 G . -6.56 -11.70 12.27
OAJ J60 G . -6.41 -12.75 12.91
#